data_7PW7
#
_entry.id   7PW7
#
_cell.length_a   1.00
_cell.length_b   1.00
_cell.length_c   1.00
_cell.angle_alpha   90.00
_cell.angle_beta   90.00
_cell.angle_gamma   90.00
#
_symmetry.space_group_name_H-M   'P 1'
#
loop_
_entity.id
_entity.type
_entity.pdbx_description
1 polymer 'SMG1,Serine/threonine-protein kinase SMG1,SMG1,Serine/threonine-protein kinase SMG1,SMG1,Serine/threonine-protein kinase SMG1,SMG1,Serine/threonine-protein kinase SMG1'
2 polymer 'Protein SMG9'
3 non-polymer 'INOSITOL HEXAKISPHOSPHATE'
4 non-polymer 1-[4-[4-[2-[[4-chloranyl-3-(diethylsulfamoyl)phenyl]amino]pyrimidin-4-yl]pyridin-2-yl]phenyl]-3-methyl-urea
5 non-polymer "ADENOSINE-5'-TRIPHOSPHATE"
6 non-polymer 'MAGNESIUM ION'
#
loop_
_entity_poly.entity_id
_entity_poly.type
_entity_poly.pdbx_seq_one_letter_code
_entity_poly.pdbx_strand_id
1 'polypeptide(L)'
;(UNK)(UNK)(UNK)(UNK)(UNK)(UNK)(UNK)(UNK)(UNK)(UNK)(UNK)(UNK)(UNK)(UNK)(UNK)(UNK)
(UNK)(UNK)(UNK)(UNK)(UNK)(UNK)(UNK)(UNK)(UNK)(UNK)(UNK)(UNK)(UNK)(UNK)(UNK)(UNK)
(UNK)(UNK)(UNK)(UNK)(UNK)(UNK)(UNK)(UNK)(UNK)(UNK)(UNK)(UNK)(UNK)(UNK)(UNK)(UNK)
(UNK)(UNK)(UNK)(UNK)(UNK)(UNK)(UNK)(UNK)(UNK)(UNK)(UNK)(UNK)(UNK)(UNK)(UNK)(UNK)
(UNK)(UNK)(UNK)(UNK)(UNK)(UNK)(UNK)(UNK)(UNK)(UNK)(UNK)(UNK)(UNK)(UNK)(UNK)(UNK)
(UNK)(UNK)(UNK)(UNK)(UNK)(UNK)(UNK)(UNK)(UNK)(UNK)(UNK)(UNK)(UNK)(UNK)(UNK)(UNK)
(UNK)(UNK)(UNK)(UNK)(UNK)(UNK)(UNK)(UNK)(UNK)(UNK)(UNK)(UNK)(UNK)(UNK)(UNK)(UNK)
(UNK)(UNK)(UNK)(UNK)(UNK)(UNK)(UNK)(UNK)(UNK)(UNK)(UNK)(UNK)(UNK)(UNK)(UNK)(UNK)
(UNK)(UNK)(UNK)(UNK)(UNK)(UNK)(UNK)(UNK)(UNK)(UNK)(UNK)(UNK)(UNK)(UNK)(UNK)(UNK)
(UNK)(UNK)(UNK)(UNK)(UNK)(UNK)(UNK)(UNK)(UNK)(UNK)(UNK)(UNK)(UNK)(UNK)(UNK)(UNK)
(UNK)(UNK)(UNK)(UNK)(UNK)(UNK)(UNK)(UNK)(UNK)(UNK)(UNK)(UNK)(UNK)(UNK)(UNK)(UNK)
(UNK)(UNK)(UNK)(UNK)(UNK)(UNK)(UNK)(UNK)(UNK)(UNK)(UNK)(UNK)(UNK)(UNK)(UNK)(UNK)
(UNK)(UNK)(UNK)(UNK)(UNK)(UNK)(UNK)(UNK)(UNK)(UNK)(UNK)(UNK)(UNK)(UNK)(UNK)(UNK)
(UNK)(UNK)(UNK)(UNK)(UNK)(UNK)(UNK)(UNK)(UNK)(UNK)(UNK)(UNK)(UNK)(UNK)(UNK)(UNK)
(UNK)(UNK)(UNK)(UNK)(UNK)(UNK)(UNK)(UNK)(UNK)(UNK)(UNK)(UNK)(UNK)(UNK)(UNK)(UNK)
(UNK)(UNK)(UNK)(UNK)(UNK)(UNK)(UNK)(UNK)(UNK)(UNK)(UNK)(UNK)(UNK)(UNK)(UNK)(UNK)
(UNK)(UNK)(UNK)(UNK)(UNK)(UNK)(UNK)(UNK)(UNK)(UNK)(UNK)(UNK)(UNK)(UNK)(UNK)(UNK)
(UNK)(UNK)(UNK)(UNK)(UNK)(UNK)(UNK)(UNK)(UNK)(UNK)(UNK)(UNK)(UNK)(UNK)(UNK)(UNK)
(UNK)(UNK)(UNK)(UNK)(UNK)(UNK)(UNK)(UNK)(UNK)(UNK)(UNK)(UNK)(UNK)(UNK)(UNK)(UNK)
(UNK)(UNK)FSTNFRDTVDILVGWHIDHTQKPSLTQQVSGWLQSLEPFWVADLAFSTTLLGQFLEDMEAYAEDLSHVAS
GESVDEDVPPPSVSLPKLAALLRVFSTVVRSIGERFSPIRGPPITEAYVTDVLYRVMRCVTAANQVFFSEAVLTAANECV
GVLLGSLDPSMTIHCDMVITYGLDQLENCQTCGTDYIISVLNLLTLIVEQINTKLPSSFVEKLFIPSSKLLFLRYHKEKE
VVAVAHAVYQAVLSLKNIPVLETAYKLILGEMTCALNNLLHSLQLPEACSEIKHEAFKNHVFNVDNAKFVVIFDLSALTT
IGNAKNSLIGMWALSPTVFALLSKNLMIVHSDLAVHFPAIQYAVLYTLYSHCTRHDHFISSSLSSSSPSLFDGAVISTVT
TATKKHFSIILNLLGILLKKDNLNQDTRKLLMTWALEAAVLMRKSETYAPLFSLPSFHKFCKGLLANTLVEDVNICLQAC
SSLHALSSSLPDDLLQRCVDVCRVQLVHSGTRIRQAFGKLLKSIPLDVVLSNNNHTEIQEISLALRSHMSKAPSNTFHPQ
DFSDVISFILYGNSHRTGKDNWLERLFYSCQRLDKRDQSTIPRNLLKTDAVLWQWAIWEAAQFTVLSKLRTPLGRAQDTF
QTIEGIIRSLAAHTLNPDQDVSQWTTADNDEGHGNNQLRLVLLLQYLENLEKLMYNAYEGCANALTSPPKVIRTFFYTNR
QTCQDWLTRIRLSIMRVGLLAGQPAVTVRHGFDLLTEMKTTSLSQGNELEVTIMMVVEALCELHCPEAIQGIAVWSSSIV
GKNLLWINSVAQQAEGRFEKASVEYQEHLCAMTGVDCCISSFDKSVLTLANAGRNSASPKHSLNGESRKTVLSKPTDSSP
EVINYLGNKACECYISIADWAAVQEWQNSIHDLKKSTSSTSLNLKADFNYIKSLSSFESGKFVECTEQLELLPGENINLL
AGGSKEKIDMKKLLPNMLSPDPRELQKSIEVQLLRSSVCLATALNPIEQDQKWQSITENVVKYLKQTSRIAIGPLRLSTL
TVSQSLPVLSTLQLYCSSALENTVSNRLSTEDCLIPLFSEALRSCKQHDVRPWMQALRYTMYQNQLLEKIKEQTVPIRSH
LMELGLTAAKFARKRGNVSLATRLLAQCSEVQLGKTTTAQDLVQHFKKLSTQGQVDEKWGPELDIEKTKLLYTAGQSTHA
MEMLSSCAISFCKSVKAEYAVAKSILTLAKWIQAEWKEISGQLKQVYRAQHQQNFTGLSTLSKNILTLIELPSVNTMEEE
YPRIESESTVHIGVGEPDFILGQLYHLSSVQAPEVAKSWAALASWAYRWGRKVVDNAS(UNK)(UNK)(UNK)(UNK)
(UNK)(UNK)(UNK)(UNK)(UNK)(UNK)(UNK)(UNK)(UNK)(UNK)(UNK)(UNK)(UNK)(UNK)(UNK)(UNK)
(UNK)(UNK)(UNK)(UNK)(UNK)(UNK)(UNK)(UNK)(UNK)(UNK)(UNK)(UNK)(UNK)(UNK)(UNK)(UNK)
(UNK)(UNK)(UNK)(UNK)(UNK)(UNK)(UNK)(UNK)(UNK)(UNK)(UNK)(UNK)(UNK)(UNK)(UNK)(UNK)
(UNK)(UNK)(UNK)(UNK)(UNK)(UNK)(UNK)(UNK)(UNK)(UNK)(UNK)(UNK)(UNK)(UNK)(UNK)(UNK)
(UNK)(UNK)(UNK)(UNK)(UNK)(UNK)(UNK)(UNK)(UNK)(UNK)(UNK)(UNK)(UNK)(UNK)(UNK)(UNK)
(UNK)(UNK)(UNK)(UNK)EGVIKVWRKVVDRIFSLYKLSCSAYFTFLKLNAGQIPLDEDDPRLHLSHRVEQSTDDMIV
MATLRLLRLLVKHAGELRQYLEHGLETTPTAPWRGIIPQLFSRLNHPEVYVRQSICNLLCRVAQDSPHLILYPAIVGTIS
LSSESQASGNKFSTAIPTLLGNIQGEELLVSECEGGSPPASQDSNKDEPKSGLNEDQAMMQDCYSKIVDKLSSANPTMVL
QVQMLVAELRRVTVLWDELWLGVLLQQHMYVL(UNK)(UNK)(UNK)(UNK)(UNK)(UNK)(UNK)(UNK)(UNK)
(UNK)(UNK)(UNK)(UNK)(UNK)(UNK)(UNK)(UNK)(UNK)(UNK)(UNK)(UNK)(UNK)(UNK)(UNK)(UNK)
(UNK)(UNK)(UNK)(UNK)(UNK)(UNK)(UNK)(UNK)(UNK)(UNK)(UNK)(UNK)(UNK)(UNK)(UNK)(UNK)
(UNK)(UNK)(UNK)(UNK)(UNK)(UNK)(UNK)(UNK)(UNK)(UNK)(UNK)(UNK)(UNK)(UNK)(UNK)PHEKW
FQDNYGDAIENALEKLK(UNK)(UNK)(UNK)(UNK)(UNK)(UNK)(UNK)(UNK)(UNK)(UNK)(UNK)(UNK)
(UNK)(UNK)(UNK)(UNK)(UNK)(UNK)(UNK)(UNK)(UNK)(UNK)(UNK)(UNK)(UNK)(UNK)(UNK)(UNK)
(UNK)(UNK)(UNK)YILRLEEISPWLAAMTNTEIALPGEVSARDTVTIHSVGGTITILPTKTKPKKLLFLGSDGKSYPY
LFKGLEDLHLDERIMQFLSIVNTMFATINRQETPRFHARHYSVTPLGTRSGLIQWVDGATPLFGLYKRWQQREAALQAQK
AQDSYQTPQNPGIVPRPSELYYSKIGPALKTVGLSLDVSRRDWPLHVMKAVLEELMEATPPNLLAKELWSSCTTPDEWWR
VTQSYARSTAVMSMVGYIIGLGDRHLDNVLIDMTTGEVVHIDYNVCFEKGKSLRVPEKVPFRMTQNIETALGVTGVEGVF
RLSCEQVLHIMRRGRETLLTLLEAFVYDPLVDWTAGGEAGFAGAVYGGGGQQAESKQSKREMEREITRSLFSSRVAEIKV
NWFKNRDEMLVVLPKLDGSLDEYLSLQEQLTDVEKLQGKLLEEIEFLEGAEGVDHPSHTLQHRYSEHTQLQTQQRAVQEA
IQVKLNEFEQWITHYQAAFNNLEATQLASLLQEISTQMDLGPPSYVPATAFLQNAGQAHLISQCEQLEGEVGALLQQRRS
VLRGCLEQLHHYATVALQYPKAIFQKHRIEQWKTWMEELICNTTVERCQELYRKYEMQYAPQPPPTVCQFITATEMTLQR
YAADINSRLIRQVERLKQEAVTVPVCEDQLKEIERCIKVFLHENGEEGSLSLASVIISALCTLTRRNLMMEGAASSAGEQ
LVDLTSRDGAWFLEELCSMSGNVTCLVQLLKQCHLVPQDLDIPNPMEASETVHLANGVYTSLQELNSNFRQIIFPEALRC
LMKGEYTLESMLHELDGLIEQTTDGVPLQTLVESLQAYLRNAAMGLEEETHAHYIDVARLLHAQYGELIQPRNGSVDETP
KMSAGQMLLVAFDGMFAQVETAFSLLVEKLNKMEIPIAWRKIDIIREARSTQVNFFDDDNHRQVLEEIFFLKRLQTIKEF
FRLCGTFSKTLSGSSSLEDQNTVNGPVQIVNVKTLFRNSCFSEDQMAKPIKAFTADFVRQLLIGLPNQALGLTLCSFISA
LGVDIIAQVEAKDFGAESKVSVDDLCKKAVEHNIQIGKFSQLVMNRATVLASSYDTAWKKHDLVRRLETSISSCKTSLQR
VQLHIAMFQWQHEDLLINRPQAMSVTPPPRSAILTSMKKKLHTLSQIETSIATVQEKLAALESSIEQRLKWAGGANPALA
PVLQDFEATIAERRNLVLKESQRASQVTFLCSNIIHFESLRTRTAEALNLDAALFELIKRCQQMCSFASQFNSSVSELEL
RLLQRVDTGLEHPIGSSEWLLSAHKQLTQDMSTQRAIQTEKEQQIETVCETIQNLVDNIKTVLTGHNRQLGDVKHLLKAM
AKDEEAALADGEDVPYENSVRQFLGEYKSWQDNIQTVLFTLVQAMGQVRSQEHVEMLQEITPTLKELKTQSQSIYNNLVS
FASPLVTDATNECSSPTSSATYQPSFAAAVRSNTGQKTQPDVMSQNARKLIQKNLATSADTPPSTVPGTGKSVACSPKKA
VRDPKTGKAVQERNSYAVSVWKRVKAKLEGRDVDPNRRMSVAEQVDYVIKEATNLDNLAQLYEGWTAWV
;
A
2 'polypeptide(L)'
;MSESGHSQPGLYGIERRRRWKEPGSGGPQNLSGPGGRERDYIAPWERERRDASEETSTSVMQKTPIILSKPPAERSKQPP
PPTAPAAPPAPAPLEKPIVLMKPREEGKGPVAVTGASTPEGTAPPPPAAPAPPKGEKEGQRPTQPVYQIQNRGMGTAAPA
AMDPVVGQAKLLPPERMKHSIKLVDDQMNWCDSAIEYLLDQTDVLVVGVLGLQGTGKSMVMSLLSANTPEEDQRTYVFRA
QSAEMKERGGNQTSGIDFFITQERIVFLDTQPILSPSILDHLINNDRKLPPEYNLPHTYVEMQSLQIAAFLFTVCHVVIV
VQDWFTDLSLYRFLQTAEMVKPSTPSPSHESSSSSGSDEGTEYYPHLVFLQNKARREDFCPRKLRQMHLMIDQLMAHSHL
RYKGTLSMLQCNVFPGLPPDFLDSEVNLFLVPFMDSEAESENPPRAGPGSSPLFSLLPGYRGHPSFQSLVSKLRSQVMSM
ARPQLSHTILTEKNWFHYAARIWDGVRKSSALAEYSRLLA
;
C
#
loop_
_chem_comp.id
_chem_comp.type
_chem_comp.name
_chem_comp.formula
88C non-polymer 1-[4-[4-[2-[[4-chloranyl-3-(diethylsulfamoyl)phenyl]amino]pyrimidin-4-yl]pyridin-2-yl]phenyl]-3-methyl-urea 'C27 H28 Cl N7 O3 S'
ATP non-polymer ADENOSINE-5'-TRIPHOSPHATE 'C10 H16 N5 O13 P3'
IHP non-polymer 'INOSITOL HEXAKISPHOSPHATE' 'C6 H18 O24 P6'
MG non-polymer 'MAGNESIUM ION' 'Mg 2'
#
# COMPACT_ATOMS: atom_id res chain seq x y z
N UNK A 147 -59.92 -5.19 -78.39
CA UNK A 147 -59.32 -6.01 -79.45
C UNK A 147 -57.82 -6.17 -79.23
N UNK A 148 -57.20 -5.16 -78.62
CA UNK A 148 -55.77 -5.21 -78.36
C UNK A 148 -55.42 -6.32 -77.39
N UNK A 149 -56.24 -6.51 -76.35
CA UNK A 149 -55.96 -7.55 -75.37
C UNK A 149 -56.04 -8.93 -76.01
N UNK A 150 -57.05 -9.17 -76.85
CA UNK A 150 -57.19 -10.47 -77.50
C UNK A 150 -56.02 -10.75 -78.42
N UNK A 151 -55.58 -9.74 -79.18
CA UNK A 151 -54.46 -9.93 -80.09
C UNK A 151 -53.15 -10.17 -79.33
N UNK A 152 -52.96 -9.46 -78.22
CA UNK A 152 -51.74 -9.62 -77.43
C UNK A 152 -51.74 -10.89 -76.60
N UNK A 153 -52.91 -11.48 -76.34
CA UNK A 153 -52.95 -12.70 -75.53
C UNK A 153 -52.23 -13.85 -76.23
N UNK A 154 -52.41 -13.98 -77.55
CA UNK A 154 -51.75 -15.06 -78.28
C UNK A 154 -50.23 -14.89 -78.24
N UNK A 155 -49.74 -13.67 -78.43
CA UNK A 155 -48.31 -13.43 -78.42
C UNK A 155 -47.73 -13.65 -77.02
N UNK A 156 -48.43 -13.19 -75.99
CA UNK A 156 -47.98 -13.35 -74.61
C UNK A 156 -48.46 -14.66 -74.02
N UNK A 162 -40.32 -11.59 -69.79
CA UNK A 162 -40.96 -10.34 -69.42
C UNK A 162 -41.95 -9.89 -70.50
N UNK A 163 -41.67 -10.27 -71.74
CA UNK A 163 -42.54 -9.89 -72.85
C UNK A 163 -43.85 -10.69 -72.85
N UNK A 164 -43.90 -11.81 -72.13
CA UNK A 164 -45.09 -12.63 -72.06
C UNK A 164 -46.07 -12.20 -70.97
N UNK A 165 -45.73 -11.16 -70.21
CA UNK A 165 -46.59 -10.67 -69.14
C UNK A 165 -47.02 -9.21 -69.30
N UNK A 166 -46.37 -8.45 -70.18
CA UNK A 166 -46.74 -7.05 -70.38
C UNK A 166 -48.20 -6.92 -70.76
N UNK A 167 -48.68 -7.80 -71.66
CA UNK A 167 -50.07 -7.74 -72.08
C UNK A 167 -51.02 -7.84 -70.89
N UNK A 168 -50.62 -8.60 -69.86
CA UNK A 168 -51.46 -8.73 -68.68
C UNK A 168 -51.42 -7.46 -67.84
N UNK A 169 -50.25 -6.82 -67.76
CA UNK A 169 -50.12 -5.59 -66.98
C UNK A 169 -51.08 -4.52 -67.47
N UNK A 170 -51.22 -4.40 -68.79
CA UNK A 170 -52.11 -3.40 -69.36
C UNK A 170 -53.57 -3.86 -69.36
N UNK A 171 -53.84 -5.12 -68.98
CA UNK A 171 -55.21 -5.61 -68.96
C UNK A 171 -56.08 -4.76 -68.04
N UNK A 172 -55.58 -4.46 -66.83
CA UNK A 172 -56.34 -3.66 -65.89
C UNK A 172 -56.60 -2.27 -66.45
N UNK A 173 -55.76 -1.80 -67.38
CA UNK A 173 -55.92 -0.50 -67.99
C UNK A 173 -56.70 -0.55 -69.29
N UNK A 174 -57.14 -1.74 -69.72
CA UNK A 174 -57.89 -1.86 -70.96
C UNK A 174 -59.24 -1.15 -70.86
N UNK A 175 -59.91 -1.29 -69.72
CA UNK A 175 -61.21 -0.65 -69.52
C UNK A 175 -61.43 -0.34 -68.04
N UNK A 191 -61.60 -14.75 -72.66
CA UNK A 191 -60.59 -15.70 -73.15
C UNK A 191 -60.14 -16.63 -72.04
N UNK A 192 -61.10 -17.33 -71.43
CA UNK A 192 -60.77 -18.25 -70.35
C UNK A 192 -59.98 -19.45 -70.85
N UNK A 193 -60.19 -19.86 -72.11
CA UNK A 193 -59.47 -21.00 -72.65
C UNK A 193 -57.97 -20.73 -72.70
N UNK A 194 -57.58 -19.52 -73.13
CA UNK A 194 -56.16 -19.19 -73.21
C UNK A 194 -55.53 -19.13 -71.82
N UNK A 195 -56.27 -18.60 -70.84
CA UNK A 195 -55.75 -18.51 -69.47
C UNK A 195 -55.73 -19.86 -68.76
N UNK A 196 -56.52 -20.81 -69.23
CA UNK A 196 -56.58 -22.14 -68.61
C UNK A 196 -55.75 -23.19 -69.34
N UNK A 197 -55.30 -22.90 -70.57
CA UNK A 197 -54.50 -23.85 -71.34
C UNK A 197 -53.04 -23.46 -71.47
N UNK A 198 -52.69 -22.21 -71.19
CA UNK A 198 -51.30 -21.78 -71.31
C UNK A 198 -50.42 -22.39 -70.22
N UNK A 199 -51.01 -22.71 -69.07
CA UNK A 199 -50.26 -23.30 -67.96
C UNK A 199 -50.27 -24.81 -67.98
N UNK A 200 -50.88 -25.43 -69.00
CA UNK A 200 -50.92 -26.89 -69.06
C UNK A 200 -49.52 -27.46 -69.24
N UNK A 201 -48.69 -26.84 -70.08
CA UNK A 201 -47.34 -27.32 -70.32
C UNK A 201 -46.44 -27.04 -69.11
N UNK A 207 -42.95 -25.48 -70.50
CA UNK A 207 -42.05 -25.69 -69.38
C UNK A 207 -42.66 -25.21 -68.07
N UNK A 208 -42.00 -25.53 -66.96
CA UNK A 208 -42.52 -25.11 -65.65
C UNK A 208 -42.51 -23.59 -65.52
N UNK A 209 -41.44 -22.94 -65.98
CA UNK A 209 -41.37 -21.48 -65.89
C UNK A 209 -42.46 -20.82 -66.71
N UNK A 210 -42.69 -21.33 -67.93
CA UNK A 210 -43.72 -20.75 -68.78
C UNK A 210 -45.10 -20.92 -68.15
N UNK A 211 -45.37 -22.10 -67.61
CA UNK A 211 -46.68 -22.34 -66.98
C UNK A 211 -46.86 -21.43 -65.77
N UNK A 212 -45.83 -21.28 -64.95
CA UNK A 212 -45.93 -20.43 -63.77
C UNK A 212 -46.17 -18.97 -64.18
N UNK A 213 -45.45 -18.51 -65.20
CA UNK A 213 -45.62 -17.13 -65.65
C UNK A 213 -47.03 -16.92 -66.20
N UNK A 214 -47.53 -17.89 -66.98
CA UNK A 214 -48.86 -17.77 -67.53
C UNK A 214 -49.92 -17.73 -66.43
N UNK A 215 -49.77 -18.58 -65.41
CA UNK A 215 -50.72 -18.61 -64.32
C UNK A 215 -50.69 -17.29 -63.55
N UNK A 216 -49.48 -16.77 -63.29
CA UNK A 216 -49.36 -15.50 -62.57
C UNK A 216 -50.00 -14.37 -63.36
N UNK A 217 -49.79 -14.35 -64.68
CA UNK A 217 -50.37 -13.29 -65.49
C UNK A 217 -51.88 -13.40 -65.54
N UNK A 218 -52.41 -14.62 -65.65
CA UNK A 218 -53.85 -14.83 -65.70
C UNK A 218 -54.51 -14.61 -64.36
N UNK A 219 -53.74 -14.62 -63.26
CA UNK A 219 -54.33 -14.41 -61.94
C UNK A 219 -55.00 -13.06 -61.81
N UNK A 220 -54.62 -12.08 -62.61
CA UNK A 220 -55.20 -10.75 -62.57
C UNK A 220 -56.41 -10.60 -63.48
N UNK A 221 -56.78 -11.64 -64.23
CA UNK A 221 -57.93 -11.55 -65.12
C UNK A 221 -59.22 -11.34 -64.34
N UNK A 222 -59.38 -12.06 -63.22
CA UNK A 222 -60.58 -11.93 -62.40
C UNK A 222 -60.53 -10.76 -61.44
N UNK A 223 -59.40 -10.05 -61.36
CA UNK A 223 -59.24 -8.92 -60.46
C UNK A 223 -59.32 -7.58 -61.17
N UNK A 224 -59.41 -7.57 -62.50
CA UNK A 224 -59.48 -6.32 -63.25
C UNK A 224 -60.90 -6.07 -63.76
N UNK A 229 -67.06 -10.00 -61.54
CA UNK A 229 -68.00 -11.07 -61.26
C UNK A 229 -68.10 -12.04 -62.42
N UNK A 230 -68.08 -11.50 -63.64
CA UNK A 230 -68.16 -12.34 -64.83
C UNK A 230 -66.95 -13.25 -64.95
N UNK A 231 -65.76 -12.71 -64.68
CA UNK A 231 -64.54 -13.52 -64.77
C UNK A 231 -64.46 -14.56 -63.65
N UNK A 232 -65.11 -14.29 -62.51
CA UNK A 232 -65.07 -15.24 -61.40
C UNK A 232 -65.72 -16.56 -61.79
N UNK A 233 -66.86 -16.51 -62.48
CA UNK A 233 -67.54 -17.73 -62.90
C UNK A 233 -66.66 -18.52 -63.86
N UNK A 234 -66.03 -17.84 -64.82
CA UNK A 234 -65.16 -18.52 -65.77
C UNK A 234 -63.99 -19.17 -65.07
N UNK A 235 -63.38 -18.45 -64.12
CA UNK A 235 -62.24 -19.01 -63.39
C UNK A 235 -62.66 -20.24 -62.59
N UNK A 236 -63.81 -20.16 -61.92
CA UNK A 236 -64.28 -21.30 -61.14
C UNK A 236 -64.56 -22.50 -62.04
N UNK A 237 -65.19 -22.25 -63.19
CA UNK A 237 -65.49 -23.35 -64.11
C UNK A 237 -64.21 -23.99 -64.62
N UNK A 238 -63.21 -23.16 -64.96
CA UNK A 238 -61.95 -23.69 -65.46
C UNK A 238 -61.26 -24.52 -64.39
N UNK A 239 -61.27 -24.04 -63.14
CA UNK A 239 -60.63 -24.77 -62.06
C UNK A 239 -61.33 -26.10 -61.83
N UNK A 240 -62.67 -26.10 -61.85
CA UNK A 240 -63.42 -27.34 -61.65
C UNK A 240 -63.14 -28.32 -62.76
N UNK A 241 -63.09 -27.85 -64.01
CA UNK A 241 -62.82 -28.73 -65.14
C UNK A 241 -61.42 -29.31 -65.06
N UNK A 242 -60.44 -28.49 -64.67
CA UNK A 242 -59.07 -28.97 -64.57
C UNK A 242 -58.92 -29.98 -63.44
N UNK A 243 -59.62 -29.77 -62.33
CA UNK A 243 -59.53 -30.70 -61.20
C UNK A 243 -60.12 -32.06 -61.56
N UNK A 244 -61.14 -32.09 -62.40
CA UNK A 244 -61.78 -33.34 -62.79
C UNK A 244 -61.07 -33.96 -64.00
N UNK A 248 -52.12 -32.90 -61.04
CA UNK A 248 -52.88 -31.91 -61.79
C UNK A 248 -52.48 -30.50 -61.37
N UNK A 249 -51.39 -30.00 -61.95
CA UNK A 249 -50.92 -28.65 -61.62
C UNK A 249 -51.86 -27.58 -62.14
N UNK A 250 -52.63 -27.86 -63.19
CA UNK A 250 -53.54 -26.86 -63.73
C UNK A 250 -54.60 -26.48 -62.70
N UNK A 251 -55.15 -27.46 -61.99
CA UNK A 251 -56.17 -27.17 -60.99
C UNK A 251 -55.60 -26.30 -59.87
N UNK A 252 -54.39 -26.64 -59.39
CA UNK A 252 -53.77 -25.87 -58.33
C UNK A 252 -53.50 -24.44 -58.79
N UNK A 253 -52.99 -24.29 -60.01
CA UNK A 253 -52.70 -22.95 -60.53
C UNK A 253 -53.98 -22.13 -60.65
N UNK A 254 -55.06 -22.74 -61.15
CA UNK A 254 -56.32 -22.03 -61.29
C UNK A 254 -56.86 -21.62 -59.92
N UNK A 255 -56.79 -22.53 -58.94
CA UNK A 255 -57.28 -22.21 -57.61
C UNK A 255 -56.48 -21.07 -57.00
N UNK A 256 -55.15 -21.11 -57.14
CA UNK A 256 -54.32 -20.05 -56.59
C UNK A 256 -54.63 -18.72 -57.26
N UNK A 257 -54.82 -18.74 -58.58
CA UNK A 257 -55.12 -17.50 -59.31
C UNK A 257 -56.46 -16.93 -58.84
N UNK A 258 -57.46 -17.79 -58.69
CA UNK A 258 -58.78 -17.32 -58.24
C UNK A 258 -58.69 -16.74 -56.84
N UNK A 259 -57.96 -17.42 -55.95
CA UNK A 259 -57.83 -16.93 -54.57
C UNK A 259 -57.12 -15.58 -54.55
N UNK A 260 -56.05 -15.44 -55.34
CA UNK A 260 -55.32 -14.18 -55.37
C UNK A 260 -56.20 -13.06 -55.93
N UNK A 261 -56.97 -13.35 -56.97
CA UNK A 261 -57.85 -12.33 -57.55
C UNK A 261 -58.92 -11.92 -56.55
N UNK A 262 -59.49 -12.89 -55.82
CA UNK A 262 -60.53 -12.57 -54.85
C UNK A 262 -59.97 -11.76 -53.70
N UNK A 263 -58.76 -12.09 -53.23
CA UNK A 263 -58.14 -11.38 -52.12
C UNK A 263 -57.56 -10.03 -52.55
N UNK A 264 -57.37 -9.80 -53.84
CA UNK A 264 -56.81 -8.52 -54.29
C UNK A 264 -57.78 -7.37 -54.05
N UNK A 265 -59.08 -7.64 -53.98
CA UNK A 265 -60.07 -6.61 -53.75
C UNK A 265 -60.06 -6.15 -52.30
N UNK A 267 -68.26 -9.79 -57.33
CA UNK A 267 -67.41 -9.93 -56.15
C UNK A 267 -68.22 -9.76 -54.87
N UNK A 268 -68.83 -8.58 -54.72
CA UNK A 268 -69.63 -8.32 -53.53
C UNK A 268 -70.85 -9.23 -53.47
N UNK A 269 -71.53 -9.43 -54.60
CA UNK A 269 -72.70 -10.28 -54.65
C UNK A 269 -72.38 -11.73 -55.00
N UNK A 270 -71.14 -12.03 -55.38
CA UNK A 270 -70.73 -13.38 -55.74
C UNK A 270 -69.96 -14.07 -54.62
N UNK A 271 -69.91 -13.48 -53.43
CA UNK A 271 -69.18 -14.10 -52.33
C UNK A 271 -69.81 -15.42 -51.92
N UNK A 272 -71.15 -15.48 -51.87
CA UNK A 272 -71.83 -16.71 -51.49
C UNK A 272 -71.55 -17.83 -52.50
N UNK A 273 -71.62 -17.51 -53.79
CA UNK A 273 -71.37 -18.53 -54.81
C UNK A 273 -69.94 -19.03 -54.73
N UNK A 274 -68.97 -18.12 -54.55
CA UNK A 274 -67.57 -18.53 -54.46
C UNK A 274 -67.35 -19.40 -53.23
N UNK A 275 -67.94 -19.02 -52.10
CA UNK A 275 -67.77 -19.81 -50.88
C UNK A 275 -68.38 -21.20 -51.05
N UNK A 276 -69.56 -21.27 -51.66
CA UNK A 276 -70.21 -22.57 -51.86
C UNK A 276 -69.37 -23.45 -52.77
N UNK A 277 -68.85 -22.87 -53.86
CA UNK A 277 -68.03 -23.64 -54.79
C UNK A 277 -66.76 -24.14 -54.11
N UNK A 278 -66.12 -23.28 -53.32
CA UNK A 278 -64.90 -23.69 -52.63
C UNK A 278 -65.19 -24.79 -51.63
N UNK A 279 -66.30 -24.68 -50.89
CA UNK A 279 -66.64 -25.72 -49.92
C UNK A 279 -66.93 -27.03 -50.62
N UNK A 280 -67.65 -26.99 -51.73
CA UNK A 280 -67.96 -28.21 -52.46
C UNK A 280 -66.70 -28.86 -53.00
N UNK A 281 -65.77 -28.05 -53.52
CA UNK A 281 -64.53 -28.59 -54.06
C UNK A 281 -63.67 -29.19 -52.96
N UNK A 282 -63.62 -28.54 -51.80
CA UNK A 282 -62.82 -29.04 -50.68
C UNK A 282 -63.45 -30.23 -49.99
N UNK A 283 -64.76 -30.44 -50.13
CA UNK A 283 -65.41 -31.58 -49.50
C UNK A 283 -64.88 -32.90 -50.04
N UNK A 284 -64.41 -32.91 -51.27
CA UNK A 284 -63.87 -34.12 -51.90
C UNK A 284 -62.37 -34.23 -51.76
N UNK A 285 -61.63 -33.17 -52.09
CA UNK A 285 -60.18 -33.19 -51.99
C UNK A 285 -59.72 -32.50 -50.70
N UNK A 290 -54.42 -33.54 -52.34
CA UNK A 290 -55.56 -33.02 -51.60
C UNK A 290 -55.14 -31.93 -50.63
N UNK A 291 -53.89 -32.00 -50.17
CA UNK A 291 -53.39 -31.00 -49.23
C UNK A 291 -53.34 -29.62 -49.87
N UNK A 292 -52.88 -29.53 -51.12
CA UNK A 292 -52.81 -28.24 -51.80
C UNK A 292 -54.21 -27.64 -51.98
N UNK A 293 -55.17 -28.45 -52.39
CA UNK A 293 -56.53 -27.95 -52.59
C UNK A 293 -57.12 -27.47 -51.27
N UNK A 294 -56.92 -28.23 -50.19
CA UNK A 294 -57.46 -27.84 -48.89
C UNK A 294 -56.82 -26.54 -48.42
N UNK A 295 -55.50 -26.42 -48.60
CA UNK A 295 -54.81 -25.21 -48.18
C UNK A 295 -55.31 -24.00 -48.96
N UNK A 296 -55.47 -24.16 -50.28
CA UNK A 296 -55.95 -23.05 -51.10
C UNK A 296 -57.37 -22.65 -50.70
N UNK A 297 -58.23 -23.63 -50.46
CA UNK A 297 -59.60 -23.33 -50.07
C UNK A 297 -59.63 -22.61 -48.73
N UNK A 298 -58.82 -23.06 -47.77
CA UNK A 298 -58.79 -22.43 -46.46
C UNK A 298 -58.27 -20.99 -46.58
N UNK A 299 -57.23 -20.78 -47.38
CA UNK A 299 -56.69 -19.43 -47.54
C UNK A 299 -57.71 -18.51 -48.19
N UNK A 300 -58.44 -19.02 -49.19
CA UNK A 300 -59.45 -18.19 -49.87
C UNK A 300 -60.61 -17.88 -48.93
N UNK A 301 -61.03 -18.86 -48.12
CA UNK A 301 -62.14 -18.64 -47.21
C UNK A 301 -61.77 -17.79 -46.00
N UNK A 302 -60.48 -17.70 -45.67
CA UNK A 302 -60.06 -16.90 -44.52
C UNK A 302 -60.37 -15.41 -44.72
N UNK A 303 -60.45 -14.95 -45.96
CA UNK A 303 -60.73 -13.54 -46.22
C UNK A 303 -62.16 -13.16 -45.86
N UNK A 304 -63.06 -14.13 -45.74
CA UNK A 304 -64.44 -13.86 -45.39
C UNK A 304 -64.58 -13.49 -43.92
N PHE A 307 -70.75 -23.50 -41.03
CA PHE A 307 -69.54 -23.63 -40.24
C PHE A 307 -69.60 -24.84 -39.32
N SER A 308 -70.83 -25.25 -38.98
CA SER A 308 -70.99 -26.41 -38.11
C SER A 308 -70.49 -27.69 -38.76
N THR A 309 -70.77 -27.86 -40.06
CA THR A 309 -70.32 -29.04 -40.78
C THR A 309 -69.00 -28.84 -41.52
N ASN A 310 -68.58 -27.59 -41.73
CA ASN A 310 -67.33 -27.34 -42.43
C ASN A 310 -66.13 -27.86 -41.64
N PHE A 311 -66.15 -27.67 -40.31
CA PHE A 311 -65.05 -28.12 -39.47
C PHE A 311 -64.98 -29.64 -39.38
N ARG A 312 -66.06 -30.34 -39.72
CA ARG A 312 -66.06 -31.81 -39.65
C ARG A 312 -65.02 -32.40 -40.59
N ASP A 313 -64.95 -31.89 -41.82
CA ASP A 313 -63.97 -32.40 -42.79
C ASP A 313 -62.56 -32.15 -42.30
N THR A 314 -62.29 -30.95 -41.76
CA THR A 314 -60.96 -30.64 -41.27
C THR A 314 -60.59 -31.55 -40.11
N VAL A 315 -61.53 -31.79 -39.19
CA VAL A 315 -61.26 -32.64 -38.04
C VAL A 315 -60.97 -34.07 -38.50
N ASP A 316 -61.76 -34.57 -39.46
CA ASP A 316 -61.56 -35.92 -39.96
C ASP A 316 -60.21 -36.04 -40.66
N ILE A 317 -59.82 -35.03 -41.42
CA ILE A 317 -58.53 -35.07 -42.12
C ILE A 317 -57.38 -35.03 -41.11
N LEU A 318 -57.50 -34.19 -40.08
CA LEU A 318 -56.46 -34.07 -39.07
C LEU A 318 -56.44 -35.25 -38.10
N VAL A 319 -57.47 -36.08 -38.09
CA VAL A 319 -57.52 -37.23 -37.19
C VAL A 319 -56.89 -38.43 -37.86
N GLY A 320 -56.24 -38.20 -39.01
CA GLY A 320 -55.59 -39.28 -39.75
C GLY A 320 -54.09 -39.18 -39.74
N SER A 330 -46.60 -34.53 -40.40
CA SER A 330 -46.00 -33.27 -39.95
C SER A 330 -46.85 -32.08 -40.37
N LEU A 331 -48.03 -32.36 -40.93
CA LEU A 331 -48.95 -31.33 -41.38
C LEU A 331 -50.01 -30.99 -40.33
N THR A 332 -49.91 -31.58 -39.14
CA THR A 332 -50.89 -31.30 -38.09
C THR A 332 -50.83 -29.85 -37.62
N GLN A 333 -49.65 -29.24 -37.66
CA GLN A 333 -49.52 -27.84 -37.22
C GLN A 333 -50.30 -26.91 -38.14
N GLN A 334 -50.24 -27.14 -39.45
CA GLN A 334 -50.95 -26.28 -40.39
C GLN A 334 -52.46 -26.36 -40.19
N VAL A 335 -53.01 -27.58 -40.10
CA VAL A 335 -54.44 -27.72 -39.91
C VAL A 335 -54.86 -27.18 -38.54
N SER A 336 -54.02 -27.37 -37.52
CA SER A 336 -54.35 -26.87 -36.20
C SER A 336 -54.42 -25.35 -36.22
N GLY A 337 -53.45 -24.71 -36.85
CA GLY A 337 -53.44 -23.25 -36.91
C GLY A 337 -54.63 -22.73 -37.71
N TRP A 338 -54.94 -23.39 -38.83
CA TRP A 338 -56.07 -22.96 -39.65
C TRP A 338 -57.37 -23.07 -38.88
N LEU A 339 -57.56 -24.18 -38.15
CA LEU A 339 -58.78 -24.36 -37.38
C LEU A 339 -58.87 -23.34 -36.25
N GLN A 340 -57.75 -23.07 -35.59
CA GLN A 340 -57.75 -22.09 -34.50
C GLN A 340 -58.07 -20.69 -35.02
N SER A 341 -57.51 -20.32 -36.17
CA SER A 341 -57.77 -19.00 -36.73
C SER A 341 -59.13 -18.89 -37.39
N LEU A 342 -59.75 -20.02 -37.72
CA LEU A 342 -61.07 -19.98 -38.36
C LEU A 342 -62.12 -19.38 -37.43
N GLU A 343 -62.08 -19.74 -36.15
CA GLU A 343 -63.04 -19.22 -35.18
C GLU A 343 -62.37 -18.23 -34.23
N ALA A 351 -71.30 -24.51 -27.53
CA ALA A 351 -72.30 -24.81 -28.54
C ALA A 351 -71.97 -26.10 -29.27
N PHE A 352 -71.36 -25.97 -30.45
CA PHE A 352 -70.99 -27.14 -31.24
C PHE A 352 -69.92 -27.97 -30.52
N SER A 353 -68.96 -27.30 -29.88
CA SER A 353 -67.90 -28.02 -29.18
C SER A 353 -68.47 -28.86 -28.03
N THR A 354 -69.44 -28.31 -27.30
CA THR A 354 -70.03 -29.04 -26.19
C THR A 354 -70.69 -30.33 -26.67
N THR A 355 -71.42 -30.25 -27.79
CA THR A 355 -72.09 -31.44 -28.32
C THR A 355 -71.10 -32.42 -28.93
N LEU A 356 -70.02 -31.92 -29.53
CA LEU A 356 -69.01 -32.79 -30.13
C LEU A 356 -68.16 -33.48 -29.08
N LEU A 357 -68.06 -32.89 -27.88
CA LEU A 357 -67.25 -33.48 -26.82
C LEU A 357 -67.76 -34.86 -26.43
N GLY A 358 -69.08 -35.07 -26.45
CA GLY A 358 -69.63 -36.36 -26.09
C GLY A 358 -69.18 -37.47 -27.03
N GLN A 359 -69.11 -37.18 -28.33
CA GLN A 359 -68.69 -38.19 -29.29
C GLN A 359 -67.27 -38.65 -29.01
N PHE A 360 -66.35 -37.70 -28.79
CA PHE A 360 -64.96 -38.06 -28.50
C PHE A 360 -64.86 -38.80 -27.17
N LEU A 361 -65.61 -38.35 -26.16
CA LEU A 361 -65.55 -39.02 -24.86
C LEU A 361 -66.01 -40.47 -24.98
N GLU A 362 -67.10 -40.70 -25.71
CA GLU A 362 -67.61 -42.05 -25.90
C GLU A 362 -66.63 -42.89 -26.70
N ASP A 363 -65.99 -42.28 -27.71
CA ASP A 363 -65.03 -43.01 -28.52
C ASP A 363 -63.85 -43.49 -27.68
N MET A 364 -63.28 -42.58 -26.88
CA MET A 364 -62.14 -42.97 -26.05
C MET A 364 -62.56 -44.00 -25.01
N GLU A 365 -63.76 -43.83 -24.42
CA GLU A 365 -64.21 -44.78 -23.42
C GLU A 365 -64.38 -46.17 -24.03
N ALA A 366 -64.96 -46.23 -25.24
CA ALA A 366 -65.16 -47.52 -25.90
C ALA A 366 -63.81 -48.14 -26.25
N TYR A 367 -62.86 -47.32 -26.72
CA TYR A 367 -61.55 -47.86 -27.07
C TYR A 367 -60.87 -48.45 -25.84
N ALA A 368 -60.94 -47.75 -24.71
CA ALA A 368 -60.33 -48.25 -23.48
C ALA A 368 -61.00 -49.53 -23.02
N GLU A 369 -62.34 -49.58 -23.10
CA GLU A 369 -63.06 -50.77 -22.68
C GLU A 369 -62.73 -51.97 -23.55
N ASP A 370 -62.63 -51.75 -24.87
CA ASP A 370 -62.31 -52.85 -25.78
C ASP A 370 -60.84 -53.24 -25.71
N LEU A 371 -59.97 -52.36 -25.21
CA LEU A 371 -58.55 -52.69 -25.11
C LEU A 371 -58.32 -53.87 -24.18
N SER A 372 -59.01 -53.90 -23.04
CA SER A 372 -58.87 -54.98 -22.08
C SER A 372 -59.66 -56.21 -22.51
N SER A 388 -52.79 -54.50 -30.15
CA SER A 388 -52.99 -53.11 -29.77
C SER A 388 -52.61 -52.17 -30.92
N VAL A 389 -53.63 -51.66 -31.62
CA VAL A 389 -53.43 -50.74 -32.73
C VAL A 389 -54.28 -49.51 -32.48
N SER A 390 -54.92 -49.46 -31.31
CA SER A 390 -55.76 -48.33 -30.94
C SER A 390 -54.98 -47.13 -30.42
N LEU A 391 -53.67 -47.28 -30.17
CA LEU A 391 -52.87 -46.16 -29.67
C LEU A 391 -52.85 -44.98 -30.63
N PRO A 392 -52.58 -45.15 -31.94
CA PRO A 392 -52.56 -43.97 -32.82
C PRO A 392 -53.90 -43.25 -32.84
N LYS A 393 -55.01 -43.99 -32.80
CA LYS A 393 -56.32 -43.36 -32.81
C LYS A 393 -56.51 -42.50 -31.56
N LEU A 394 -56.13 -43.04 -30.40
CA LEU A 394 -56.27 -42.30 -29.16
C LEU A 394 -55.39 -41.05 -29.18
N ALA A 395 -54.17 -41.18 -29.71
CA ALA A 395 -53.27 -40.03 -29.78
C ALA A 395 -53.87 -38.95 -30.67
N ALA A 396 -54.42 -39.34 -31.82
CA ALA A 396 -55.00 -38.36 -32.73
C ALA A 396 -56.21 -37.69 -32.09
N LEU A 397 -57.03 -38.47 -31.37
CA LEU A 397 -58.20 -37.90 -30.72
C LEU A 397 -57.78 -36.89 -29.66
N LEU A 398 -56.76 -37.23 -28.87
CA LEU A 398 -56.30 -36.31 -27.84
C LEU A 398 -55.73 -35.04 -28.47
N ARG A 399 -54.99 -35.19 -29.57
CA ARG A 399 -54.41 -34.02 -30.22
C ARG A 399 -55.50 -33.09 -30.75
N VAL A 400 -56.50 -33.65 -31.43
CA VAL A 400 -57.56 -32.81 -31.95
C VAL A 400 -58.35 -32.20 -30.79
N PHE A 401 -58.50 -32.94 -29.69
CA PHE A 401 -59.23 -32.41 -28.54
C PHE A 401 -58.50 -31.20 -27.97
N SER A 402 -57.18 -31.31 -27.81
CA SER A 402 -56.41 -30.20 -27.28
C SER A 402 -56.44 -29.01 -28.25
N THR A 403 -56.39 -29.29 -29.55
CA THR A 403 -56.42 -28.21 -30.54
C THR A 403 -57.74 -27.46 -30.50
N VAL A 404 -58.87 -28.19 -30.48
CA VAL A 404 -60.17 -27.54 -30.45
C VAL A 404 -60.36 -26.81 -29.13
N VAL A 405 -59.84 -27.36 -28.03
CA VAL A 405 -60.00 -26.69 -26.74
C VAL A 405 -59.21 -25.38 -26.73
N ARG A 406 -57.98 -25.41 -27.25
CA ARG A 406 -57.16 -24.20 -27.28
C ARG A 406 -57.71 -23.18 -28.27
N SER A 407 -58.45 -23.63 -29.28
CA SER A 407 -59.02 -22.71 -30.27
C SER A 407 -60.04 -21.76 -29.65
N ILE A 408 -60.54 -22.06 -28.47
CA ILE A 408 -61.52 -21.20 -27.81
C ILE A 408 -60.89 -19.87 -27.43
N ALA A 423 -69.28 -23.83 -16.12
CA ALA A 423 -68.04 -23.92 -15.37
C ALA A 423 -68.10 -25.03 -14.33
N TYR A 424 -68.81 -26.12 -14.68
CA TYR A 424 -68.95 -27.26 -13.79
C TYR A 424 -68.55 -28.59 -14.41
N VAL A 425 -68.54 -28.71 -15.74
CA VAL A 425 -68.17 -29.96 -16.39
C VAL A 425 -66.67 -30.14 -16.52
N THR A 426 -65.88 -29.13 -16.15
CA THR A 426 -64.43 -29.25 -16.25
C THR A 426 -63.90 -30.36 -15.35
N ASP A 427 -64.40 -30.44 -14.11
CA ASP A 427 -63.94 -31.48 -13.19
C ASP A 427 -64.32 -32.86 -13.71
N VAL A 428 -65.53 -33.00 -14.22
CA VAL A 428 -65.98 -34.30 -14.73
C VAL A 428 -65.12 -34.71 -15.92
N LEU A 429 -64.85 -33.77 -16.83
CA LEU A 429 -64.03 -34.08 -18.00
C LEU A 429 -62.62 -34.48 -17.59
N TYR A 430 -62.04 -33.74 -16.63
CA TYR A 430 -60.69 -34.06 -16.18
C TYR A 430 -60.64 -35.42 -15.54
N ARG A 431 -61.63 -35.75 -14.70
CA ARG A 431 -61.66 -37.05 -14.05
C ARG A 431 -61.80 -38.17 -15.06
N VAL A 432 -62.68 -37.98 -16.06
CA VAL A 432 -62.88 -38.99 -17.09
C VAL A 432 -61.60 -39.21 -17.87
N MET A 433 -60.92 -38.11 -18.24
CA MET A 433 -59.68 -38.23 -19.00
C MET A 433 -58.62 -38.94 -18.18
N ARG A 434 -58.49 -38.60 -16.90
CA ARG A 434 -57.49 -39.24 -16.06
C ARG A 434 -57.77 -40.73 -15.91
N CYS A 435 -59.05 -41.09 -15.73
CA CYS A 435 -59.42 -42.49 -15.58
C CYS A 435 -59.16 -43.28 -16.87
N VAL A 436 -59.53 -42.71 -18.01
CA VAL A 436 -59.31 -43.41 -19.28
C VAL A 436 -57.82 -43.55 -19.57
N THR A 437 -57.02 -42.56 -19.18
CA THR A 437 -55.59 -42.65 -19.43
C THR A 437 -54.92 -43.66 -18.49
N ALA A 438 -55.34 -43.68 -17.23
CA ALA A 438 -54.76 -44.62 -16.28
C ALA A 438 -55.21 -46.05 -16.53
N ALA A 439 -56.38 -46.24 -17.15
CA ALA A 439 -56.86 -47.59 -17.41
C ALA A 439 -55.95 -48.33 -18.38
N ASN A 440 -55.45 -47.64 -19.41
CA ASN A 440 -54.56 -48.24 -20.40
C ASN A 440 -53.16 -48.29 -19.81
N GLN A 441 -52.95 -49.26 -18.92
CA GLN A 441 -51.67 -49.48 -18.26
C GLN A 441 -50.98 -50.74 -18.74
N VAL A 442 -51.19 -51.11 -20.00
CA VAL A 442 -50.59 -52.30 -20.59
C VAL A 442 -49.68 -51.96 -21.76
N PHE A 443 -50.20 -51.23 -22.75
CA PHE A 443 -49.39 -50.85 -23.90
C PHE A 443 -48.25 -49.92 -23.49
N PHE A 444 -48.54 -48.94 -22.63
CA PHE A 444 -47.54 -47.98 -22.15
C PHE A 444 -46.88 -47.24 -23.32
N SER A 445 -47.70 -46.48 -24.04
CA SER A 445 -47.24 -45.70 -25.19
C SER A 445 -46.96 -44.27 -24.73
N GLU A 446 -45.79 -43.75 -25.12
CA GLU A 446 -45.42 -42.39 -24.74
C GLU A 446 -46.16 -41.33 -25.53
N ALA A 447 -46.58 -41.61 -26.76
CA ALA A 447 -47.29 -40.61 -27.55
C ALA A 447 -48.64 -40.26 -26.94
N VAL A 448 -49.45 -41.29 -26.63
CA VAL A 448 -50.75 -41.05 -26.03
C VAL A 448 -50.60 -40.39 -24.68
N LEU A 449 -49.60 -40.82 -23.90
CA LEU A 449 -49.40 -40.23 -22.58
C LEU A 449 -49.00 -38.76 -22.69
N THR A 450 -48.16 -38.43 -23.68
CA THR A 450 -47.73 -37.05 -23.86
C THR A 450 -48.93 -36.19 -24.26
N ALA A 451 -49.75 -36.69 -25.19
CA ALA A 451 -50.92 -35.93 -25.62
C ALA A 451 -51.87 -35.72 -24.45
N ALA A 452 -52.06 -36.76 -23.63
CA ALA A 452 -52.95 -36.65 -22.49
C ALA A 452 -52.41 -35.64 -21.49
N ASN A 453 -51.10 -35.63 -21.28
CA ASN A 453 -50.50 -34.69 -20.35
C ASN A 453 -50.72 -33.26 -20.83
N GLU A 454 -50.52 -33.03 -22.13
CA GLU A 454 -50.72 -31.69 -22.66
C GLU A 454 -52.17 -31.26 -22.52
N CYS A 455 -53.10 -32.17 -22.80
CA CYS A 455 -54.52 -31.85 -22.69
C CYS A 455 -54.89 -31.54 -21.24
N VAL A 456 -54.39 -32.34 -20.30
CA VAL A 456 -54.69 -32.12 -18.89
C VAL A 456 -54.12 -30.78 -18.45
N GLY A 457 -52.91 -30.45 -18.91
CA GLY A 457 -52.30 -29.19 -18.54
C GLY A 457 -53.10 -27.99 -19.04
N VAL A 458 -53.50 -28.03 -20.31
CA VAL A 458 -54.26 -26.91 -20.84
C VAL A 458 -55.62 -26.80 -20.16
N LEU A 459 -56.27 -27.94 -19.88
CA LEU A 459 -57.57 -27.89 -19.21
C LEU A 459 -57.43 -27.32 -17.81
N LEU A 460 -56.38 -27.72 -17.09
CA LEU A 460 -56.18 -27.22 -15.73
C LEU A 460 -55.86 -25.73 -15.76
N GLY A 461 -55.09 -25.28 -16.74
CA GLY A 461 -54.75 -23.88 -16.83
C GLY A 461 -55.88 -23.00 -17.31
N SER A 462 -56.88 -23.60 -17.98
CA SER A 462 -58.02 -22.82 -18.46
C SER A 462 -58.81 -22.21 -17.31
N LEU A 463 -58.99 -22.97 -16.23
CA LEU A 463 -59.74 -22.49 -15.08
C LEU A 463 -58.85 -21.58 -14.22
N ASP A 464 -59.35 -21.20 -13.05
CA ASP A 464 -58.61 -20.34 -12.14
C ASP A 464 -58.49 -20.98 -10.76
N PRO A 465 -57.43 -20.66 -10.01
CA PRO A 465 -57.27 -21.25 -8.67
C PRO A 465 -58.21 -20.66 -7.63
N SER A 466 -59.52 -20.83 -7.83
CA SER A 466 -60.53 -20.30 -6.91
C SER A 466 -61.63 -21.34 -6.70
N MET A 467 -61.25 -22.60 -6.52
CA MET A 467 -62.22 -23.66 -6.31
C MET A 467 -61.56 -24.75 -5.46
N THR A 468 -62.24 -25.89 -5.37
CA THR A 468 -61.77 -27.05 -4.61
C THR A 468 -61.88 -28.31 -5.46
N ILE A 469 -61.38 -28.23 -6.69
CA ILE A 469 -61.43 -29.38 -7.59
C ILE A 469 -60.63 -30.54 -7.02
N HIS A 470 -60.93 -31.74 -7.51
CA HIS A 470 -60.26 -32.96 -7.06
C HIS A 470 -58.78 -32.92 -7.40
N CYS A 471 -57.93 -32.82 -6.37
CA CYS A 471 -56.49 -32.78 -6.55
C CYS A 471 -55.80 -34.11 -6.27
N ASP A 472 -56.46 -35.02 -5.54
CA ASP A 472 -55.84 -36.31 -5.25
C ASP A 472 -55.56 -37.10 -6.51
N MET A 473 -56.52 -37.10 -7.46
CA MET A 473 -56.32 -37.83 -8.70
C MET A 473 -55.15 -37.26 -9.51
N VAL A 474 -55.07 -35.93 -9.57
CA VAL A 474 -53.98 -35.30 -10.32
C VAL A 474 -52.63 -35.61 -9.67
N ILE A 475 -52.57 -35.55 -8.34
CA ILE A 475 -51.33 -35.82 -7.63
C ILE A 475 -50.90 -37.27 -7.84
N THR A 476 -51.84 -38.21 -7.70
CA THR A 476 -51.48 -39.61 -7.90
C THR A 476 -51.06 -39.87 -9.33
N TYR A 477 -51.69 -39.18 -10.30
CA TYR A 477 -51.32 -39.38 -11.70
C TYR A 477 -49.91 -38.87 -11.95
N GLY A 478 -49.58 -37.70 -11.40
CA GLY A 478 -48.25 -37.16 -11.58
C GLY A 478 -47.20 -38.05 -10.95
N LEU A 479 -47.46 -38.54 -9.74
CA LEU A 479 -46.50 -39.41 -9.08
C LEU A 479 -46.34 -40.72 -9.85
N ASP A 480 -47.44 -41.26 -10.37
CA ASP A 480 -47.35 -42.51 -11.12
C ASP A 480 -46.49 -42.32 -12.36
N GLN A 481 -46.66 -41.17 -13.05
CA GLN A 481 -45.85 -40.93 -14.24
C GLN A 481 -44.39 -40.72 -13.86
N LEU A 482 -44.13 -40.03 -12.76
CA LEU A 482 -42.75 -39.78 -12.34
C LEU A 482 -42.07 -41.08 -11.93
N GLU A 483 -42.83 -42.06 -11.43
CA GLU A 483 -42.24 -43.32 -11.02
C GLU A 483 -41.57 -44.06 -12.17
N ASN A 484 -41.95 -43.75 -13.41
CA ASN A 484 -41.37 -44.40 -14.59
C ASN A 484 -41.08 -43.35 -15.66
N CYS A 485 -40.50 -42.23 -15.26
CA CYS A 485 -40.16 -41.14 -16.16
C CYS A 485 -38.66 -40.88 -16.17
N GLN A 486 -37.87 -41.94 -15.97
CA GLN A 486 -36.42 -41.81 -15.96
C GLN A 486 -35.83 -42.08 -17.35
N THR A 487 -36.06 -43.28 -17.88
CA THR A 487 -35.54 -43.65 -19.20
C THR A 487 -36.57 -43.37 -20.30
N CYS A 488 -37.09 -42.15 -20.30
CA CYS A 488 -38.07 -41.72 -21.29
C CYS A 488 -37.44 -40.82 -22.34
N GLY A 489 -38.20 -40.53 -23.39
CA GLY A 489 -37.72 -39.70 -24.46
C GLY A 489 -37.71 -38.22 -24.11
N THR A 490 -37.01 -37.44 -24.94
CA THR A 490 -36.91 -36.01 -24.72
C THR A 490 -38.25 -35.30 -24.86
N ASP A 491 -39.09 -35.70 -25.81
CA ASP A 491 -40.39 -35.07 -25.99
C ASP A 491 -41.37 -35.41 -24.88
N TYR A 492 -41.13 -36.50 -24.14
CA TYR A 492 -42.01 -36.91 -23.06
C TYR A 492 -41.60 -36.27 -21.74
N ILE A 493 -40.29 -36.18 -21.49
CA ILE A 493 -39.81 -35.57 -20.24
C ILE A 493 -40.21 -34.10 -20.17
N ILE A 494 -40.13 -33.38 -21.29
CA ILE A 494 -40.50 -31.97 -21.28
C ILE A 494 -41.99 -31.84 -20.97
N SER A 495 -42.81 -32.72 -21.54
CA SER A 495 -44.24 -32.67 -21.29
C SER A 495 -44.54 -32.96 -19.82
N VAL A 496 -43.84 -33.93 -19.23
CA VAL A 496 -44.05 -34.25 -17.83
C VAL A 496 -43.70 -33.06 -16.95
N LEU A 497 -42.53 -32.47 -17.21
CA LEU A 497 -42.11 -31.32 -16.41
C LEU A 497 -43.11 -30.18 -16.55
N ASN A 498 -43.61 -29.95 -17.77
CA ASN A 498 -44.57 -28.89 -17.97
C ASN A 498 -45.85 -29.19 -17.21
N LEU A 499 -46.26 -30.46 -17.19
CA LEU A 499 -47.46 -30.84 -16.48
C LEU A 499 -47.32 -30.52 -15.00
N LEU A 500 -46.16 -30.88 -14.42
CA LEU A 500 -45.96 -30.59 -12.99
C LEU A 500 -45.95 -29.09 -12.76
N THR A 501 -45.38 -28.32 -13.70
CA THR A 501 -45.35 -26.88 -13.52
C THR A 501 -46.76 -26.31 -13.47
N LEU A 502 -47.61 -26.74 -14.41
CA LEU A 502 -48.99 -26.27 -14.44
C LEU A 502 -49.75 -26.72 -13.20
N ILE A 503 -49.53 -27.95 -12.75
CA ILE A 503 -50.22 -28.44 -11.55
C ILE A 503 -49.81 -27.63 -10.33
N VAL A 504 -48.51 -27.38 -10.16
CA VAL A 504 -48.03 -26.62 -9.00
C VAL A 504 -48.56 -25.19 -9.02
N GLU A 505 -48.54 -24.52 -10.17
CA GLU A 505 -49.04 -23.15 -10.20
C GLU A 505 -50.56 -23.09 -10.07
N GLN A 506 -51.28 -24.10 -10.58
CA GLN A 506 -52.73 -24.07 -10.48
C GLN A 506 -53.21 -24.28 -9.04
N ILE A 507 -52.68 -25.28 -8.36
CA ILE A 507 -53.11 -25.52 -6.98
C ILE A 507 -52.34 -24.58 -6.06
N ASN A 508 -53.07 -23.77 -5.31
CA ASN A 508 -52.49 -22.80 -4.38
C ASN A 508 -53.03 -23.05 -2.98
N THR A 509 -52.15 -23.01 -1.99
CA THR A 509 -52.47 -23.22 -0.58
C THR A 509 -53.09 -24.58 -0.32
N LYS A 510 -52.94 -25.53 -1.23
CA LYS A 510 -53.49 -26.87 -1.08
C LYS A 510 -52.46 -27.96 -1.33
N LEU A 511 -51.18 -27.63 -1.23
CA LEU A 511 -50.12 -28.60 -1.45
C LEU A 511 -49.77 -29.28 -0.13
N PRO A 512 -49.99 -30.58 0.01
CA PRO A 512 -49.65 -31.26 1.26
C PRO A 512 -48.15 -31.36 1.44
N SER A 513 -47.74 -31.47 2.71
CA SER A 513 -46.32 -31.58 3.01
C SER A 513 -45.70 -32.83 2.39
N SER A 514 -46.47 -33.91 2.29
CA SER A 514 -45.95 -35.14 1.70
C SER A 514 -45.69 -34.98 0.20
N PHE A 515 -46.45 -34.11 -0.47
CA PHE A 515 -46.27 -33.90 -1.90
C PHE A 515 -44.86 -33.39 -2.20
N VAL A 516 -44.45 -32.33 -1.52
CA VAL A 516 -43.12 -31.78 -1.74
C VAL A 516 -42.05 -32.56 -0.99
N GLU A 517 -42.43 -33.30 0.05
CA GLU A 517 -41.44 -34.09 0.79
C GLU A 517 -40.84 -35.18 -0.06
N LYS A 518 -41.65 -35.84 -0.88
CA LYS A 518 -41.18 -36.91 -1.75
C LYS A 518 -40.66 -36.40 -3.08
N LEU A 519 -40.66 -35.08 -3.30
CA LEU A 519 -40.18 -34.50 -4.54
C LEU A 519 -38.75 -33.98 -4.45
N PHE A 520 -38.23 -33.82 -3.23
CA PHE A 520 -36.87 -33.32 -3.05
C PHE A 520 -36.03 -34.31 -2.24
N ILE A 521 -36.11 -35.60 -2.59
CA ILE A 521 -35.36 -36.64 -1.90
C ILE A 521 -34.53 -37.39 -2.92
N PRO A 522 -33.44 -38.04 -2.48
CA PRO A 522 -32.60 -38.79 -3.44
C PRO A 522 -33.37 -39.85 -4.22
N SER A 523 -34.35 -40.49 -3.60
CA SER A 523 -35.12 -41.51 -4.31
C SER A 523 -35.98 -40.92 -5.42
N SER A 524 -36.30 -39.63 -5.33
CA SER A 524 -37.13 -39.00 -6.36
C SER A 524 -36.34 -38.85 -7.65
N LYS A 525 -37.03 -39.02 -8.78
CA LYS A 525 -36.40 -38.90 -10.08
C LYS A 525 -36.19 -37.46 -10.52
N LEU A 526 -36.85 -36.49 -9.87
CA LEU A 526 -36.69 -35.09 -10.24
C LEU A 526 -35.23 -34.66 -10.16
N LEU A 527 -34.53 -35.08 -9.10
CA LEU A 527 -33.13 -34.71 -8.95
C LEU A 527 -32.24 -35.38 -9.99
N PHE A 528 -32.72 -36.44 -10.63
CA PHE A 528 -31.95 -37.16 -11.64
C PHE A 528 -32.22 -36.67 -13.05
N LEU A 529 -33.10 -35.68 -13.23
CA LEU A 529 -33.42 -35.17 -14.55
C LEU A 529 -32.58 -33.96 -14.94
N ARG A 530 -31.96 -33.28 -13.97
CA ARG A 530 -31.14 -32.11 -14.26
C ARG A 530 -29.75 -32.47 -14.76
N TYR A 531 -29.39 -33.75 -14.78
CA TYR A 531 -28.08 -34.18 -15.23
C TYR A 531 -28.02 -34.45 -16.73
N HIS A 532 -29.10 -34.20 -17.46
CA HIS A 532 -29.09 -34.45 -18.91
C HIS A 532 -28.18 -33.44 -19.60
N LYS A 533 -27.70 -33.82 -20.79
CA LYS A 533 -26.82 -32.96 -21.57
C LYS A 533 -27.54 -31.74 -22.16
N GLU A 534 -28.78 -31.90 -22.61
CA GLU A 534 -29.50 -30.77 -23.20
C GLU A 534 -29.74 -29.67 -22.16
N LYS A 535 -29.86 -28.44 -22.66
CA LYS A 535 -30.10 -27.29 -21.80
C LYS A 535 -31.58 -27.04 -21.56
N GLU A 536 -32.44 -27.55 -22.45
CA GLU A 536 -33.88 -27.33 -22.29
C GLU A 536 -34.38 -27.99 -21.00
N VAL A 537 -33.89 -29.20 -20.72
CA VAL A 537 -34.31 -29.88 -19.50
C VAL A 537 -33.86 -29.11 -18.27
N VAL A 538 -32.66 -28.53 -18.34
CA VAL A 538 -32.15 -27.76 -17.20
C VAL A 538 -33.00 -26.51 -17.01
N ALA A 539 -33.40 -25.87 -18.12
CA ALA A 539 -34.22 -24.67 -18.03
C ALA A 539 -35.57 -24.97 -17.41
N VAL A 540 -36.23 -26.04 -17.88
CA VAL A 540 -37.54 -26.37 -17.31
C VAL A 540 -37.38 -26.80 -15.85
N ALA A 541 -36.28 -27.48 -15.52
CA ALA A 541 -36.07 -27.89 -14.14
C ALA A 541 -35.94 -26.66 -13.25
N HIS A 542 -35.19 -25.67 -13.72
CA HIS A 542 -35.02 -24.45 -12.93
C HIS A 542 -36.36 -23.74 -12.78
N ALA A 543 -37.18 -23.78 -13.84
CA ALA A 543 -38.49 -23.14 -13.76
C ALA A 543 -39.35 -23.84 -12.71
N VAL A 544 -39.26 -25.17 -12.66
CA VAL A 544 -40.03 -25.93 -11.67
C VAL A 544 -39.57 -25.57 -10.27
N TYR A 545 -38.25 -25.46 -10.09
CA TYR A 545 -37.71 -25.09 -8.77
C TYR A 545 -38.21 -23.72 -8.36
N GLN A 546 -38.21 -22.78 -9.31
CA GLN A 546 -38.67 -21.42 -9.04
C GLN A 546 -40.15 -21.43 -8.65
N ALA A 547 -40.96 -22.19 -9.38
CA ALA A 547 -42.38 -22.26 -9.07
C ALA A 547 -42.62 -22.85 -7.69
N VAL A 548 -41.85 -23.89 -7.34
CA VAL A 548 -42.01 -24.51 -6.03
C VAL A 548 -41.61 -23.53 -4.93
N LEU A 549 -40.50 -22.82 -5.13
CA LEU A 549 -40.02 -21.86 -4.14
C LEU A 549 -40.85 -20.58 -4.11
N SER A 550 -41.75 -20.38 -5.07
CA SER A 550 -42.60 -19.20 -5.12
C SER A 550 -43.98 -19.44 -4.52
N LEU A 551 -44.06 -20.27 -3.49
CA LEU A 551 -45.34 -20.57 -2.86
C LEU A 551 -45.74 -19.43 -1.93
N LYS A 552 -46.81 -19.64 -1.15
CA LYS A 552 -47.30 -18.63 -0.22
C LYS A 552 -47.42 -19.11 1.22
N ASN A 553 -47.48 -20.41 1.47
CA ASN A 553 -47.61 -20.92 2.83
C ASN A 553 -46.23 -21.25 3.38
N ILE A 554 -45.90 -20.68 4.54
CA ILE A 554 -44.60 -20.93 5.16
C ILE A 554 -44.43 -22.39 5.56
N PRO A 555 -45.41 -23.06 6.19
CA PRO A 555 -45.18 -24.48 6.55
C PRO A 555 -44.91 -25.39 5.37
N VAL A 556 -45.55 -25.17 4.22
CA VAL A 556 -45.30 -26.05 3.09
C VAL A 556 -43.96 -25.75 2.42
N LEU A 557 -43.46 -24.52 2.57
CA LEU A 557 -42.18 -24.15 1.97
C LEU A 557 -41.00 -24.44 2.88
N GLU A 558 -41.24 -24.54 4.19
CA GLU A 558 -40.15 -24.82 5.12
C GLU A 558 -39.52 -26.18 4.86
N THR A 559 -40.35 -27.20 4.59
CA THR A 559 -39.80 -28.53 4.32
C THR A 559 -38.95 -28.52 3.05
N ALA A 560 -39.40 -27.82 2.01
CA ALA A 560 -38.63 -27.77 0.78
C ALA A 560 -37.31 -27.05 1.00
N TYR A 561 -37.35 -25.93 1.73
CA TYR A 561 -36.12 -25.19 1.99
C TYR A 561 -35.16 -26.04 2.80
N LYS A 562 -35.67 -26.77 3.80
CA LYS A 562 -34.81 -27.60 4.62
C LYS A 562 -34.20 -28.71 3.78
N LEU A 563 -34.98 -29.29 2.86
CA LEU A 563 -34.45 -30.35 2.02
C LEU A 563 -33.34 -29.82 1.13
N ILE A 564 -33.53 -28.63 0.56
CA ILE A 564 -32.49 -28.04 -0.30
C ILE A 564 -31.24 -27.77 0.53
N LEU A 565 -31.41 -27.22 1.73
CA LEU A 565 -30.26 -26.95 2.58
C LEU A 565 -29.55 -28.24 2.94
N GLY A 566 -30.30 -29.30 3.20
CA GLY A 566 -29.67 -30.58 3.54
C GLY A 566 -28.87 -31.11 2.38
N GLU A 567 -29.41 -31.00 1.16
CA GLU A 567 -28.69 -31.49 -0.01
C GLU A 567 -27.41 -30.69 -0.19
N MET A 568 -27.48 -29.37 -0.01
CA MET A 568 -26.29 -28.53 -0.16
C MET A 568 -25.26 -28.90 0.89
N THR A 569 -25.71 -29.13 2.13
CA THR A 569 -24.78 -29.48 3.21
C THR A 569 -24.12 -30.82 2.91
N CYS A 570 -24.89 -31.78 2.41
CA CYS A 570 -24.32 -33.09 2.10
C CYS A 570 -23.27 -32.96 1.01
N ALA A 571 -23.56 -32.18 -0.03
CA ALA A 571 -22.60 -32.01 -1.11
C ALA A 571 -21.35 -31.33 -0.60
N LEU A 572 -21.51 -30.31 0.25
CA LEU A 572 -20.36 -29.60 0.80
C LEU A 572 -19.52 -30.54 1.66
N ASN A 573 -20.18 -31.38 2.46
CA ASN A 573 -19.44 -32.31 3.31
C ASN A 573 -18.66 -33.29 2.45
N ASN A 574 -19.27 -33.77 1.37
CA ASN A 574 -18.57 -34.71 0.49
C ASN A 574 -17.35 -34.04 -0.13
N LEU A 575 -17.52 -32.79 -0.57
CA LEU A 575 -16.41 -32.06 -1.18
C LEU A 575 -15.28 -31.86 -0.18
N LEU A 576 -15.62 -31.50 1.06
CA LEU A 576 -14.61 -31.30 2.09
C LEU A 576 -13.88 -32.61 2.39
N HIS A 577 -14.62 -33.71 2.48
CA HIS A 577 -13.99 -34.99 2.77
C HIS A 577 -13.11 -35.45 1.62
N SER A 578 -13.45 -35.06 0.39
CA SER A 578 -12.65 -35.45 -0.76
C SER A 578 -11.25 -34.85 -0.75
N LEU A 579 -11.02 -33.79 0.04
CA LEU A 579 -9.71 -33.15 0.12
C LEU A 579 -9.11 -33.26 1.52
N GLN A 580 -9.60 -34.22 2.33
CA GLN A 580 -9.12 -34.46 3.69
C GLN A 580 -9.28 -33.21 4.58
N LEU A 581 -10.55 -32.85 4.79
CA LEU A 581 -10.91 -31.70 5.61
C LEU A 581 -12.06 -32.08 6.52
N PRO A 582 -12.03 -31.67 7.78
CA PRO A 582 -13.12 -32.01 8.70
C PRO A 582 -14.42 -31.33 8.29
N GLU A 583 -15.53 -32.02 8.55
CA GLU A 583 -16.85 -31.50 8.22
C GLU A 583 -17.26 -30.41 9.19
N ALA A 584 -18.16 -29.54 8.74
CA ALA A 584 -18.67 -28.43 9.54
C ALA A 584 -20.01 -28.01 8.96
N CYS A 585 -20.53 -26.88 9.46
CA CYS A 585 -21.81 -26.32 9.01
C CYS A 585 -22.93 -27.35 9.14
N SER A 586 -22.99 -28.00 10.31
CA SER A 586 -24.00 -29.01 10.59
C SER A 586 -25.28 -28.42 11.16
N GLU A 587 -25.36 -27.10 11.32
CA GLU A 587 -26.56 -26.47 11.86
C GLU A 587 -27.77 -26.60 10.95
N ILE A 588 -27.57 -26.92 9.67
CA ILE A 588 -28.66 -27.07 8.72
C ILE A 588 -28.72 -28.49 8.17
N LYS A 589 -28.07 -29.43 8.86
CA LYS A 589 -28.06 -30.82 8.42
C LYS A 589 -29.47 -31.41 8.48
N HIS A 590 -29.80 -32.25 7.50
CA HIS A 590 -31.09 -32.90 7.41
C HIS A 590 -30.92 -34.41 7.51
N GLU A 591 -31.92 -35.06 8.12
CA GLU A 591 -31.88 -36.51 8.28
C GLU A 591 -32.00 -37.25 6.96
N ALA A 592 -32.51 -36.60 5.91
CA ALA A 592 -32.67 -37.27 4.63
C ALA A 592 -31.33 -37.59 3.97
N PHE A 593 -30.26 -36.92 4.37
CA PHE A 593 -28.94 -37.16 3.80
C PHE A 593 -27.96 -37.57 4.88
N LYS A 594 -28.38 -38.51 5.75
CA LYS A 594 -27.52 -38.98 6.82
C LYS A 594 -26.25 -39.64 6.29
N ASN A 595 -26.38 -40.46 5.25
CA ASN A 595 -25.24 -41.15 4.65
C ASN A 595 -25.39 -41.25 3.13
N HIS A 596 -24.82 -40.28 2.42
CA HIS A 596 -24.88 -40.24 0.97
C HIS A 596 -23.50 -39.91 0.42
N VAL A 597 -23.20 -40.45 -0.75
CA VAL A 597 -21.92 -40.23 -1.41
C VAL A 597 -22.17 -39.50 -2.73
N PHE A 598 -21.52 -38.37 -2.90
CA PHE A 598 -21.64 -37.54 -4.10
C PHE A 598 -20.26 -37.30 -4.70
N ASN A 599 -20.18 -37.38 -6.02
CA ASN A 599 -18.90 -37.17 -6.70
C ASN A 599 -18.53 -35.69 -6.63
N VAL A 600 -17.25 -35.42 -6.89
CA VAL A 600 -16.76 -34.04 -6.85
C VAL A 600 -17.51 -33.19 -7.87
N ASP A 601 -17.57 -33.64 -9.11
CA ASP A 601 -18.26 -32.88 -10.15
C ASP A 601 -19.76 -32.83 -9.84
N ASN A 602 -20.33 -33.95 -9.41
CA ASN A 602 -21.76 -33.99 -9.10
C ASN A 602 -22.08 -33.04 -7.96
N ALA A 603 -21.27 -33.05 -6.90
CA ALA A 603 -21.52 -32.17 -5.77
C ALA A 603 -21.39 -30.71 -6.18
N LYS A 604 -20.37 -30.39 -6.98
CA LYS A 604 -20.19 -29.01 -7.42
C LYS A 604 -21.38 -28.55 -8.25
N PHE A 605 -21.84 -29.39 -9.17
CA PHE A 605 -22.98 -29.04 -10.01
C PHE A 605 -24.24 -28.87 -9.17
N VAL A 606 -24.44 -29.75 -8.18
CA VAL A 606 -25.62 -29.66 -7.33
C VAL A 606 -25.60 -28.36 -6.54
N VAL A 607 -24.44 -28.01 -5.97
CA VAL A 607 -24.34 -26.78 -5.19
C VAL A 607 -24.61 -25.57 -6.08
N ILE A 608 -24.03 -25.56 -7.29
CA ILE A 608 -24.24 -24.43 -8.19
C ILE A 608 -25.70 -24.32 -8.58
N PHE A 609 -26.35 -25.44 -8.89
CA PHE A 609 -27.76 -25.42 -9.27
C PHE A 609 -28.62 -24.92 -8.12
N ASP A 610 -28.33 -25.38 -6.90
CA ASP A 610 -29.11 -24.94 -5.75
C ASP A 610 -28.95 -23.45 -5.52
N LEU A 611 -27.70 -22.95 -5.63
CA LEU A 611 -27.47 -21.53 -5.43
C LEU A 611 -28.21 -20.72 -6.48
N SER A 612 -28.20 -21.19 -7.73
CA SER A 612 -28.89 -20.47 -8.79
C SER A 612 -30.39 -20.48 -8.57
N ALA A 613 -30.93 -21.60 -8.08
CA ALA A 613 -32.36 -21.69 -7.82
C ALA A 613 -32.78 -20.82 -6.66
N LEU A 614 -31.89 -20.63 -5.67
CA LEU A 614 -32.22 -19.79 -4.52
C LEU A 614 -32.39 -18.32 -4.89
N THR A 615 -31.98 -17.92 -6.09
CA THR A 615 -32.11 -16.53 -6.50
C THR A 615 -33.58 -16.09 -6.54
N THR A 616 -34.50 -17.03 -6.72
CA THR A 616 -35.91 -16.67 -6.76
C THR A 616 -36.33 -16.02 -5.45
N ILE A 617 -35.92 -16.60 -4.32
CA ILE A 617 -36.27 -16.05 -3.02
C ILE A 617 -35.32 -14.91 -2.68
N GLY A 618 -34.06 -15.03 -3.08
CA GLY A 618 -33.09 -13.98 -2.79
C GLY A 618 -33.40 -12.68 -3.50
N ASN A 619 -33.93 -12.76 -4.72
CA ASN A 619 -34.28 -11.58 -5.51
C ASN A 619 -35.77 -11.23 -5.40
N ALA A 620 -36.45 -11.78 -4.41
CA ALA A 620 -37.87 -11.50 -4.22
C ALA A 620 -38.08 -10.04 -3.82
N LYS A 621 -39.23 -9.50 -4.22
CA LYS A 621 -39.60 -8.12 -3.93
C LYS A 621 -40.64 -8.04 -2.81
N ASN A 622 -40.57 -8.95 -1.85
CA ASN A 622 -41.49 -9.00 -0.71
C ASN A 622 -42.95 -9.08 -1.17
N TRP A 628 -41.31 -13.56 2.92
CA TRP A 628 -40.91 -14.87 3.43
C TRP A 628 -39.91 -14.71 4.58
N ALA A 629 -40.34 -15.09 5.79
CA ALA A 629 -39.52 -15.01 6.99
C ALA A 629 -39.27 -16.43 7.49
N LEU A 630 -38.21 -17.05 6.98
CA LEU A 630 -37.85 -18.40 7.37
C LEU A 630 -36.82 -18.36 8.49
N SER A 631 -36.53 -19.54 9.06
CA SER A 631 -35.55 -19.59 10.15
C SER A 631 -34.16 -19.19 9.64
N PRO A 632 -33.54 -19.91 8.68
CA PRO A 632 -32.21 -19.50 8.21
C PRO A 632 -32.35 -18.40 7.16
N THR A 633 -32.00 -17.18 7.54
CA THR A 633 -32.10 -16.06 6.62
C THR A 633 -31.12 -16.23 5.46
N VAL A 634 -31.58 -15.87 4.26
CA VAL A 634 -30.74 -16.00 3.08
C VAL A 634 -29.46 -15.16 3.24
N PHE A 635 -29.60 -13.94 3.75
CA PHE A 635 -28.44 -13.08 3.95
C PHE A 635 -27.46 -13.72 4.90
N ALA A 636 -27.95 -14.22 6.04
CA ALA A 636 -27.06 -14.87 7.01
C ALA A 636 -26.55 -16.19 6.48
N LEU A 637 -27.35 -16.88 5.67
CA LEU A 637 -26.92 -18.17 5.11
C LEU A 637 -25.74 -17.98 4.17
N LEU A 638 -25.78 -16.96 3.33
CA LEU A 638 -24.70 -16.69 2.39
C LEU A 638 -23.60 -15.81 2.97
N SER A 639 -23.78 -15.25 4.16
CA SER A 639 -22.79 -14.39 4.78
C SER A 639 -22.17 -14.95 6.05
N LYS A 640 -22.89 -15.78 6.80
CA LYS A 640 -22.37 -16.34 8.05
C LYS A 640 -22.41 -17.86 8.08
N ASN A 641 -23.48 -18.49 7.57
CA ASN A 641 -23.56 -19.94 7.58
C ASN A 641 -22.53 -20.56 6.64
N LEU A 642 -22.46 -20.07 5.41
CA LEU A 642 -21.51 -20.60 4.42
C LEU A 642 -20.20 -19.81 4.42
N MET A 643 -19.60 -19.68 5.60
CA MET A 643 -18.34 -18.95 5.74
C MET A 643 -17.12 -19.85 5.56
N ILE A 644 -17.32 -21.16 5.45
CA ILE A 644 -16.19 -22.08 5.27
C ILE A 644 -15.69 -22.11 3.84
N VAL A 645 -16.47 -21.61 2.88
CA VAL A 645 -16.03 -21.62 1.48
C VAL A 645 -14.88 -20.64 1.24
N HIS A 646 -14.71 -19.63 2.10
CA HIS A 646 -13.64 -18.66 1.94
C HIS A 646 -12.35 -19.06 2.65
N SER A 647 -12.37 -20.16 3.41
CA SER A 647 -11.17 -20.59 4.12
C SER A 647 -10.23 -21.36 3.21
N ASP A 648 -10.68 -22.50 2.67
CA ASP A 648 -9.87 -23.32 1.79
C ASP A 648 -10.57 -23.75 0.52
N LEU A 649 -11.90 -23.73 0.46
CA LEU A 649 -12.60 -24.16 -0.75
C LEU A 649 -12.37 -23.20 -1.91
N ALA A 650 -12.04 -21.94 -1.63
CA ALA A 650 -11.80 -20.97 -2.70
C ALA A 650 -10.55 -21.29 -3.50
N VAL A 651 -9.69 -22.17 -2.99
CA VAL A 651 -8.47 -22.54 -3.69
C VAL A 651 -8.70 -23.67 -4.68
N HIS A 652 -9.45 -24.70 -4.28
CA HIS A 652 -9.72 -25.82 -5.17
C HIS A 652 -11.03 -25.69 -5.92
N PHE A 653 -12.04 -25.06 -5.33
CA PHE A 653 -13.34 -24.87 -5.96
C PHE A 653 -13.78 -23.41 -5.85
N PRO A 654 -13.19 -22.53 -6.67
CA PRO A 654 -13.59 -21.11 -6.59
C PRO A 654 -14.96 -20.84 -7.18
N ALA A 655 -15.53 -21.78 -7.93
CA ALA A 655 -16.84 -21.57 -8.51
C ALA A 655 -17.91 -21.41 -7.43
N ILE A 656 -17.83 -22.20 -6.36
CA ILE A 656 -18.81 -22.10 -5.28
C ILE A 656 -18.74 -20.72 -4.64
N GLN A 657 -17.52 -20.26 -4.34
CA GLN A 657 -17.35 -18.95 -3.72
C GLN A 657 -17.88 -17.85 -4.63
N TYR A 658 -17.58 -17.94 -5.93
CA TYR A 658 -18.05 -16.93 -6.88
C TYR A 658 -19.57 -16.92 -6.94
N ALA A 659 -20.19 -18.10 -6.96
CA ALA A 659 -21.64 -18.18 -7.02
C ALA A 659 -22.28 -17.61 -5.77
N VAL A 660 -21.72 -17.92 -4.60
CA VAL A 660 -22.27 -17.40 -3.35
C VAL A 660 -22.17 -15.89 -3.32
N LEU A 661 -20.99 -15.35 -3.69
CA LEU A 661 -20.80 -13.91 -3.69
C LEU A 661 -21.73 -13.24 -4.70
N TYR A 662 -21.90 -13.84 -5.87
CA TYR A 662 -22.78 -13.27 -6.88
C TYR A 662 -24.22 -13.23 -6.39
N THR A 663 -24.68 -14.32 -5.76
CA THR A 663 -26.05 -14.37 -5.27
C THR A 663 -26.25 -13.31 -4.18
N LEU A 664 -25.30 -13.19 -3.27
CA LEU A 664 -25.42 -12.20 -2.20
C LEU A 664 -25.43 -10.80 -2.78
N TYR A 665 -24.57 -10.53 -3.77
CA TYR A 665 -24.52 -9.20 -4.37
C TYR A 665 -25.81 -8.89 -5.10
N SER A 666 -26.36 -9.87 -5.82
CA SER A 666 -27.61 -9.64 -6.54
C SER A 666 -28.76 -9.40 -5.59
N HIS A 667 -28.76 -10.08 -4.43
CA HIS A 667 -29.84 -9.88 -3.47
C HIS A 667 -29.71 -8.55 -2.74
N CYS A 668 -28.48 -8.10 -2.47
CA CYS A 668 -28.27 -6.85 -1.77
C CYS A 668 -28.44 -5.63 -2.66
N THR A 669 -28.08 -5.72 -3.95
CA THR A 669 -28.21 -4.58 -4.85
C THR A 669 -29.67 -4.23 -5.13
N ARG A 670 -30.60 -5.16 -4.94
CA ARG A 670 -32.01 -4.87 -5.20
C ARG A 670 -32.67 -4.09 -4.08
N HIS A 671 -32.02 -3.99 -2.92
CA HIS A 671 -32.57 -3.27 -1.77
C HIS A 671 -31.70 -2.08 -1.38
N ASP A 672 -30.98 -1.51 -2.36
CA ASP A 672 -30.10 -0.36 -2.15
C ASP A 672 -29.03 -0.64 -1.09
N HIS A 673 -28.52 -1.88 -1.10
CA HIS A 673 -27.49 -2.34 -0.18
C HIS A 673 -27.86 -2.16 1.29
N PHE A 674 -29.16 -2.03 1.59
CA PHE A 674 -29.65 -1.85 2.96
C PHE A 674 -28.99 -0.64 3.63
N ILE A 675 -29.19 0.53 3.03
CA ILE A 675 -28.64 1.78 3.54
C ILE A 675 -29.67 2.56 4.35
N SER A 676 -30.93 2.57 3.90
CA SER A 676 -31.96 3.31 4.62
C SER A 676 -32.18 2.74 6.01
N SER A 677 -32.13 1.42 6.15
CA SER A 677 -32.32 0.80 7.47
C SER A 677 -31.21 1.20 8.44
N SER A 678 -29.98 1.24 7.96
CA SER A 678 -28.85 1.61 8.81
C SER A 678 -28.84 3.12 9.09
N THR A 694 -40.54 -3.69 11.76
CA THR A 694 -40.49 -5.12 11.48
C THR A 694 -39.33 -5.44 10.55
N VAL A 695 -39.54 -5.23 9.24
CA VAL A 695 -38.50 -5.52 8.26
C VAL A 695 -37.30 -4.59 8.46
N THR A 696 -37.57 -3.31 8.72
CA THR A 696 -36.47 -2.36 8.93
C THR A 696 -35.64 -2.74 10.14
N THR A 697 -36.29 -3.13 11.24
CA THR A 697 -35.55 -3.51 12.44
C THR A 697 -34.72 -4.77 12.21
N ALA A 698 -35.22 -5.69 11.38
CA ALA A 698 -34.48 -6.92 11.11
C ALA A 698 -33.22 -6.65 10.30
N THR A 699 -33.24 -5.66 9.42
CA THR A 699 -32.09 -5.31 8.60
C THR A 699 -31.32 -4.11 9.14
N LYS A 700 -31.26 -3.96 10.46
CA LYS A 700 -30.56 -2.86 11.10
C LYS A 700 -29.06 -3.11 11.25
N LYS A 701 -28.59 -4.31 10.92
CA LYS A 701 -27.17 -4.64 11.03
C LYS A 701 -26.69 -5.38 9.79
N HIS A 702 -27.08 -4.89 8.62
CA HIS A 702 -26.70 -5.50 7.35
C HIS A 702 -25.56 -4.77 6.65
N PHE A 703 -25.58 -3.43 6.65
CA PHE A 703 -24.52 -2.68 5.99
C PHE A 703 -23.18 -2.93 6.67
N SER A 704 -23.16 -2.99 8.00
CA SER A 704 -21.91 -3.25 8.71
C SER A 704 -21.35 -4.61 8.35
N ILE A 705 -22.22 -5.62 8.27
CA ILE A 705 -21.77 -6.96 7.91
C ILE A 705 -21.23 -6.98 6.50
N ILE A 706 -21.91 -6.30 5.58
CA ILE A 706 -21.46 -6.27 4.19
C ILE A 706 -20.09 -5.62 4.09
N LEU A 707 -19.91 -4.48 4.78
CA LEU A 707 -18.63 -3.80 4.76
C LEU A 707 -17.53 -4.65 5.37
N ASN A 708 -17.83 -5.33 6.49
CA ASN A 708 -16.82 -6.17 7.12
C ASN A 708 -16.42 -7.32 6.19
N LEU A 709 -17.40 -7.94 5.55
CA LEU A 709 -17.10 -9.04 4.63
C LEU A 709 -16.25 -8.55 3.47
N LEU A 710 -16.59 -7.38 2.92
CA LEU A 710 -15.82 -6.84 1.81
C LEU A 710 -14.39 -6.55 2.24
N GLY A 711 -14.21 -5.98 3.44
CA GLY A 711 -12.88 -5.69 3.91
C GLY A 711 -12.04 -6.94 4.12
N ILE A 712 -12.65 -7.98 4.72
CA ILE A 712 -11.92 -9.22 4.97
C ILE A 712 -11.53 -9.88 3.64
N LEU A 713 -12.45 -9.90 2.68
CA LEU A 713 -12.13 -10.53 1.39
C LEU A 713 -11.09 -9.74 0.62
N LEU A 714 -11.24 -8.41 0.54
CA LEU A 714 -10.27 -7.60 -0.20
C LEU A 714 -8.89 -7.60 0.45
N LYS A 715 -8.83 -7.65 1.79
CA LYS A 715 -7.53 -7.66 2.46
C LYS A 715 -6.74 -8.92 2.17
N LYS A 716 -7.39 -9.98 1.70
CA LYS A 716 -6.69 -11.21 1.40
C LYS A 716 -5.76 -11.03 0.19
N ASP A 717 -4.81 -11.96 0.06
CA ASP A 717 -3.85 -11.93 -1.03
C ASP A 717 -3.88 -13.21 -1.86
N ASN A 718 -4.88 -14.07 -1.67
CA ASN A 718 -5.02 -15.31 -2.40
C ASN A 718 -6.39 -15.42 -3.06
N LEU A 719 -6.81 -14.35 -3.72
CA LEU A 719 -8.11 -14.31 -4.40
C LEU A 719 -7.94 -14.57 -5.89
N ASN A 720 -9.04 -14.98 -6.53
CA ASN A 720 -9.05 -15.26 -7.95
C ASN A 720 -9.34 -13.97 -8.73
N GLN A 721 -8.99 -14.00 -10.02
CA GLN A 721 -9.21 -12.83 -10.87
C GLN A 721 -10.69 -12.48 -10.96
N ASP A 722 -11.54 -13.47 -11.24
CA ASP A 722 -12.97 -13.21 -11.35
C ASP A 722 -13.54 -12.73 -10.01
N THR A 723 -13.15 -13.41 -8.92
CA THR A 723 -13.65 -13.02 -7.60
C THR A 723 -13.19 -11.60 -7.25
N ARG A 724 -11.92 -11.29 -7.54
CA ARG A 724 -11.41 -9.96 -7.24
C ARG A 724 -12.15 -8.90 -8.05
N LYS A 725 -12.42 -9.19 -9.32
CA LYS A 725 -13.14 -8.23 -10.16
C LYS A 725 -14.54 -8.00 -9.63
N LEU A 726 -15.24 -9.08 -9.24
CA LEU A 726 -16.59 -8.93 -8.73
C LEU A 726 -16.58 -8.13 -7.44
N LEU A 727 -15.63 -8.42 -6.55
CA LEU A 727 -15.55 -7.70 -5.29
C LEU A 727 -15.24 -6.23 -5.53
N MET A 728 -14.37 -5.94 -6.51
CA MET A 728 -14.04 -4.55 -6.81
C MET A 728 -15.26 -3.82 -7.34
N THR A 729 -16.05 -4.48 -8.19
CA THR A 729 -17.25 -3.83 -8.72
C THR A 729 -18.23 -3.54 -7.59
N TRP A 730 -18.39 -4.51 -6.68
CA TRP A 730 -19.30 -4.32 -5.56
C TRP A 730 -18.82 -3.17 -4.68
N ALA A 731 -17.51 -3.10 -4.44
CA ALA A 731 -16.95 -2.04 -3.62
C ALA A 731 -17.17 -0.68 -4.27
N LEU A 732 -16.97 -0.60 -5.59
CA LEU A 732 -17.16 0.66 -6.29
C LEU A 732 -18.62 1.10 -6.20
N GLU A 733 -19.54 0.15 -6.38
CA GLU A 733 -20.97 0.49 -6.31
C GLU A 733 -21.32 0.99 -4.91
N ALA A 734 -20.80 0.31 -3.88
CA ALA A 734 -21.09 0.72 -2.51
C ALA A 734 -20.52 2.11 -2.23
N ALA A 735 -19.31 2.37 -2.72
CA ALA A 735 -18.68 3.67 -2.49
C ALA A 735 -19.47 4.78 -3.18
N VAL A 736 -19.91 4.54 -4.42
CA VAL A 736 -20.67 5.55 -5.13
C VAL A 736 -22.01 5.80 -4.45
N LEU A 737 -22.69 4.73 -4.01
CA LEU A 737 -23.98 4.89 -3.35
C LEU A 737 -23.82 5.56 -1.99
N MET A 738 -22.66 5.39 -1.34
CA MET A 738 -22.45 6.01 -0.03
C MET A 738 -22.47 7.52 -0.11
N ARG A 739 -22.07 8.08 -1.26
CA ARG A 739 -22.03 9.52 -1.47
C ARG A 739 -23.30 10.05 -2.12
N LYS A 740 -24.31 9.20 -2.33
CA LYS A 740 -25.55 9.66 -2.96
C LYS A 740 -26.31 10.67 -2.11
N SER A 741 -26.08 10.69 -0.80
CA SER A 741 -26.77 11.63 0.07
C SER A 741 -25.86 12.02 1.23
N GLU A 742 -26.19 13.16 1.85
CA GLU A 742 -25.43 13.69 2.96
C GLU A 742 -25.92 13.17 4.31
N THR A 743 -27.00 12.40 4.34
CA THR A 743 -27.54 11.87 5.58
C THR A 743 -26.80 10.63 6.08
N TYR A 744 -25.85 10.12 5.29
CA TYR A 744 -25.08 8.94 5.66
C TYR A 744 -23.75 9.29 6.30
N ALA A 745 -23.62 10.51 6.84
CA ALA A 745 -22.39 10.93 7.48
C ALA A 745 -21.94 10.04 8.65
N PRO A 746 -22.82 9.60 9.56
CA PRO A 746 -22.33 8.75 10.67
C PRO A 746 -21.72 7.43 10.21
N LEU A 747 -21.98 6.99 8.98
CA LEU A 747 -21.42 5.74 8.48
C LEU A 747 -19.92 5.80 8.26
N PHE A 748 -19.31 6.98 8.34
CA PHE A 748 -17.88 7.14 8.13
C PHE A 748 -17.06 6.91 9.40
N SER A 749 -17.69 6.57 10.53
CA SER A 749 -16.97 6.33 11.77
C SER A 749 -16.99 4.89 12.24
N LEU A 750 -17.83 4.03 11.67
CA LEU A 750 -17.88 2.65 12.09
C LEU A 750 -16.61 1.91 11.69
N PRO A 751 -16.19 0.92 12.49
CA PRO A 751 -14.96 0.18 12.15
C PRO A 751 -15.05 -0.52 10.81
N SER A 752 -16.27 -0.90 10.39
CA SER A 752 -16.43 -1.57 9.12
C SER A 752 -15.95 -0.69 7.98
N PHE A 753 -16.24 0.62 8.07
CA PHE A 753 -15.82 1.55 7.03
C PHE A 753 -14.30 1.61 6.97
N HIS A 754 -13.64 1.62 8.14
CA HIS A 754 -12.18 1.66 8.16
C HIS A 754 -11.61 0.41 7.53
N LYS A 755 -12.18 -0.75 7.83
CA LYS A 755 -11.68 -1.99 7.26
C LYS A 755 -11.88 -1.98 5.74
N PHE A 756 -13.02 -1.45 5.29
CA PHE A 756 -13.31 -1.38 3.86
C PHE A 756 -12.28 -0.49 3.17
N CYS A 757 -11.96 0.65 3.80
CA CYS A 757 -10.99 1.56 3.20
C CYS A 757 -9.62 0.90 3.15
N LYS A 758 -9.27 0.15 4.20
CA LYS A 758 -7.98 -0.53 4.21
C LYS A 758 -7.91 -1.53 3.07
N GLY A 759 -9.00 -2.28 2.86
CA GLY A 759 -9.02 -3.25 1.79
C GLY A 759 -8.88 -2.59 0.44
N LEU A 760 -9.58 -1.46 0.25
CA LEU A 760 -9.50 -0.75 -1.01
C LEU A 760 -8.07 -0.25 -1.26
N LEU A 761 -7.43 0.26 -0.21
CA LEU A 761 -6.06 0.75 -0.35
C LEU A 761 -5.10 -0.38 -0.65
N ALA A 762 -5.35 -1.57 -0.10
CA ALA A 762 -4.49 -2.71 -0.35
C ALA A 762 -4.75 -3.34 -1.72
N ASN A 763 -5.91 -3.06 -2.32
CA ASN A 763 -6.21 -3.64 -3.63
C ASN A 763 -5.39 -3.00 -4.74
N THR A 764 -5.09 -1.72 -4.65
CA THR A 764 -4.31 -1.06 -5.69
C THR A 764 -2.85 -1.54 -5.66
N LEU A 765 -2.08 -1.05 -6.63
CA LEU A 765 -0.67 -1.39 -6.77
C LEU A 765 -0.47 -2.89 -6.97
N VAL A 766 -1.14 -3.42 -7.99
CA VAL A 766 -1.06 -4.84 -8.32
C VAL A 766 -0.73 -4.99 -9.80
N GLU A 767 -0.54 -6.23 -10.25
CA GLU A 767 -0.22 -6.46 -11.65
C GLU A 767 -1.38 -6.07 -12.56
N ASP A 768 -2.61 -6.36 -12.15
CA ASP A 768 -3.77 -6.01 -12.97
C ASP A 768 -3.95 -4.51 -13.06
N VAL A 769 -4.36 -4.04 -14.23
CA VAL A 769 -4.57 -2.61 -14.46
C VAL A 769 -6.01 -2.21 -14.17
N ASN A 770 -6.97 -3.04 -14.58
CA ASN A 770 -8.37 -2.73 -14.34
C ASN A 770 -8.67 -2.63 -12.85
N ILE A 771 -8.08 -3.52 -12.05
CA ILE A 771 -8.31 -3.49 -10.61
C ILE A 771 -7.79 -2.18 -10.03
N CYS A 772 -6.61 -1.76 -10.46
CA CYS A 772 -6.04 -0.51 -9.96
C CYS A 772 -6.92 0.67 -10.36
N LEU A 773 -7.41 0.67 -11.60
CA LEU A 773 -8.25 1.76 -12.05
C LEU A 773 -9.55 1.81 -11.23
N GLN A 774 -10.15 0.66 -10.97
CA GLN A 774 -11.38 0.62 -10.19
C GLN A 774 -11.13 1.11 -8.78
N ALA A 775 -10.03 0.69 -8.17
CA ALA A 775 -9.71 1.12 -6.81
C ALA A 775 -9.48 2.62 -6.77
N CYS A 776 -8.77 3.16 -7.76
CA CYS A 776 -8.51 4.60 -7.80
C CYS A 776 -9.81 5.36 -7.97
N SER A 777 -10.71 4.88 -8.82
CA SER A 777 -11.98 5.57 -9.03
C SER A 777 -12.79 5.56 -7.75
N SER A 778 -12.83 4.41 -7.06
CA SER A 778 -13.59 4.31 -5.82
C SER A 778 -13.02 5.25 -4.76
N LEU A 779 -11.69 5.30 -4.65
CA LEU A 779 -11.06 6.19 -3.68
C LEU A 779 -11.33 7.64 -4.01
N HIS A 780 -11.30 8.00 -5.30
CA HIS A 780 -11.55 9.38 -5.69
C HIS A 780 -13.00 9.76 -5.48
N ALA A 781 -13.90 8.79 -5.52
CA ALA A 781 -15.33 9.07 -5.34
C ALA A 781 -15.56 9.70 -3.97
N LEU A 782 -15.28 8.94 -2.90
CA LEU A 782 -15.45 9.45 -1.54
C LEU A 782 -14.12 9.97 -0.99
N SER A 783 -13.55 10.93 -1.72
CA SER A 783 -12.29 11.52 -1.31
C SER A 783 -12.41 12.21 0.05
N SER A 784 -13.51 12.90 0.28
CA SER A 784 -13.72 13.60 1.54
C SER A 784 -14.16 12.62 2.62
N SER A 785 -14.28 13.14 3.84
CA SER A 785 -14.68 12.43 5.06
C SER A 785 -13.66 11.39 5.52
N LEU A 786 -12.53 11.23 4.82
CA LEU A 786 -11.56 10.25 5.26
C LEU A 786 -10.58 10.87 6.25
N PRO A 787 -10.10 10.09 7.21
CA PRO A 787 -9.15 10.62 8.20
C PRO A 787 -7.77 10.82 7.57
N ASP A 788 -6.91 11.51 8.32
CA ASP A 788 -5.55 11.78 7.85
C ASP A 788 -4.74 10.49 7.72
N ASP A 789 -5.08 9.46 8.50
CA ASP A 789 -4.35 8.20 8.42
C ASP A 789 -4.46 7.57 7.04
N LEU A 790 -5.66 7.58 6.46
CA LEU A 790 -5.85 6.99 5.13
C LEU A 790 -5.27 7.90 4.06
N LEU A 791 -5.43 9.22 4.21
CA LEU A 791 -4.91 10.15 3.22
C LEU A 791 -3.39 10.07 3.14
N GLN A 792 -2.73 9.84 4.29
CA GLN A 792 -1.27 9.76 4.29
C GLN A 792 -0.81 8.61 3.40
N ARG A 793 -1.48 7.46 3.49
CA ARG A 793 -1.09 6.32 2.67
C ARG A 793 -1.50 6.55 1.22
N CYS A 794 -2.63 7.23 1.01
CA CYS A 794 -3.09 7.49 -0.36
C CYS A 794 -2.08 8.37 -1.09
N VAL A 795 -1.47 9.33 -0.38
CA VAL A 795 -0.50 10.22 -1.01
C VAL A 795 0.69 9.40 -1.50
N ASP A 796 1.17 8.47 -0.66
CA ASP A 796 2.30 7.64 -1.04
C ASP A 796 1.94 6.75 -2.23
N VAL A 797 0.72 6.21 -2.23
CA VAL A 797 0.30 5.35 -3.33
C VAL A 797 0.27 6.14 -4.63
N CYS A 798 -0.28 7.36 -4.58
CA CYS A 798 -0.34 8.19 -5.78
C CYS A 798 1.06 8.57 -6.23
N ARG A 799 1.96 8.80 -5.28
CA ARG A 799 3.33 9.17 -5.61
C ARG A 799 4.04 8.05 -6.33
N VAL A 800 3.93 6.82 -5.82
CA VAL A 800 4.59 5.69 -6.46
C VAL A 800 3.92 5.37 -7.80
N GLN A 801 2.62 5.62 -7.93
CA GLN A 801 1.94 5.34 -9.18
C GLN A 801 2.01 6.48 -10.20
N LEU A 802 2.57 7.63 -9.83
CA LEU A 802 2.65 8.74 -10.77
C LEU A 802 3.50 8.39 -11.99
N VAL A 803 4.50 7.52 -11.81
CA VAL A 803 5.35 7.11 -12.92
C VAL A 803 5.10 5.64 -13.22
N HIS A 804 4.27 5.39 -14.24
CA HIS A 804 3.91 4.06 -14.67
C HIS A 804 4.11 3.93 -16.17
N SER A 805 4.32 2.69 -16.62
CA SER A 805 4.52 2.45 -18.05
C SER A 805 3.28 2.80 -18.87
N GLY A 806 2.09 2.74 -18.27
CA GLY A 806 0.87 3.05 -18.96
C GLY A 806 0.54 4.54 -18.93
N THR A 807 -0.63 4.86 -19.49
CA THR A 807 -1.11 6.24 -19.55
C THR A 807 -2.37 6.48 -18.74
N ARG A 808 -3.31 5.55 -18.74
CA ARG A 808 -4.55 5.72 -17.99
C ARG A 808 -4.27 5.74 -16.48
N ILE A 809 -3.36 4.88 -16.02
CA ILE A 809 -3.01 4.82 -14.60
C ILE A 809 -2.43 6.15 -14.14
N ARG A 810 -1.52 6.72 -14.94
CA ARG A 810 -0.89 7.99 -14.57
C ARG A 810 -1.94 9.09 -14.45
N GLN A 811 -2.85 9.19 -15.41
CA GLN A 811 -3.88 10.23 -15.35
C GLN A 811 -4.82 10.03 -14.16
N ALA A 812 -5.25 8.79 -13.92
CA ALA A 812 -6.14 8.54 -12.80
C ALA A 812 -5.49 8.90 -11.48
N PHE A 813 -4.25 8.44 -11.26
CA PHE A 813 -3.57 8.76 -10.01
C PHE A 813 -3.27 10.24 -9.93
N GLY A 814 -3.02 10.91 -11.06
CA GLY A 814 -2.75 12.33 -11.00
C GLY A 814 -3.97 13.09 -10.53
N LYS A 815 -5.15 12.71 -11.04
CA LYS A 815 -6.38 13.38 -10.63
C LYS A 815 -6.64 13.11 -9.15
N LEU A 816 -6.42 11.86 -8.72
CA LEU A 816 -6.63 11.52 -7.32
C LEU A 816 -5.73 12.34 -6.42
N LEU A 817 -4.46 12.50 -6.83
CA LEU A 817 -3.52 13.29 -6.05
C LEU A 817 -3.95 14.75 -6.00
N LYS A 818 -4.44 15.26 -7.13
CA LYS A 818 -4.88 16.65 -7.17
C LYS A 818 -6.10 16.87 -6.28
N SER A 819 -6.90 15.83 -6.05
CA SER A 819 -8.07 15.95 -5.19
C SER A 819 -7.73 15.89 -3.71
N ILE A 820 -6.50 15.58 -3.34
CA ILE A 820 -6.07 15.50 -1.95
C ILE A 820 -5.64 16.88 -1.46
N PRO A 821 -6.05 17.30 -0.26
CA PRO A 821 -5.65 18.62 0.23
C PRO A 821 -4.14 18.73 0.39
N LEU A 822 -3.63 19.95 0.19
CA LEU A 822 -2.20 20.21 0.31
C LEU A 822 -1.68 20.07 1.74
N ASP A 823 -2.56 20.16 2.73
CA ASP A 823 -2.12 20.04 4.13
C ASP A 823 -1.57 18.65 4.44
N VAL A 824 -1.88 17.64 3.62
CA VAL A 824 -1.41 16.28 3.85
C VAL A 824 -0.30 15.95 2.86
N VAL A 825 -0.36 16.52 1.67
CA VAL A 825 0.65 16.26 0.65
C VAL A 825 2.00 16.83 1.08
N LEU A 826 2.00 17.97 1.76
CA LEU A 826 3.23 18.61 2.21
C LEU A 826 3.70 18.09 3.57
N SER A 827 3.03 17.10 4.13
CA SER A 827 3.43 16.56 5.43
C SER A 827 4.77 15.85 5.31
N ASN A 828 5.51 15.84 6.43
CA ASN A 828 6.82 15.20 6.49
C ASN A 828 6.76 13.77 7.00
N ASN A 829 5.64 13.08 6.80
CA ASN A 829 5.49 11.71 7.25
C ASN A 829 6.29 10.77 6.33
N ASN A 830 6.70 9.64 6.91
CA ASN A 830 7.47 8.66 6.16
C ASN A 830 6.58 7.94 5.15
N HIS A 831 7.15 7.63 3.99
CA HIS A 831 6.44 6.93 2.92
C HIS A 831 6.89 5.48 2.89
N THR A 832 5.94 4.56 3.00
CA THR A 832 6.27 3.13 3.00
C THR A 832 6.61 2.64 1.59
N GLU A 833 5.91 3.11 0.57
CA GLU A 833 6.19 2.68 -0.80
C GLU A 833 7.60 3.07 -1.23
N ILE A 834 7.98 4.32 -0.97
CA ILE A 834 9.32 4.77 -1.36
C ILE A 834 10.37 3.96 -0.61
N GLN A 835 10.11 3.68 0.67
CA GLN A 835 11.05 2.90 1.46
C GLN A 835 11.18 1.50 0.88
N GLU A 836 10.07 0.91 0.43
CA GLU A 836 10.12 -0.42 -0.14
C GLU A 836 10.94 -0.41 -1.42
N ILE A 837 10.76 0.62 -2.24
CA ILE A 837 11.52 0.72 -3.49
C ILE A 837 13.01 0.82 -3.18
N SER A 838 13.35 1.64 -2.19
CA SER A 838 14.75 1.81 -1.81
C SER A 838 15.33 0.50 -1.29
N LEU A 839 14.54 -0.24 -0.50
CA LEU A 839 15.01 -1.51 0.02
C LEU A 839 15.26 -2.49 -1.11
N ALA A 840 14.37 -2.54 -2.10
CA ALA A 840 14.55 -3.44 -3.22
C ALA A 840 15.81 -3.08 -3.99
N LEU A 841 16.03 -1.79 -4.22
CA LEU A 841 17.23 -1.36 -4.94
C LEU A 841 18.49 -1.73 -4.17
N ARG A 842 18.47 -1.52 -2.85
CA ARG A 842 19.64 -1.85 -2.03
C ARG A 842 19.92 -3.34 -2.09
N SER A 843 18.86 -4.16 -2.00
CA SER A 843 19.04 -5.60 -2.06
C SER A 843 19.61 -6.01 -3.40
N HIS A 844 19.19 -5.34 -4.48
CA HIS A 844 19.70 -5.68 -5.80
C HIS A 844 21.18 -5.34 -5.92
N MET A 845 21.58 -4.16 -5.46
CA MET A 845 22.99 -3.78 -5.56
C MET A 845 23.86 -4.66 -4.65
N SER A 846 23.37 -5.00 -3.46
CA SER A 846 24.16 -5.82 -2.54
C SER A 846 24.41 -7.22 -3.09
N LYS A 847 23.67 -7.65 -4.10
CA LYS A 847 23.85 -8.97 -4.67
C LYS A 847 25.14 -9.02 -5.49
N ALA A 848 25.57 -10.25 -5.81
CA ALA A 848 26.78 -10.43 -6.58
C ALA A 848 26.57 -10.00 -8.03
N PRO A 849 27.62 -9.57 -8.73
CA PRO A 849 27.46 -9.15 -10.11
C PRO A 849 27.03 -10.30 -11.01
N SER A 850 26.26 -9.97 -12.04
CA SER A 850 25.77 -10.96 -12.99
C SER A 850 26.58 -11.02 -14.28
N ASN A 851 27.14 -9.89 -14.72
CA ASN A 851 27.94 -9.82 -15.94
C ASN A 851 27.16 -10.28 -17.16
N THR A 852 25.85 -10.03 -17.18
CA THR A 852 24.99 -10.42 -18.29
C THR A 852 24.58 -9.25 -19.17
N PHE A 853 25.09 -8.05 -18.90
CA PHE A 853 24.76 -6.88 -19.70
C PHE A 853 25.51 -6.92 -21.02
N HIS A 854 24.77 -7.00 -22.13
CA HIS A 854 25.35 -7.04 -23.45
C HIS A 854 25.81 -5.65 -23.90
N PRO A 855 26.83 -5.60 -24.76
CA PRO A 855 27.31 -4.28 -25.23
C PRO A 855 26.28 -3.48 -25.98
N GLN A 856 25.37 -4.14 -26.71
CA GLN A 856 24.35 -3.41 -27.46
C GLN A 856 23.44 -2.62 -26.52
N ASP A 857 23.04 -3.22 -25.40
CA ASP A 857 22.17 -2.53 -24.45
C ASP A 857 22.88 -1.31 -23.89
N PHE A 858 24.17 -1.46 -23.56
CA PHE A 858 24.93 -0.34 -23.01
C PHE A 858 25.03 0.77 -24.04
N SER A 859 25.25 0.41 -25.31
CA SER A 859 25.37 1.40 -26.36
C SER A 859 24.05 2.14 -26.52
N ASP A 860 22.93 1.41 -26.45
CA ASP A 860 21.63 2.06 -26.59
C ASP A 860 21.37 3.03 -25.45
N VAL A 861 21.71 2.62 -24.22
CA VAL A 861 21.51 3.51 -23.07
C VAL A 861 22.39 4.74 -23.19
N ILE A 862 23.65 4.55 -23.59
CA ILE A 862 24.57 5.68 -23.73
C ILE A 862 24.07 6.63 -24.81
N SER A 863 23.57 6.09 -25.93
CA SER A 863 23.08 6.94 -27.01
C SER A 863 21.85 7.71 -26.55
N PHE A 864 20.98 7.07 -25.76
CA PHE A 864 19.78 7.76 -25.29
C PHE A 864 20.08 8.79 -24.21
N ILE A 865 21.20 8.67 -23.51
CA ILE A 865 21.57 9.62 -22.47
C ILE A 865 22.39 10.79 -23.01
N LEU A 866 23.43 10.50 -23.80
CA LEU A 866 24.26 11.56 -24.35
C LEU A 866 23.61 12.28 -25.52
N TYR A 867 22.90 11.54 -26.39
CA TYR A 867 22.26 12.16 -27.55
C TYR A 867 20.74 12.18 -27.49
N GLY A 868 20.11 11.34 -26.67
CA GLY A 868 18.67 11.31 -26.58
C GLY A 868 17.99 10.33 -27.50
N ASN A 869 18.73 9.65 -28.37
CA ASN A 869 18.17 8.69 -29.30
C ASN A 869 18.41 7.29 -28.75
N SER A 870 17.32 6.54 -28.56
CA SER A 870 17.41 5.18 -28.03
C SER A 870 17.38 4.10 -29.11
N HIS A 871 16.86 4.42 -30.30
CA HIS A 871 16.78 3.48 -31.41
C HIS A 871 15.98 2.23 -31.04
N ARG A 872 15.00 2.39 -30.14
CA ARG A 872 14.15 1.30 -29.69
C ARG A 872 12.73 1.80 -29.51
N THR A 873 11.77 0.91 -29.73
CA THR A 873 10.36 1.26 -29.58
C THR A 873 9.85 0.95 -28.19
N ASN A 877 7.85 0.67 -24.03
CA ASN A 877 8.05 -0.29 -22.95
C ASN A 877 9.30 -1.13 -23.18
N TRP A 878 10.33 -0.50 -23.78
CA TRP A 878 11.56 -1.21 -24.04
C TRP A 878 12.33 -1.52 -22.76
N LEU A 879 12.14 -0.71 -21.71
CA LEU A 879 12.84 -0.94 -20.46
C LEU A 879 12.44 -2.27 -19.85
N GLU A 880 11.13 -2.59 -19.83
CA GLU A 880 10.69 -3.84 -19.27
C GLU A 880 11.23 -5.02 -20.07
N ARG A 881 11.23 -4.90 -21.39
CA ARG A 881 11.74 -5.98 -22.23
C ARG A 881 13.22 -6.20 -21.96
N LEU A 882 13.98 -5.11 -21.85
CA LEU A 882 15.41 -5.24 -21.59
C LEU A 882 15.66 -5.88 -20.23
N PHE A 883 14.91 -5.45 -19.21
CA PHE A 883 15.08 -6.02 -17.88
C PHE A 883 14.77 -7.51 -17.88
N TYR A 884 13.69 -7.91 -18.56
CA TYR A 884 13.34 -9.32 -18.60
C TYR A 884 14.37 -10.12 -19.38
N SER A 885 14.94 -9.55 -20.44
CA SER A 885 15.93 -10.25 -21.23
C SER A 885 17.28 -10.34 -20.53
N CYS A 886 17.54 -9.47 -19.56
CA CYS A 886 18.81 -9.48 -18.83
C CYS A 886 18.82 -10.46 -17.66
N GLN A 887 17.69 -11.10 -17.35
CA GLN A 887 17.63 -12.05 -16.24
C GLN A 887 17.97 -13.46 -16.72
N ARG A 888 18.06 -14.38 -15.76
CA ARG A 888 18.37 -15.76 -16.04
C ARG A 888 17.56 -16.66 -15.11
N LEU A 889 17.05 -17.76 -15.66
CA LEU A 889 16.25 -18.69 -14.88
C LEU A 889 17.08 -19.79 -14.24
N ASP A 890 18.25 -20.10 -14.79
CA ASP A 890 19.10 -21.15 -14.22
C ASP A 890 19.60 -20.74 -12.84
N LYS A 891 19.99 -19.48 -12.67
CA LYS A 891 20.49 -19.00 -11.39
C LYS A 891 19.38 -18.34 -10.59
N THR A 896 15.47 -10.71 -8.25
CA THR A 896 14.47 -11.03 -7.25
C THR A 896 13.61 -9.81 -6.93
N ILE A 897 13.63 -8.84 -7.83
CA ILE A 897 12.84 -7.61 -7.65
C ILE A 897 11.35 -7.96 -7.71
N PRO A 898 10.51 -7.38 -6.84
CA PRO A 898 9.09 -7.71 -6.89
C PRO A 898 8.47 -7.40 -8.24
N ARG A 899 7.55 -8.25 -8.67
CA ARG A 899 6.89 -8.06 -9.96
C ARG A 899 6.04 -6.80 -9.97
N ASN A 900 5.34 -6.51 -8.87
CA ASN A 900 4.51 -5.31 -8.81
C ASN A 900 5.30 -4.03 -9.04
N LEU A 901 6.60 -4.04 -8.77
CA LEU A 901 7.45 -2.87 -8.97
C LEU A 901 8.12 -2.85 -10.33
N LEU A 902 7.90 -3.87 -11.15
CA LEU A 902 8.52 -3.92 -12.48
C LEU A 902 7.84 -2.99 -13.49
N LYS A 903 6.64 -2.52 -13.19
CA LYS A 903 5.91 -1.63 -14.10
C LYS A 903 6.26 -0.16 -13.86
N THR A 904 7.09 0.13 -12.87
CA THR A 904 7.48 1.49 -12.55
C THR A 904 8.75 1.85 -13.33
N ASP A 905 8.73 3.02 -13.96
CA ASP A 905 9.89 3.45 -14.75
C ASP A 905 11.07 3.86 -13.86
N ALA A 906 10.81 4.28 -12.62
CA ALA A 906 11.90 4.68 -11.74
C ALA A 906 12.82 3.50 -11.40
N VAL A 907 12.23 2.37 -11.00
CA VAL A 907 13.03 1.20 -10.66
C VAL A 907 13.77 0.69 -11.89
N LEU A 908 13.11 0.66 -13.05
CA LEU A 908 13.76 0.20 -14.26
C LEU A 908 14.93 1.10 -14.64
N TRP A 909 14.74 2.42 -14.53
CA TRP A 909 15.82 3.35 -14.88
C TRP A 909 17.00 3.19 -13.93
N GLN A 910 16.72 3.07 -12.63
CA GLN A 910 17.81 2.89 -11.67
C GLN A 910 18.57 1.60 -11.93
N TRP A 911 17.83 0.52 -12.21
CA TRP A 911 18.47 -0.75 -12.48
C TRP A 911 19.34 -0.67 -13.73
N ALA A 912 18.83 -0.02 -14.78
CA ALA A 912 19.58 0.12 -16.01
C ALA A 912 20.86 0.92 -15.80
N ILE A 913 20.76 2.03 -15.05
CA ILE A 913 21.95 2.85 -14.80
C ILE A 913 22.98 2.07 -14.00
N TRP A 914 22.52 1.37 -12.95
CA TRP A 914 23.44 0.59 -12.13
C TRP A 914 24.11 -0.51 -12.95
N GLU A 915 23.34 -1.19 -13.79
CA GLU A 915 23.91 -2.25 -14.62
C GLU A 915 24.91 -1.68 -15.60
N ALA A 916 24.62 -0.51 -16.18
CA ALA A 916 25.54 0.10 -17.12
C ALA A 916 26.86 0.44 -16.43
N ALA A 917 26.77 0.98 -15.20
CA ALA A 917 27.98 1.32 -14.46
C ALA A 917 28.78 0.06 -14.16
N GLN A 918 28.10 -1.02 -13.77
CA GLN A 918 28.81 -2.26 -13.47
C GLN A 918 29.47 -2.81 -14.72
N PHE A 919 28.81 -2.71 -15.88
CA PHE A 919 29.39 -3.21 -17.11
C PHE A 919 30.61 -2.38 -17.49
N THR A 920 30.56 -1.07 -17.26
CA THR A 920 31.67 -0.20 -17.59
C THR A 920 32.88 -0.48 -16.71
N VAL A 921 32.67 -0.64 -15.40
CA VAL A 921 33.77 -0.90 -14.49
C VAL A 921 34.33 -2.32 -14.68
N LEU A 922 33.44 -3.31 -14.80
CA LEU A 922 33.88 -4.70 -14.99
C LEU A 922 34.59 -4.93 -16.33
N SER A 923 34.43 -4.04 -17.31
CA SER A 923 35.06 -4.19 -18.59
C SER A 923 36.38 -3.41 -18.70
N LYS A 924 36.95 -3.00 -17.56
CA LYS A 924 38.21 -2.25 -17.53
C LYS A 924 38.10 -0.98 -18.37
N LEU A 925 36.93 -0.34 -18.32
CA LEU A 925 36.64 0.90 -19.05
C LEU A 925 36.77 0.73 -20.56
N ARG A 926 36.72 -0.50 -21.06
CA ARG A 926 36.84 -0.76 -22.50
C ARG A 926 35.46 -0.90 -23.12
N THR A 927 34.67 0.16 -22.98
CA THR A 927 33.32 0.21 -23.50
C THR A 927 33.36 0.37 -25.02
N PRO A 928 32.27 0.03 -25.73
CA PRO A 928 32.27 0.17 -27.19
C PRO A 928 32.37 1.62 -27.65
N LEU A 929 32.22 2.59 -26.75
CA LEU A 929 32.29 4.00 -27.13
C LEU A 929 33.68 4.39 -27.60
N GLY A 930 34.71 3.63 -27.22
CA GLY A 930 36.06 3.92 -27.63
C GLY A 930 37.06 3.20 -26.71
N ARG A 931 38.25 3.77 -26.64
CA ARG A 931 39.31 3.20 -25.82
C ARG A 931 39.10 3.61 -24.36
N ALA A 932 40.08 3.33 -23.51
CA ALA A 932 39.96 3.69 -22.10
C ALA A 932 39.86 5.20 -21.91
N GLN A 933 40.70 5.96 -22.62
CA GLN A 933 40.68 7.41 -22.51
C GLN A 933 39.55 8.05 -23.29
N ASP A 934 38.97 7.34 -24.27
CA ASP A 934 37.89 7.90 -25.06
C ASP A 934 36.68 8.22 -24.20
N THR A 935 36.31 7.31 -23.30
CA THR A 935 35.17 7.55 -22.43
C THR A 935 35.43 8.75 -21.53
N PHE A 936 36.62 8.83 -20.95
CA PHE A 936 36.95 9.95 -20.08
C PHE A 936 36.88 11.26 -20.85
N GLN A 937 37.42 11.30 -22.07
CA GLN A 937 37.39 12.51 -22.86
C GLN A 937 35.97 12.92 -23.22
N THR A 938 35.14 11.95 -23.61
CA THR A 938 33.76 12.25 -23.97
C THR A 938 32.99 12.81 -22.78
N ILE A 939 33.08 12.15 -21.63
CA ILE A 939 32.38 12.61 -20.44
C ILE A 939 32.89 13.98 -20.02
N GLU A 940 34.22 14.17 -20.05
CA GLU A 940 34.80 15.44 -19.67
C GLU A 940 34.31 16.56 -20.58
N GLY A 941 34.27 16.31 -21.90
CA GLY A 941 33.81 17.35 -22.81
C GLY A 941 32.35 17.70 -22.61
N ILE A 942 31.50 16.68 -22.43
CA ILE A 942 30.08 16.94 -22.24
C ILE A 942 29.85 17.72 -20.95
N ILE A 943 30.50 17.29 -19.86
CA ILE A 943 30.34 17.98 -18.58
C ILE A 943 30.89 19.41 -18.66
N ARG A 944 32.03 19.59 -19.34
CA ARG A 944 32.60 20.93 -19.45
C ARG A 944 31.67 21.84 -20.24
N SER A 945 31.08 21.33 -21.32
CA SER A 945 30.18 22.17 -22.11
C SER A 945 28.95 22.54 -21.29
N LEU A 946 28.39 21.57 -20.56
CA LEU A 946 27.22 21.87 -19.73
C LEU A 946 27.56 22.88 -18.65
N ALA A 947 28.74 22.75 -18.04
CA ALA A 947 29.13 23.68 -17.00
C ALA A 947 29.35 25.08 -17.57
N ALA A 948 29.94 25.14 -18.77
CA ALA A 948 30.18 26.44 -19.40
C ALA A 948 28.86 27.14 -19.72
N HIS A 949 27.86 26.36 -20.14
CA HIS A 949 26.56 26.95 -20.46
C HIS A 949 25.91 27.58 -19.23
N THR A 950 26.28 27.13 -18.03
CA THR A 950 25.70 27.69 -16.82
C THR A 950 26.07 29.16 -16.65
N LEU A 951 27.32 29.51 -16.92
CA LEU A 951 27.75 30.90 -16.78
C LEU A 951 27.00 31.80 -17.75
N ASN A 952 26.99 31.43 -19.03
CA ASN A 952 26.31 32.20 -20.07
C ASN A 952 25.19 31.39 -20.70
N PRO A 953 23.93 31.62 -20.31
CA PRO A 953 22.81 30.84 -20.90
C PRO A 953 22.61 31.05 -22.39
N ASP A 954 23.38 31.93 -23.03
CA ASP A 954 23.24 32.19 -24.45
C ASP A 954 24.05 31.23 -25.32
N GLN A 955 24.77 30.28 -24.70
CA GLN A 955 25.56 29.34 -25.49
C GLN A 955 24.67 28.45 -26.36
N ASP A 956 23.53 28.01 -25.82
CA ASP A 956 22.58 27.16 -26.53
C ASP A 956 23.24 25.86 -27.00
N VAL A 957 23.65 25.06 -26.02
CA VAL A 957 24.31 23.79 -26.31
C VAL A 957 23.33 22.87 -27.04
N SER A 958 23.80 22.25 -28.11
CA SER A 958 22.97 21.35 -28.89
C SER A 958 22.74 20.03 -28.14
N GLN A 959 21.63 19.38 -28.50
CA GLN A 959 21.19 18.10 -27.94
C GLN A 959 20.89 18.20 -26.44
N TRP A 960 20.95 19.40 -25.88
CA TRP A 960 20.67 19.59 -24.45
C TRP A 960 19.83 20.81 -24.13
N THR A 961 19.63 21.73 -25.08
CA THR A 961 18.85 22.93 -24.83
C THR A 961 17.72 23.14 -25.82
N THR A 962 17.72 22.44 -26.97
CA THR A 962 16.69 22.57 -27.98
C THR A 962 15.86 21.29 -28.04
N ALA A 963 14.54 21.45 -28.10
CA ALA A 963 13.62 20.33 -28.16
C ALA A 963 12.65 20.55 -29.32
N ASP A 964 11.94 19.48 -29.70
CA ASP A 964 10.98 19.55 -30.78
C ASP A 964 9.53 19.69 -30.31
N ASN A 965 9.23 19.32 -29.07
CA ASN A 965 7.88 19.43 -28.53
C ASN A 965 7.98 19.51 -27.01
N ASP A 966 6.84 19.34 -26.34
CA ASP A 966 6.82 19.40 -24.88
C ASP A 966 7.50 18.21 -24.23
N GLU A 967 7.57 17.06 -24.92
CA GLU A 967 8.21 15.89 -24.35
C GLU A 967 9.72 16.01 -24.31
N GLY A 968 10.33 16.63 -25.33
CA GLY A 968 11.77 16.78 -25.36
C GLY A 968 12.32 17.60 -24.22
N HIS A 969 11.61 18.65 -23.81
CA HIS A 969 12.08 19.48 -22.71
C HIS A 969 12.20 18.66 -21.43
N GLY A 970 11.18 17.85 -21.14
CA GLY A 970 11.24 17.03 -19.93
C GLY A 970 12.28 15.94 -20.06
N ASN A 971 12.41 15.37 -21.27
CA ASN A 971 13.39 14.32 -21.50
C ASN A 971 14.80 14.83 -21.28
N ASN A 972 15.05 16.11 -21.59
CA ASN A 972 16.39 16.67 -21.40
C ASN A 972 16.76 16.63 -19.93
N GLN A 973 15.86 17.08 -19.06
CA GLN A 973 16.13 17.07 -17.63
C GLN A 973 16.28 15.64 -17.13
N LEU A 974 15.45 14.73 -17.66
CA LEU A 974 15.53 13.33 -17.24
C LEU A 974 16.91 12.76 -17.59
N ARG A 975 17.40 13.07 -18.80
CA ARG A 975 18.70 12.59 -19.23
C ARG A 975 19.80 13.17 -18.36
N LEU A 976 19.70 14.45 -18.00
CA LEU A 976 20.72 15.06 -17.17
C LEU A 976 20.77 14.38 -15.80
N VAL A 977 19.60 14.12 -15.21
CA VAL A 977 19.55 13.46 -13.91
C VAL A 977 20.15 12.07 -14.00
N LEU A 978 19.80 11.34 -15.07
CA LEU A 978 20.34 10.00 -15.24
C LEU A 978 21.86 10.05 -15.40
N LEU A 979 22.37 11.06 -16.09
CA LEU A 979 23.80 11.17 -16.27
C LEU A 979 24.50 11.39 -14.93
N LEU A 980 23.92 12.26 -14.09
CA LEU A 980 24.51 12.51 -12.78
C LEU A 980 24.51 11.23 -11.96
N GLN A 981 23.41 10.49 -12.00
CA GLN A 981 23.32 9.24 -11.25
C GLN A 981 24.36 8.26 -11.75
N TYR A 982 24.56 8.21 -13.07
CA TYR A 982 25.54 7.30 -13.66
C TYR A 982 26.93 7.65 -13.18
N LEU A 983 27.24 8.94 -13.11
CA LEU A 983 28.58 9.35 -12.65
C LEU A 983 28.77 8.95 -11.20
N GLU A 984 27.75 9.15 -10.36
CA GLU A 984 27.86 8.78 -8.96
C GLU A 984 28.09 7.27 -8.81
N ASN A 985 27.32 6.48 -9.57
CA ASN A 985 27.47 5.03 -9.50
C ASN A 985 28.85 4.61 -9.97
N LEU A 986 29.37 5.28 -11.01
CA LEU A 986 30.70 4.95 -11.52
C LEU A 986 31.75 5.21 -10.46
N GLU A 987 31.63 6.33 -9.76
CA GLU A 987 32.60 6.65 -8.71
C GLU A 987 32.53 5.63 -7.59
N LYS A 988 31.31 5.25 -7.19
CA LYS A 988 31.15 4.27 -6.12
C LYS A 988 31.78 2.94 -6.51
N LEU A 989 31.55 2.50 -7.75
CA LEU A 989 32.11 1.25 -8.22
C LEU A 989 33.63 1.30 -8.27
N MET A 990 34.19 2.42 -8.75
CA MET A 990 35.65 2.51 -8.80
C MET A 990 36.25 2.45 -7.40
N TYR A 991 35.64 3.18 -6.45
CA TYR A 991 36.14 3.17 -5.09
C TYR A 991 36.09 1.77 -4.50
N ASN A 992 34.97 1.07 -4.69
CA ASN A 992 34.84 -0.28 -4.16
C ASN A 992 35.74 -1.27 -4.89
N ALA A 993 36.12 -0.96 -6.13
CA ALA A 993 36.99 -1.87 -6.89
C ALA A 993 38.46 -1.72 -6.53
N TYR A 994 38.92 -0.51 -6.20
CA TYR A 994 40.35 -0.44 -5.87
C TYR A 994 40.66 -0.73 -4.41
N GLU A 995 39.71 -0.58 -3.50
CA GLU A 995 39.99 -0.88 -2.09
C GLU A 995 39.10 -1.97 -1.52
N GLY A 996 37.80 -1.94 -1.79
CA GLY A 996 36.88 -2.93 -1.29
C GLY A 996 36.11 -2.46 -0.07
N CYS A 997 34.80 -2.74 -0.11
CA CYS A 997 33.91 -2.35 0.98
C CYS A 997 33.67 -3.54 1.91
N ALA A 998 32.88 -3.34 2.97
CA ALA A 998 32.57 -4.39 3.93
C ALA A 998 31.07 -4.42 4.18
N ASN A 999 30.45 -5.55 3.88
CA ASN A 999 29.01 -5.80 4.05
C ASN A 999 28.14 -4.87 3.22
N ALA A 1000 28.70 -4.18 2.23
CA ALA A 1000 27.94 -3.27 1.39
C ALA A 1000 27.89 -3.75 -0.06
N LEU A 1001 29.05 -3.95 -0.68
CA LEU A 1001 29.14 -4.42 -2.06
C LEU A 1001 30.11 -5.59 -2.13
N THR A 1002 29.82 -6.55 -2.99
CA THR A 1002 30.68 -7.71 -3.14
C THR A 1002 32.00 -7.31 -3.78
N SER A 1003 33.07 -7.97 -3.36
CA SER A 1003 34.39 -7.68 -3.91
C SER A 1003 34.48 -8.14 -5.36
N PRO A 1004 35.05 -7.33 -6.25
CA PRO A 1004 35.16 -7.71 -7.65
C PRO A 1004 36.26 -8.75 -7.84
N PRO A 1005 36.38 -9.34 -9.03
CA PRO A 1005 37.42 -10.36 -9.25
C PRO A 1005 38.81 -9.80 -8.99
N LYS A 1006 39.78 -10.71 -8.88
CA LYS A 1006 41.16 -10.32 -8.63
C LYS A 1006 41.73 -9.49 -9.77
N VAL A 1007 41.35 -9.79 -11.01
CA VAL A 1007 41.87 -9.02 -12.15
C VAL A 1007 41.42 -7.57 -12.08
N ILE A 1008 40.16 -7.33 -11.72
CA ILE A 1008 39.68 -5.95 -11.63
C ILE A 1008 40.42 -5.19 -10.54
N ARG A 1009 40.61 -5.82 -9.37
CA ARG A 1009 41.31 -5.17 -8.28
C ARG A 1009 42.77 -4.88 -8.64
N THR A 1010 43.47 -5.85 -9.23
CA THR A 1010 44.86 -5.63 -9.59
C THR A 1010 44.99 -4.58 -10.69
N PHE A 1011 43.98 -4.43 -11.55
CA PHE A 1011 44.07 -3.44 -12.62
C PHE A 1011 43.76 -2.04 -12.10
N PHE A 1012 42.78 -1.93 -11.20
CA PHE A 1012 42.41 -0.64 -10.65
C PHE A 1012 43.37 -0.16 -9.57
N TYR A 1013 44.15 -1.06 -8.97
CA TYR A 1013 45.08 -0.64 -7.93
C TYR A 1013 46.27 0.12 -8.51
N THR A 1014 46.74 -0.28 -9.69
CA THR A 1014 47.87 0.39 -10.31
C THR A 1014 47.48 1.74 -10.93
N ASN A 1015 46.26 1.85 -11.45
CA ASN A 1015 45.79 3.09 -12.08
C ASN A 1015 44.88 3.90 -11.16
N ARG A 1016 45.11 3.83 -9.85
CA ARG A 1016 44.27 4.58 -8.91
C ARG A 1016 44.57 6.08 -8.99
N GLN A 1017 45.84 6.43 -9.16
CA GLN A 1017 46.21 7.84 -9.24
C GLN A 1017 45.56 8.53 -10.44
N THR A 1018 45.53 7.85 -11.59
CA THR A 1018 44.91 8.45 -12.78
C THR A 1018 43.43 8.72 -12.55
N CYS A 1019 42.73 7.75 -11.96
CA CYS A 1019 41.30 7.92 -11.71
C CYS A 1019 41.07 9.06 -10.72
N GLN A 1020 41.87 9.11 -9.65
CA GLN A 1020 41.71 10.17 -8.67
C GLN A 1020 41.96 11.54 -9.30
N ASP A 1021 42.99 11.65 -10.13
CA ASP A 1021 43.30 12.92 -10.77
C ASP A 1021 42.17 13.33 -11.70
N TRP A 1022 41.63 12.40 -12.49
CA TRP A 1022 40.55 12.74 -13.40
C TRP A 1022 39.32 13.20 -12.62
N LEU A 1023 38.94 12.48 -11.57
CA LEU A 1023 37.78 12.87 -10.79
C LEU A 1023 37.98 14.23 -10.16
N THR A 1024 39.17 14.48 -9.60
CA THR A 1024 39.43 15.77 -8.97
C THR A 1024 39.38 16.90 -10.00
N ARG A 1025 39.89 16.65 -11.20
CA ARG A 1025 39.88 17.68 -12.24
C ARG A 1025 38.46 17.97 -12.72
N ILE A 1026 37.57 16.97 -12.70
CA ILE A 1026 36.21 17.20 -13.16
C ILE A 1026 35.22 17.54 -12.04
N ARG A 1027 35.65 17.55 -10.77
CA ARG A 1027 34.71 17.87 -9.69
C ARG A 1027 34.13 19.28 -9.84
N LEU A 1028 34.97 20.25 -10.23
CA LEU A 1028 34.47 21.62 -10.39
C LEU A 1028 33.35 21.69 -11.42
N SER A 1029 33.51 21.00 -12.56
CA SER A 1029 32.48 21.03 -13.57
C SER A 1029 31.26 20.23 -13.13
N ILE A 1030 31.48 19.13 -12.40
CA ILE A 1030 30.37 18.32 -11.92
C ILE A 1030 29.48 19.12 -10.99
N MET A 1031 30.09 19.97 -10.15
CA MET A 1031 29.30 20.78 -9.23
C MET A 1031 28.38 21.73 -9.99
N ARG A 1032 28.91 22.39 -11.02
CA ARG A 1032 28.10 23.31 -11.81
C ARG A 1032 26.99 22.57 -12.53
N VAL A 1033 27.29 21.41 -13.11
CA VAL A 1033 26.27 20.64 -13.81
C VAL A 1033 25.18 20.21 -12.85
N GLY A 1034 25.57 19.78 -11.64
CA GLY A 1034 24.59 19.35 -10.66
C GLY A 1034 23.69 20.50 -10.24
N LEU A 1035 24.27 21.69 -10.05
CA LEU A 1035 23.44 22.82 -9.64
C LEU A 1035 22.51 23.25 -10.77
N LEU A 1036 22.95 23.11 -12.02
CA LEU A 1036 22.10 23.51 -13.14
C LEU A 1036 20.87 22.61 -13.25
N ALA A 1037 21.06 21.31 -13.03
CA ALA A 1037 19.96 20.35 -13.11
C ALA A 1037 19.10 20.30 -11.85
N GLY A 1038 19.33 21.20 -10.90
CA GLY A 1038 18.54 21.21 -9.67
C GLY A 1038 18.73 19.99 -8.78
N GLN A 1039 19.97 19.54 -8.63
CA GLN A 1039 20.31 18.38 -7.80
C GLN A 1039 21.39 18.82 -6.82
N PRO A 1040 21.01 19.53 -5.75
CA PRO A 1040 22.01 19.99 -4.77
C PRO A 1040 22.75 18.88 -4.04
N ALA A 1041 22.19 17.67 -3.94
CA ALA A 1041 22.90 16.59 -3.25
C ALA A 1041 24.19 16.21 -3.95
N VAL A 1042 24.17 16.12 -5.28
CA VAL A 1042 25.36 15.76 -6.04
C VAL A 1042 26.47 16.77 -5.80
N THR A 1043 26.16 18.06 -5.95
CA THR A 1043 27.18 19.08 -5.75
C THR A 1043 27.63 19.14 -4.29
N VAL A 1044 26.73 18.88 -3.33
CA VAL A 1044 27.15 18.92 -1.93
C VAL A 1044 28.18 17.82 -1.67
N ARG A 1045 27.88 16.61 -2.12
CA ARG A 1045 28.81 15.50 -1.92
C ARG A 1045 30.14 15.77 -2.62
N HIS A 1046 30.08 16.25 -3.87
CA HIS A 1046 31.31 16.53 -4.60
C HIS A 1046 32.12 17.63 -3.92
N GLY A 1047 31.43 18.65 -3.40
CA GLY A 1047 32.14 19.73 -2.73
C GLY A 1047 32.82 19.23 -1.46
N PHE A 1048 32.12 18.36 -0.71
CA PHE A 1048 32.70 17.84 0.51
C PHE A 1048 33.95 17.02 0.19
N ASP A 1049 33.87 16.19 -0.86
CA ASP A 1049 35.02 15.38 -1.25
C ASP A 1049 36.17 16.27 -1.70
N LEU A 1050 35.87 17.32 -2.48
CA LEU A 1050 36.91 18.22 -2.95
C LEU A 1050 37.59 18.92 -1.79
N LEU A 1051 36.80 19.38 -0.81
CA LEU A 1051 37.36 20.07 0.34
C LEU A 1051 38.24 19.11 1.14
N THR A 1052 37.80 17.86 1.28
CA THR A 1052 38.59 16.89 2.02
C THR A 1052 39.91 16.62 1.32
N GLU A 1053 39.89 16.51 -0.02
CA GLU A 1053 41.11 16.26 -0.78
C GLU A 1053 42.07 17.44 -0.74
N MET A 1054 41.60 18.63 -0.36
CA MET A 1054 42.44 19.82 -0.29
C MET A 1054 43.19 19.87 1.05
N LYS A 1055 43.98 18.82 1.28
CA LYS A 1055 44.77 18.71 2.49
C LYS A 1055 46.12 19.41 2.41
N THR A 1056 46.51 19.89 1.23
CA THR A 1056 47.79 20.56 1.06
C THR A 1056 47.66 22.06 1.33
N ASN A 1063 43.43 30.42 -7.11
CA ASN A 1063 42.29 30.76 -6.25
C ASN A 1063 41.10 29.86 -6.54
N GLU A 1064 41.25 28.56 -6.26
CA GLU A 1064 40.20 27.58 -6.49
C GLU A 1064 39.55 27.13 -5.18
N LEU A 1065 39.74 27.88 -4.10
CA LEU A 1065 39.16 27.54 -2.81
C LEU A 1065 37.87 28.29 -2.52
N GLU A 1066 37.81 29.59 -2.86
CA GLU A 1066 36.59 30.36 -2.61
C GLU A 1066 35.44 29.86 -3.46
N VAL A 1067 35.71 29.46 -4.70
CA VAL A 1067 34.65 28.96 -5.58
C VAL A 1067 34.01 27.70 -5.00
N THR A 1068 34.82 26.79 -4.47
CA THR A 1068 34.27 25.57 -3.90
C THR A 1068 33.34 25.88 -2.73
N ILE A 1069 33.76 26.76 -1.83
CA ILE A 1069 32.92 27.12 -0.70
C ILE A 1069 31.65 27.80 -1.19
N MET A 1070 31.77 28.62 -2.23
CA MET A 1070 30.63 29.31 -2.80
C MET A 1070 29.59 28.32 -3.31
N MET A 1071 30.02 27.35 -4.10
CA MET A 1071 29.12 26.35 -4.64
C MET A 1071 28.49 25.51 -3.54
N VAL A 1072 29.29 25.09 -2.56
CA VAL A 1072 28.76 24.27 -1.47
C VAL A 1072 27.72 25.06 -0.67
N VAL A 1073 28.01 26.33 -0.40
CA VAL A 1073 27.07 27.16 0.35
C VAL A 1073 25.76 27.32 -0.41
N GLU A 1074 25.85 27.57 -1.72
CA GLU A 1074 24.63 27.71 -2.52
C GLU A 1074 23.83 26.42 -2.50
N ALA A 1075 24.52 25.28 -2.67
CA ALA A 1075 23.84 24.00 -2.67
C ALA A 1075 23.13 23.75 -1.34
N LEU A 1076 23.80 24.05 -0.22
CA LEU A 1076 23.17 23.85 1.08
C LEU A 1076 21.99 24.78 1.24
N CYS A 1077 22.10 26.02 0.73
CA CYS A 1077 21.00 26.96 0.84
C CYS A 1077 19.78 26.44 0.10
N GLU A 1078 20.00 25.75 -1.02
CA GLU A 1078 18.88 25.22 -1.79
C GLU A 1078 18.21 24.05 -1.08
N LEU A 1079 18.91 23.40 -0.14
CA LEU A 1079 18.37 22.26 0.61
C LEU A 1079 17.81 22.65 1.97
N HIS A 1080 17.88 23.92 2.34
CA HIS A 1080 17.39 24.42 3.63
C HIS A 1080 18.04 23.68 4.80
N CYS A 1081 19.36 23.82 4.89
CA CYS A 1081 20.15 23.20 5.94
C CYS A 1081 21.05 24.26 6.58
N PRO A 1082 20.49 25.14 7.40
CA PRO A 1082 21.32 26.18 8.02
C PRO A 1082 22.41 25.65 8.93
N GLU A 1083 22.20 24.50 9.58
CA GLU A 1083 23.22 23.94 10.46
C GLU A 1083 24.50 23.63 9.71
N ALA A 1084 24.38 23.00 8.54
CA ALA A 1084 25.56 22.68 7.75
C ALA A 1084 26.28 23.94 7.30
N ILE A 1085 25.52 24.98 6.92
CA ILE A 1085 26.12 26.22 6.48
C ILE A 1085 26.92 26.85 7.62
N GLN A 1086 26.33 26.87 8.82
CA GLN A 1086 27.03 27.44 9.97
C GLN A 1086 28.28 26.65 10.29
N GLY A 1087 28.19 25.32 10.22
CA GLY A 1087 29.34 24.49 10.50
C GLY A 1087 30.47 24.74 9.52
N ILE A 1088 30.14 24.85 8.23
CA ILE A 1088 31.17 25.10 7.22
C ILE A 1088 31.76 26.48 7.43
N ALA A 1089 30.94 27.46 7.84
CA ALA A 1089 31.46 28.80 8.06
C ALA A 1089 32.48 28.80 9.19
N VAL A 1090 32.14 28.12 10.29
CA VAL A 1090 33.06 28.07 11.43
C VAL A 1090 34.33 27.31 11.05
N TRP A 1091 34.18 26.22 10.28
CA TRP A 1091 35.34 25.44 9.87
C TRP A 1091 36.26 26.24 8.95
N SER A 1092 35.69 27.02 8.03
CA SER A 1092 36.47 27.83 7.10
C SER A 1092 37.04 29.07 7.74
N SER A 1093 36.49 29.51 8.89
CA SER A 1093 37.00 30.70 9.54
C SER A 1093 38.46 30.54 9.97
N SER A 1094 38.97 29.32 10.06
CA SER A 1094 40.35 29.06 10.45
C SER A 1094 41.29 28.92 9.27
N ILE A 1095 40.97 29.55 8.13
CA ILE A 1095 41.81 29.47 6.94
C ILE A 1095 41.94 30.85 6.31
N ASN A 1099 37.65 36.44 6.45
CA ASN A 1099 37.61 36.58 5.01
C ASN A 1099 36.38 35.90 4.41
N LEU A 1100 35.75 35.04 5.20
CA LEU A 1100 34.55 34.30 4.80
C LEU A 1100 33.45 34.49 5.84
N LEU A 1101 33.24 35.73 6.26
CA LEU A 1101 32.22 36.05 7.25
C LEU A 1101 30.82 36.23 6.64
N TRP A 1102 30.71 36.19 5.31
CA TRP A 1102 29.42 36.36 4.66
C TRP A 1102 28.61 35.07 4.60
N ILE A 1103 29.18 33.95 5.02
CA ILE A 1103 28.46 32.68 4.99
C ILE A 1103 27.28 32.71 5.95
N ASN A 1104 27.42 33.45 7.06
CA ASN A 1104 26.34 33.55 8.04
C ASN A 1104 25.08 34.11 7.41
N SER A 1105 25.23 35.05 6.47
CA SER A 1105 24.05 35.63 5.82
C SER A 1105 23.28 34.56 5.07
N VAL A 1106 23.99 33.70 4.33
CA VAL A 1106 23.32 32.64 3.59
C VAL A 1106 22.70 31.66 4.56
N ALA A 1107 23.37 31.38 5.68
CA ALA A 1107 22.83 30.46 6.66
C ALA A 1107 21.51 30.97 7.21
N GLN A 1108 21.45 32.28 7.50
CA GLN A 1108 20.22 32.86 8.02
C GLN A 1108 19.14 32.90 6.95
N GLN A 1109 19.53 33.13 5.69
CA GLN A 1109 18.57 33.18 4.60
C GLN A 1109 17.94 31.81 4.37
N ALA A 1110 18.72 30.74 4.48
CA ALA A 1110 18.18 29.40 4.27
C ALA A 1110 17.08 29.07 5.26
N GLU A 1111 17.09 29.72 6.42
CA GLU A 1111 16.08 29.48 7.45
C GLU A 1111 14.75 30.16 7.13
N GLY A 1112 14.75 31.18 6.28
CA GLY A 1112 13.55 31.90 5.91
C GLY A 1112 13.54 33.37 6.28
N ARG A 1113 14.57 33.87 6.95
CA ARG A 1113 14.63 35.28 7.34
C ARG A 1113 15.17 36.06 6.15
N PHE A 1114 14.25 36.47 5.28
CA PHE A 1114 14.63 37.24 4.09
C PHE A 1114 15.00 38.68 4.41
N GLU A 1115 14.26 39.33 5.32
CA GLU A 1115 14.59 40.71 5.66
C GLU A 1115 15.99 40.84 6.26
N LYS A 1116 16.30 40.03 7.27
CA LYS A 1116 17.61 40.08 7.89
C LYS A 1116 18.70 39.72 6.89
N ALA A 1117 18.44 38.73 6.04
CA ALA A 1117 19.43 38.32 5.05
C ALA A 1117 19.73 39.47 4.10
N SER A 1118 18.69 40.16 3.63
CA SER A 1118 18.90 41.27 2.70
C SER A 1118 19.67 42.40 3.37
N VAL A 1119 19.33 42.71 4.63
CA VAL A 1119 20.02 43.78 5.33
C VAL A 1119 21.51 43.43 5.49
N GLU A 1120 21.79 42.18 5.88
CA GLU A 1120 23.17 41.76 6.05
C GLU A 1120 23.91 41.79 4.71
N TYR A 1121 23.24 41.39 3.63
CA TYR A 1121 23.89 41.40 2.32
C TYR A 1121 24.27 42.81 1.93
N GLN A 1122 23.36 43.76 2.13
CA GLN A 1122 23.64 45.15 1.78
C GLN A 1122 24.78 45.69 2.63
N GLU A 1123 24.76 45.39 3.93
CA GLU A 1123 25.83 45.87 4.81
C GLU A 1123 27.18 45.29 4.39
N HIS A 1124 27.21 43.99 4.08
CA HIS A 1124 28.46 43.35 3.68
C HIS A 1124 28.97 43.95 2.37
N LEU A 1125 28.07 44.19 1.41
CA LEU A 1125 28.49 44.76 0.14
C LEU A 1125 29.04 46.17 0.33
N CYS A 1126 28.39 46.97 1.17
CA CYS A 1126 28.85 48.34 1.42
C CYS A 1126 30.19 48.35 2.15
N ALA A 1127 30.39 47.42 3.08
CA ALA A 1127 31.65 47.36 3.82
C ALA A 1127 32.80 46.79 3.01
N MET A 1128 32.53 45.88 2.08
CA MET A 1128 33.59 45.30 1.27
C MET A 1128 33.87 46.07 -0.01
N THR A 1129 32.94 46.91 -0.45
CA THR A 1129 33.13 47.68 -1.67
C THR A 1129 33.68 49.08 -1.41
N GLY A 1130 33.19 49.76 -0.38
CA GLY A 1130 33.65 51.09 -0.03
C GLY A 1130 32.64 52.18 -0.29
N VAL A 1131 31.58 51.91 -1.04
CA VAL A 1131 30.55 52.89 -1.35
C VAL A 1131 29.25 52.47 -0.69
N ASP A 1132 28.40 53.45 -0.42
CA ASP A 1132 27.11 53.20 0.23
C ASP A 1132 26.18 52.49 -0.75
N CYS A 1133 25.76 51.27 -0.42
CA CYS A 1133 24.87 50.48 -1.24
C CYS A 1133 23.58 50.15 -0.50
N CYS A 1134 23.29 50.88 0.56
CA CYS A 1134 22.08 50.65 1.33
C CYS A 1134 20.85 51.13 0.58
N ILE A 1135 19.70 50.53 0.90
CA ILE A 1135 18.43 50.87 0.28
C ILE A 1135 17.39 51.05 1.37
N SER A 1136 16.31 51.74 1.02
CA SER A 1136 15.23 52.00 1.97
C SER A 1136 14.59 50.68 2.41
N SER A 1137 14.40 50.53 3.71
CA SER A 1137 13.79 49.33 4.29
C SER A 1137 13.34 49.66 5.70
N PHE A 1138 12.96 48.61 6.43
CA PHE A 1138 12.49 48.78 7.80
C PHE A 1138 13.66 49.15 8.72
N ASP A 1139 13.31 49.63 9.91
CA ASP A 1139 14.33 50.03 10.89
C ASP A 1139 15.23 48.85 11.24
N LYS A 1140 16.54 49.11 11.21
CA LYS A 1140 17.50 48.05 11.53
C LYS A 1140 17.44 47.66 13.00
N SER A 1141 17.25 48.64 13.89
CA SER A 1141 17.18 48.32 15.32
C SER A 1141 16.02 47.40 15.63
N VAL A 1142 14.84 47.69 15.06
CA VAL A 1142 13.67 46.85 15.30
C VAL A 1142 13.82 45.50 14.61
N LEU A 1143 14.39 45.47 13.40
CA LEU A 1143 14.56 44.22 12.68
C LEU A 1143 15.49 43.27 13.42
N THR A 1144 16.61 43.78 13.94
CA THR A 1144 17.55 42.92 14.65
C THR A 1144 16.93 42.34 15.92
N LEU A 1145 16.14 43.14 16.64
CA LEU A 1145 15.50 42.65 17.86
C LEU A 1145 14.44 41.59 17.55
N ALA A 1146 13.86 41.62 16.36
CA ALA A 1146 12.84 40.64 15.98
C ALA A 1146 13.42 39.29 15.63
N ASN A 1147 14.71 39.19 15.37
CA ASN A 1147 15.33 37.91 15.02
C ASN A 1147 16.82 37.90 15.35
N SER A 1174 38.33 40.50 -1.15
CA SER A 1174 37.32 41.03 -2.05
C SER A 1174 37.53 40.57 -3.49
N SER A 1175 36.54 39.89 -4.04
CA SER A 1175 36.60 39.38 -5.40
C SER A 1175 35.32 39.71 -6.14
N PRO A 1176 35.40 39.92 -7.46
CA PRO A 1176 34.18 40.23 -8.23
C PRO A 1176 33.13 39.16 -8.15
N GLU A 1177 33.53 37.88 -8.09
CA GLU A 1177 32.56 36.80 -8.01
C GLU A 1177 31.71 36.92 -6.76
N VAL A 1178 32.34 37.25 -5.63
CA VAL A 1178 31.60 37.38 -4.38
C VAL A 1178 30.62 38.54 -4.48
N ILE A 1179 31.04 39.65 -5.08
CA ILE A 1179 30.15 40.80 -5.22
C ILE A 1179 28.93 40.43 -6.05
N ASN A 1180 29.17 39.75 -7.18
CA ASN A 1180 28.06 39.35 -8.06
C ASN A 1180 27.13 38.39 -7.33
N TYR A 1181 27.70 37.45 -6.57
CA TYR A 1181 26.89 36.49 -5.83
C TYR A 1181 26.01 37.20 -4.80
N LEU A 1182 26.59 38.14 -4.06
CA LEU A 1182 25.81 38.87 -3.07
C LEU A 1182 24.70 39.67 -3.72
N GLY A 1183 24.99 40.32 -4.85
CA GLY A 1183 23.97 41.09 -5.52
C GLY A 1183 22.83 40.22 -6.01
N ASN A 1184 23.16 39.09 -6.65
CA ASN A 1184 22.14 38.19 -7.15
C ASN A 1184 21.31 37.61 -6.00
N LYS A 1185 21.97 37.26 -4.90
CA LYS A 1185 21.26 36.71 -3.76
C LYS A 1185 20.31 37.74 -3.18
N ALA A 1186 20.75 39.00 -3.08
CA ALA A 1186 19.87 40.03 -2.54
C ALA A 1186 18.67 40.23 -3.44
N CYS A 1187 18.89 40.21 -4.77
CA CYS A 1187 17.79 40.39 -5.70
C CYS A 1187 16.78 39.24 -5.58
N GLU A 1188 17.28 38.00 -5.54
CA GLU A 1188 16.39 36.85 -5.41
C GLU A 1188 15.65 36.89 -4.08
N CYS A 1189 16.34 37.31 -3.02
CA CYS A 1189 15.71 37.39 -1.70
C CYS A 1189 14.59 38.42 -1.71
N TYR A 1190 14.81 39.55 -2.37
CA TYR A 1190 13.78 40.58 -2.43
C TYR A 1190 12.61 40.10 -3.26
N ILE A 1191 12.89 39.33 -4.32
CA ILE A 1191 11.81 38.82 -5.17
C ILE A 1191 10.99 37.78 -4.43
N SER A 1192 11.62 37.01 -3.53
CA SER A 1192 10.92 35.98 -2.78
C SER A 1192 9.76 36.56 -1.97
N ILE A 1193 10.00 37.67 -1.27
CA ILE A 1193 8.94 38.29 -0.46
C ILE A 1193 7.94 39.08 -1.30
N ALA A 1194 8.10 39.09 -2.62
CA ALA A 1194 7.20 39.81 -3.53
C ALA A 1194 7.16 41.30 -3.20
N ASP A 1195 8.33 41.94 -3.33
CA ASP A 1195 8.49 43.37 -3.06
C ASP A 1195 9.02 43.99 -4.35
N TRP A 1196 8.11 44.37 -5.24
CA TRP A 1196 8.52 44.98 -6.51
C TRP A 1196 9.23 46.30 -6.30
N ALA A 1197 8.73 47.13 -5.36
CA ALA A 1197 9.37 48.41 -5.10
C ALA A 1197 10.81 48.20 -4.64
N ALA A 1198 11.01 47.22 -3.76
CA ALA A 1198 12.36 46.93 -3.27
C ALA A 1198 13.24 46.46 -4.41
N VAL A 1199 12.68 45.68 -5.34
CA VAL A 1199 13.46 45.19 -6.47
C VAL A 1199 13.90 46.36 -7.34
N GLN A 1200 12.99 47.30 -7.59
CA GLN A 1200 13.34 48.46 -8.41
C GLN A 1200 14.43 49.28 -7.73
N GLU A 1201 14.29 49.50 -6.42
CA GLU A 1201 15.30 50.27 -5.71
C GLU A 1201 16.65 49.55 -5.76
N TRP A 1202 16.63 48.22 -5.63
CA TRP A 1202 17.86 47.45 -5.67
C TRP A 1202 18.51 47.58 -7.05
N GLN A 1203 17.70 47.54 -8.10
CA GLN A 1203 18.24 47.66 -9.45
C GLN A 1203 18.89 49.02 -9.64
N ASN A 1204 18.24 50.08 -9.15
CA ASN A 1204 18.80 51.42 -9.27
C ASN A 1204 20.12 51.51 -8.50
N SER A 1205 20.15 50.94 -7.30
CA SER A 1205 21.37 50.99 -6.49
C SER A 1205 22.49 50.22 -7.16
N ILE A 1206 22.17 49.07 -7.76
CA ILE A 1206 23.19 48.27 -8.43
C ILE A 1206 23.74 49.04 -9.63
N HIS A 1207 22.86 49.68 -10.39
CA HIS A 1207 23.31 50.43 -11.55
C HIS A 1207 24.22 51.58 -11.13
N ASP A 1208 23.83 52.30 -10.06
CA ASP A 1208 24.65 53.41 -9.59
C ASP A 1208 26.00 52.91 -9.10
N LEU A 1209 26.02 51.80 -8.36
CA LEU A 1209 27.27 51.26 -7.85
C LEU A 1209 28.17 50.83 -8.99
N LYS A 1210 27.61 50.18 -10.01
CA LYS A 1210 28.41 49.73 -11.14
C LYS A 1210 28.97 50.92 -11.91
N LYS A 1211 28.17 51.98 -12.06
CA LYS A 1211 28.65 53.16 -12.79
C LYS A 1211 29.70 53.92 -12.01
N SER A 1212 29.61 53.93 -10.68
CA SER A 1212 30.58 54.63 -9.85
C SER A 1212 31.75 53.76 -9.43
N THR A 1213 31.77 52.47 -9.79
CA THR A 1213 32.85 51.57 -9.42
C THR A 1213 33.53 50.92 -10.60
N SER A 1214 32.91 50.90 -11.79
CA SER A 1214 33.47 50.29 -12.99
C SER A 1214 33.87 48.84 -12.74
N SER A 1215 32.94 48.08 -12.14
CA SER A 1215 33.21 46.68 -11.85
C SER A 1215 33.38 45.88 -13.14
N THR A 1216 32.54 46.14 -14.14
CA THR A 1216 32.58 45.46 -15.43
C THR A 1216 32.37 43.95 -15.31
N SER A 1217 31.96 43.49 -14.13
CA SER A 1217 31.72 42.07 -13.89
C SER A 1217 30.44 41.78 -13.12
N LEU A 1218 29.75 42.80 -12.62
CA LEU A 1218 28.51 42.61 -11.88
C LEU A 1218 27.31 42.83 -12.81
N ASN A 1219 26.40 41.87 -12.82
CA ASN A 1219 25.21 41.95 -13.65
C ASN A 1219 24.17 40.99 -13.10
N LEU A 1220 22.99 41.51 -12.77
CA LEU A 1220 21.92 40.68 -12.23
C LEU A 1220 21.41 39.73 -13.30
N LYS A 1221 21.31 38.44 -12.96
CA LYS A 1221 20.83 37.42 -13.88
C LYS A 1221 19.36 37.15 -13.56
N ALA A 1222 18.52 38.10 -13.95
CA ALA A 1222 17.08 37.99 -13.72
C ALA A 1222 16.36 38.85 -14.74
N ASP A 1223 15.45 38.25 -15.51
CA ASP A 1223 14.70 38.97 -16.51
C ASP A 1223 13.76 39.96 -15.84
N PHE A 1224 14.08 41.26 -15.95
CA PHE A 1224 13.24 42.28 -15.32
C PHE A 1224 11.87 42.38 -15.98
N ASN A 1225 11.73 41.92 -17.22
CA ASN A 1225 10.44 41.99 -17.90
C ASN A 1225 9.41 41.15 -17.14
N TYR A 1226 9.83 39.96 -16.68
CA TYR A 1226 8.92 39.09 -15.94
C TYR A 1226 8.50 39.76 -14.64
N ILE A 1227 9.43 40.44 -13.98
CA ILE A 1227 9.12 41.11 -12.72
C ILE A 1227 8.11 42.22 -12.96
N LYS A 1228 8.32 43.00 -14.04
CA LYS A 1228 7.39 44.07 -14.35
C LYS A 1228 6.01 43.51 -14.65
N SER A 1229 5.97 42.39 -15.38
CA SER A 1229 4.70 41.76 -15.72
C SER A 1229 3.99 41.30 -14.45
N LEU A 1230 4.74 40.71 -13.52
CA LEU A 1230 4.12 40.24 -12.28
C LEU A 1230 3.57 41.42 -11.49
N SER A 1231 4.33 42.52 -11.43
CA SER A 1231 3.86 43.69 -10.69
C SER A 1231 2.59 44.24 -11.32
N SER A 1232 2.55 44.33 -12.64
CA SER A 1232 1.37 44.85 -13.32
C SER A 1232 0.16 43.93 -13.09
N PHE A 1233 0.38 42.61 -13.14
CA PHE A 1233 -0.70 41.67 -12.93
C PHE A 1233 -1.25 41.76 -11.51
N GLU A 1234 -0.36 41.88 -10.53
CA GLU A 1234 -0.81 41.99 -9.14
C GLU A 1234 -1.49 43.32 -8.88
N SER A 1235 -1.11 44.36 -9.60
CA SER A 1235 -1.71 45.68 -9.41
C SER A 1235 -3.10 45.79 -10.04
N GLY A 1236 -3.52 44.80 -10.83
CA GLY A 1236 -4.82 44.83 -11.46
C GLY A 1236 -4.87 45.51 -12.81
N LYS A 1237 -3.76 46.08 -13.27
CA LYS A 1237 -3.71 46.77 -14.56
C LYS A 1237 -3.39 45.75 -15.64
N PHE A 1238 -4.45 45.14 -16.20
CA PHE A 1238 -4.26 44.14 -17.24
C PHE A 1238 -3.88 44.75 -18.58
N VAL A 1239 -4.23 46.03 -18.79
CA VAL A 1239 -3.90 46.69 -20.05
C VAL A 1239 -2.40 46.68 -20.28
N GLU A 1240 -1.63 47.11 -19.28
CA GLU A 1240 -0.19 47.13 -19.42
C GLU A 1240 0.38 45.73 -19.29
N CYS A 1241 -0.33 44.85 -18.56
CA CYS A 1241 0.14 43.48 -18.39
C CYS A 1241 0.17 42.74 -19.72
N THR A 1242 -0.84 42.95 -20.56
CA THR A 1242 -0.87 42.28 -21.86
C THR A 1242 0.31 42.72 -22.72
N GLU A 1243 0.58 44.04 -22.74
CA GLU A 1243 1.70 44.54 -23.53
C GLU A 1243 3.02 44.00 -23.01
N GLN A 1244 3.18 43.93 -21.70
CA GLN A 1244 4.42 43.41 -21.12
C GLN A 1244 4.58 41.93 -21.43
N LEU A 1245 3.47 41.19 -21.40
CA LEU A 1245 3.51 39.75 -21.67
C LEU A 1245 3.74 39.46 -23.14
N GLU A 1246 3.40 40.38 -24.03
CA GLU A 1246 3.60 40.16 -25.47
C GLU A 1246 5.09 39.99 -25.81
N LEU A 1247 5.97 40.65 -25.07
CA LEU A 1247 7.41 40.54 -25.34
C LEU A 1247 8.02 39.25 -24.80
N LEU A 1248 7.33 38.53 -23.93
CA LEU A 1248 7.87 37.29 -23.38
C LEU A 1248 7.95 36.22 -24.47
N PRO A 1249 8.92 35.33 -24.39
CA PRO A 1249 9.05 34.28 -25.41
C PRO A 1249 7.96 33.24 -25.27
N GLY A 1250 7.95 32.30 -26.21
CA GLY A 1250 6.98 31.24 -26.22
C GLY A 1250 5.81 31.53 -27.14
N GLU A 1251 4.74 30.78 -26.93
CA GLU A 1251 3.53 30.96 -27.73
C GLU A 1251 2.92 32.33 -27.48
N ASN A 1252 2.31 32.89 -28.51
CA ASN A 1252 1.69 34.21 -28.39
C ASN A 1252 0.49 34.16 -27.44
N ILE A 1253 0.07 35.34 -26.99
CA ILE A 1253 -1.06 35.44 -26.08
C ILE A 1253 -2.30 34.87 -26.75
N ASN A 1254 -3.09 34.12 -25.98
CA ASN A 1254 -4.31 33.53 -26.50
C ASN A 1254 -5.28 34.61 -26.98
N LEU A 1255 -5.93 34.34 -28.10
CA LEU A 1255 -6.89 35.27 -28.68
C LEU A 1255 -8.29 35.03 -28.13
N ASP A 1265 0.39 23.52 -32.65
CA ASP A 1265 -0.06 24.78 -32.07
C ASP A 1265 -0.24 24.67 -30.57
N MET A 1266 -0.61 23.48 -30.11
CA MET A 1266 -0.81 23.22 -28.69
C MET A 1266 0.26 22.33 -28.07
N LYS A 1267 0.86 21.43 -28.84
CA LYS A 1267 1.90 20.56 -28.30
C LYS A 1267 3.22 21.29 -28.10
N LYS A 1268 3.57 22.18 -29.03
CA LYS A 1268 4.82 22.94 -28.93
C LYS A 1268 4.58 24.29 -28.26
N LEU A 1269 4.07 24.21 -27.02
CA LEU A 1269 3.81 25.44 -26.27
C LEU A 1269 5.10 26.09 -25.78
N LEU A 1270 6.02 25.29 -25.28
CA LEU A 1270 7.28 25.84 -24.79
C LEU A 1270 8.16 26.26 -25.96
N PRO A 1271 8.91 27.35 -25.85
CA PRO A 1271 9.77 27.79 -26.94
C PRO A 1271 11.06 26.98 -26.99
N ASN A 1272 11.80 27.18 -28.08
CA ASN A 1272 13.06 26.49 -28.28
C ASN A 1272 14.17 27.14 -27.44
N MET A 1273 15.34 26.50 -27.46
CA MET A 1273 16.51 26.97 -26.73
C MET A 1273 16.22 27.12 -25.24
N LEU A 1274 15.43 26.20 -24.68
CA LEU A 1274 15.07 26.23 -23.27
C LEU A 1274 16.11 25.47 -22.46
N SER A 1275 16.68 26.13 -21.46
CA SER A 1275 17.68 25.49 -20.62
C SER A 1275 17.04 24.44 -19.72
N PRO A 1276 17.77 23.39 -19.37
CA PRO A 1276 17.20 22.34 -18.50
C PRO A 1276 17.06 22.80 -17.05
N ASP A 1277 17.37 24.05 -16.78
CA ASP A 1277 17.28 24.58 -15.43
C ASP A 1277 15.81 24.63 -15.01
N PRO A 1278 15.46 24.04 -13.85
CA PRO A 1278 14.05 24.07 -13.43
C PRO A 1278 13.50 25.47 -13.27
N ARG A 1279 14.36 26.46 -12.99
CA ARG A 1279 13.88 27.83 -12.84
C ARG A 1279 13.23 28.32 -14.12
N GLU A 1280 13.84 28.00 -15.27
CA GLU A 1280 13.28 28.43 -16.54
C GLU A 1280 11.92 27.78 -16.77
N LEU A 1281 11.79 26.50 -16.43
CA LEU A 1281 10.52 25.81 -16.60
C LEU A 1281 9.45 26.43 -15.73
N GLN A 1282 9.80 26.76 -14.48
CA GLN A 1282 8.84 27.38 -13.58
C GLN A 1282 8.42 28.74 -14.12
N LYS A 1283 9.37 29.51 -14.64
CA LYS A 1283 9.04 30.81 -15.19
C LYS A 1283 8.10 30.68 -16.38
N SER A 1284 8.36 29.68 -17.24
CA SER A 1284 7.51 29.47 -18.41
C SER A 1284 6.09 29.10 -17.97
N ILE A 1285 5.97 28.24 -16.97
CA ILE A 1285 4.65 27.84 -16.49
C ILE A 1285 3.92 29.05 -15.93
N GLU A 1286 4.64 29.87 -15.16
CA GLU A 1286 4.02 31.06 -14.57
C GLU A 1286 3.56 32.01 -15.68
N VAL A 1287 4.36 32.14 -16.74
CA VAL A 1287 4.01 33.02 -17.85
C VAL A 1287 2.74 32.51 -18.52
N GLN A 1288 2.65 31.19 -18.71
CA GLN A 1288 1.46 30.61 -19.34
C GLN A 1288 0.23 30.89 -18.49
N LEU A 1289 0.36 30.71 -17.17
CA LEU A 1289 -0.77 30.95 -16.28
C LEU A 1289 -1.19 32.42 -16.33
N LEU A 1290 -0.20 33.33 -16.35
CA LEU A 1290 -0.53 34.75 -16.40
C LEU A 1290 -1.23 35.09 -17.71
N ARG A 1291 -0.78 34.50 -18.82
CA ARG A 1291 -1.40 34.76 -20.12
C ARG A 1291 -2.85 34.29 -20.10
N SER A 1292 -3.10 33.11 -19.53
CA SER A 1292 -4.46 32.60 -19.47
C SER A 1292 -5.34 33.49 -18.60
N SER A 1293 -4.80 33.93 -17.46
CA SER A 1293 -5.57 34.79 -16.56
C SER A 1293 -5.94 36.10 -17.22
N VAL A 1294 -4.98 36.76 -17.87
CA VAL A 1294 -5.28 38.03 -18.54
C VAL A 1294 -6.25 37.80 -19.69
N CYS A 1295 -6.11 36.68 -20.40
CA CYS A 1295 -7.01 36.40 -21.51
C CYS A 1295 -8.43 36.27 -21.02
N LEU A 1296 -8.63 35.54 -19.92
CA LEU A 1296 -9.98 35.37 -19.38
C LEU A 1296 -10.51 36.69 -18.87
N ALA A 1297 -9.65 37.50 -18.23
CA ALA A 1297 -10.10 38.78 -17.71
C ALA A 1297 -10.56 39.70 -18.82
N THR A 1298 -9.84 39.71 -19.95
CA THR A 1298 -10.23 40.57 -21.07
C THR A 1298 -11.45 40.02 -21.81
N ALA A 1299 -11.56 38.69 -21.92
CA ALA A 1299 -12.71 38.10 -22.62
C ALA A 1299 -13.99 38.26 -21.82
N LEU A 1300 -13.93 38.14 -20.50
CA LEU A 1300 -15.13 38.28 -19.68
C LEU A 1300 -15.72 39.68 -19.80
N ASN A 1301 -14.88 40.71 -19.80
CA ASN A 1301 -15.34 42.08 -19.90
C ASN A 1301 -14.31 42.95 -20.59
N TRP A 1309 -21.56 29.46 -23.67
CA TRP A 1309 -20.29 29.77 -23.03
C TRP A 1309 -19.15 29.00 -23.68
N GLN A 1310 -18.93 29.24 -24.97
CA GLN A 1310 -17.88 28.57 -25.72
C GLN A 1310 -17.05 29.55 -26.56
N SER A 1311 -17.18 30.86 -26.33
CA SER A 1311 -16.42 31.83 -27.10
C SER A 1311 -14.92 31.69 -26.86
N ILE A 1312 -14.50 31.88 -25.61
CA ILE A 1312 -13.09 31.78 -25.23
C ILE A 1312 -12.86 30.63 -24.25
N THR A 1313 -13.65 29.56 -24.34
CA THR A 1313 -13.51 28.43 -23.44
C THR A 1313 -12.95 27.19 -24.12
N GLU A 1314 -13.13 27.06 -25.43
CA GLU A 1314 -12.62 25.89 -26.14
C GLU A 1314 -11.09 25.88 -26.23
N ASN A 1315 -10.46 27.05 -26.28
CA ASN A 1315 -9.01 27.12 -26.37
C ASN A 1315 -8.33 27.27 -25.01
N VAL A 1316 -8.92 28.06 -24.10
CA VAL A 1316 -8.32 28.24 -22.78
C VAL A 1316 -8.26 26.91 -22.04
N VAL A 1317 -9.29 26.08 -22.19
CA VAL A 1317 -9.30 24.78 -21.50
C VAL A 1317 -8.13 23.93 -21.99
N LYS A 1318 -7.91 23.88 -23.31
CA LYS A 1318 -6.81 23.09 -23.85
C LYS A 1318 -5.46 23.66 -23.40
N TYR A 1319 -5.34 24.99 -23.39
CA TYR A 1319 -4.09 25.62 -22.97
C TYR A 1319 -3.76 25.24 -21.53
N LEU A 1320 -4.75 25.35 -20.64
CA LEU A 1320 -4.53 25.01 -19.24
C LEU A 1320 -4.27 23.52 -19.07
N LYS A 1321 -4.93 22.68 -19.87
CA LYS A 1321 -4.71 21.24 -19.76
C LYS A 1321 -3.26 20.92 -20.11
N GLN A 1322 -2.75 21.54 -21.17
CA GLN A 1322 -1.37 21.30 -21.57
C GLN A 1322 -0.42 21.81 -20.50
N THR A 1323 -0.74 22.97 -19.92
CA THR A 1323 0.13 23.52 -18.88
C THR A 1323 0.19 22.57 -17.68
N SER A 1324 -0.96 22.02 -17.28
CA SER A 1324 -1.00 21.09 -16.16
C SER A 1324 -0.22 19.82 -16.50
N ARG A 1325 -0.35 19.35 -17.75
CA ARG A 1325 0.37 18.14 -18.16
C ARG A 1325 1.88 18.36 -18.09
N ILE A 1326 2.32 19.56 -18.44
CA ILE A 1326 3.75 19.86 -18.40
C ILE A 1326 4.22 20.06 -16.96
N ALA A 1327 3.33 20.54 -16.09
CA ALA A 1327 3.67 20.78 -14.69
C ALA A 1327 3.86 19.50 -13.86
N ILE A 1328 3.56 18.33 -14.42
CA ILE A 1328 3.74 17.09 -13.65
C ILE A 1328 5.17 16.60 -13.82
N GLY A 1329 6.01 17.41 -14.46
CA GLY A 1329 7.39 17.06 -14.68
C GLY A 1329 8.20 16.90 -13.40
N PRO A 1330 8.32 17.98 -12.62
CA PRO A 1330 9.09 17.89 -11.37
C PRO A 1330 8.52 16.86 -10.40
N LEU A 1331 7.20 16.71 -10.36
CA LEU A 1331 6.59 15.74 -9.46
C LEU A 1331 7.05 14.33 -9.80
N ARG A 1332 7.11 14.01 -11.10
CA ARG A 1332 7.54 12.68 -11.52
C ARG A 1332 9.04 12.53 -11.31
N LEU A 1333 9.81 13.60 -11.55
CA LEU A 1333 11.25 13.55 -11.38
C LEU A 1333 11.60 13.26 -9.93
N SER A 1334 10.86 13.86 -8.98
CA SER A 1334 11.14 13.61 -7.57
C SER A 1334 10.90 12.15 -7.24
N THR A 1335 9.85 11.56 -7.79
CA THR A 1335 9.53 10.16 -7.54
C THR A 1335 10.57 9.25 -8.18
N LEU A 1336 11.19 9.68 -9.27
CA LEU A 1336 12.19 8.87 -9.95
C LEU A 1336 13.28 8.41 -8.97
N THR A 1337 13.68 9.27 -8.04
CA THR A 1337 14.69 8.98 -7.05
C THR A 1337 14.02 8.85 -5.68
N VAL A 1338 14.81 8.43 -4.70
CA VAL A 1338 14.31 8.26 -3.33
C VAL A 1338 14.52 9.60 -2.64
N SER A 1339 13.51 10.47 -2.77
CA SER A 1339 13.58 11.80 -2.17
C SER A 1339 12.73 11.94 -0.92
N GLN A 1340 11.70 11.12 -0.75
CA GLN A 1340 10.80 11.13 0.40
C GLN A 1340 10.05 12.44 0.54
N SER A 1341 10.12 13.32 -0.46
CA SER A 1341 9.44 14.61 -0.43
C SER A 1341 9.30 15.12 -1.85
N LEU A 1342 8.43 16.11 -2.02
CA LEU A 1342 8.18 16.72 -3.31
C LEU A 1342 8.37 18.23 -3.24
N PRO A 1343 8.79 18.85 -4.33
CA PRO A 1343 8.99 20.30 -4.32
C PRO A 1343 7.68 21.02 -4.03
N VAL A 1344 7.76 22.12 -3.28
CA VAL A 1344 6.56 22.87 -2.95
C VAL A 1344 6.15 23.78 -4.10
N LEU A 1345 7.12 24.39 -4.78
CA LEU A 1345 6.79 25.28 -5.89
C LEU A 1345 6.11 24.53 -7.03
N SER A 1346 6.64 23.37 -7.41
CA SER A 1346 6.04 22.60 -8.49
C SER A 1346 4.64 22.12 -8.12
N THR A 1347 4.47 21.60 -6.91
CA THR A 1347 3.16 21.12 -6.48
C THR A 1347 2.16 22.26 -6.46
N LEU A 1348 2.57 23.42 -5.96
CA LEU A 1348 1.67 24.57 -5.91
C LEU A 1348 1.30 25.02 -7.31
N GLN A 1349 2.27 25.02 -8.23
CA GLN A 1349 1.97 25.44 -9.59
C GLN A 1349 0.97 24.50 -10.24
N LEU A 1350 1.15 23.19 -10.05
CA LEU A 1350 0.23 22.21 -10.62
C LEU A 1350 -1.17 22.37 -10.03
N TYR A 1351 -1.24 22.54 -8.70
CA TYR A 1351 -2.55 22.71 -8.06
C TYR A 1351 -3.23 23.98 -8.55
N CYS A 1352 -2.47 25.06 -8.70
CA CYS A 1352 -3.04 26.31 -9.18
C CYS A 1352 -3.55 26.14 -10.60
N SER A 1353 -2.79 25.42 -11.44
CA SER A 1353 -3.22 25.21 -12.81
C SER A 1353 -4.51 24.42 -12.85
N SER A 1354 -4.62 23.40 -12.00
CA SER A 1354 -5.84 22.59 -11.97
C SER A 1354 -7.02 23.44 -11.50
N ALA A 1355 -6.80 24.28 -10.48
CA ALA A 1355 -7.87 25.13 -9.98
C ALA A 1355 -8.33 26.08 -11.06
N LEU A 1356 -7.38 26.66 -11.81
CA LEU A 1356 -7.74 27.58 -12.88
C LEU A 1356 -8.51 26.85 -13.97
N GLU A 1357 -8.09 25.63 -14.30
CA GLU A 1357 -8.79 24.88 -15.33
C GLU A 1357 -10.22 24.60 -14.91
N ASN A 1358 -10.43 24.29 -13.64
CA ASN A 1358 -11.78 24.03 -13.16
C ASN A 1358 -12.62 25.31 -13.13
N THR A 1359 -12.02 26.44 -12.73
CA THR A 1359 -12.77 27.68 -12.68
C THR A 1359 -13.11 28.18 -14.07
N VAL A 1360 -12.33 27.81 -15.09
CA VAL A 1360 -12.63 28.27 -16.44
C VAL A 1360 -13.91 27.62 -16.94
N SER A 1361 -14.08 26.31 -16.71
CA SER A 1361 -15.27 25.60 -17.14
C SER A 1361 -16.42 25.69 -16.16
N ASN A 1362 -16.20 26.15 -14.93
CA ASN A 1362 -17.26 26.26 -13.95
C ASN A 1362 -17.67 27.69 -13.64
N ARG A 1363 -16.86 28.68 -14.03
CA ARG A 1363 -17.15 30.09 -13.77
C ARG A 1363 -17.37 30.35 -12.28
N LEU A 1364 -16.56 29.70 -11.45
CA LEU A 1364 -16.63 29.83 -9.99
C LEU A 1364 -18.03 29.48 -9.46
N SER A 1365 -18.40 28.21 -9.66
CA SER A 1365 -19.69 27.70 -9.22
C SER A 1365 -19.58 26.49 -8.30
N THR A 1366 -18.39 25.93 -8.13
CA THR A 1366 -18.18 24.77 -7.27
C THR A 1366 -16.98 25.02 -6.38
N GLU A 1367 -16.93 24.27 -5.27
CA GLU A 1367 -15.83 24.40 -4.32
C GLU A 1367 -14.52 23.83 -4.84
N ASP A 1368 -14.54 23.09 -5.96
CA ASP A 1368 -13.33 22.52 -6.52
C ASP A 1368 -12.43 23.57 -7.18
N CYS A 1369 -12.89 24.80 -7.31
CA CYS A 1369 -12.12 25.87 -7.93
C CYS A 1369 -11.25 26.62 -6.94
N LEU A 1370 -11.23 26.21 -5.68
CA LEU A 1370 -10.42 26.86 -4.65
C LEU A 1370 -9.11 26.11 -4.42
N ILE A 1371 -8.18 26.79 -3.78
CA ILE A 1371 -6.87 26.23 -3.47
C ILE A 1371 -7.00 25.39 -2.19
N PRO A 1372 -6.43 24.18 -2.17
CA PRO A 1372 -6.54 23.33 -0.97
C PRO A 1372 -5.66 23.75 0.20
N LEU A 1373 -5.10 24.96 0.19
CA LEU A 1373 -4.24 25.43 1.28
C LEU A 1373 -5.12 26.04 2.37
N PHE A 1374 -5.28 25.31 3.47
CA PHE A 1374 -6.09 25.75 4.60
C PHE A 1374 -5.19 25.97 5.82
N SER A 1375 -5.82 26.30 6.95
CA SER A 1375 -5.09 26.54 8.18
C SER A 1375 -4.51 25.27 8.79
N GLU A 1376 -4.90 24.09 8.30
CA GLU A 1376 -4.38 22.84 8.84
C GLU A 1376 -2.86 22.75 8.72
N ALA A 1377 -2.26 23.51 7.81
CA ALA A 1377 -0.82 23.49 7.62
C ALA A 1377 -0.08 24.14 8.78
N LEU A 1378 -0.78 24.81 9.68
CA LEU A 1378 -0.11 25.47 10.80
C LEU A 1378 0.58 24.45 11.72
N ARG A 1379 -0.05 23.30 11.94
CA ARG A 1379 0.50 22.26 12.79
C ARG A 1379 1.15 21.13 12.01
N SER A 1380 1.26 21.25 10.69
CA SER A 1380 1.88 20.19 9.89
C SER A 1380 2.83 20.68 8.81
N CYS A 1381 3.00 21.98 8.63
CA CYS A 1381 3.90 22.52 7.61
C CYS A 1381 4.71 23.69 8.17
N LYS A 1382 5.25 23.50 9.38
CA LYS A 1382 6.04 24.54 10.02
C LYS A 1382 7.48 24.59 9.53
N GLN A 1383 7.91 23.65 8.69
CA GLN A 1383 9.27 23.61 8.17
C GLN A 1383 9.42 24.31 6.83
N HIS A 1384 8.37 24.95 6.34
CA HIS A 1384 8.40 25.66 5.06
C HIS A 1384 8.45 27.16 5.29
N ASP A 1385 8.90 27.89 4.27
CA ASP A 1385 9.00 29.34 4.33
C ASP A 1385 7.69 29.99 3.89
N VAL A 1386 7.72 31.31 3.70
CA VAL A 1386 6.53 32.06 3.28
C VAL A 1386 6.34 32.06 1.77
N ARG A 1387 7.37 31.67 1.01
CA ARG A 1387 7.25 31.66 -0.45
C ARG A 1387 6.05 30.87 -0.97
N PRO A 1388 5.74 29.67 -0.47
CA PRO A 1388 4.57 28.94 -1.01
C PRO A 1388 3.24 29.68 -0.92
N TRP A 1389 2.98 30.38 0.18
CA TRP A 1389 1.71 31.09 0.30
C TRP A 1389 1.61 32.30 -0.61
N MET A 1390 2.74 32.83 -1.09
CA MET A 1390 2.70 34.00 -1.97
C MET A 1390 1.98 33.67 -3.27
N GLN A 1391 2.27 32.52 -3.88
CA GLN A 1391 1.62 32.15 -5.12
C GLN A 1391 0.12 31.95 -4.92
N ALA A 1392 -0.26 31.29 -3.82
CA ALA A 1392 -1.68 31.05 -3.55
C ALA A 1392 -2.41 32.37 -3.39
N LEU A 1393 -1.84 33.31 -2.64
CA LEU A 1393 -2.49 34.60 -2.45
C LEU A 1393 -2.57 35.37 -3.76
N ARG A 1394 -1.48 35.34 -4.55
CA ARG A 1394 -1.46 36.04 -5.83
C ARG A 1394 -2.55 35.54 -6.75
N TYR A 1395 -2.73 34.23 -6.84
CA TYR A 1395 -3.77 33.70 -7.71
C TYR A 1395 -5.16 33.78 -7.09
N THR A 1396 -5.26 33.95 -5.77
CA THR A 1396 -6.58 34.04 -5.16
C THR A 1396 -7.15 35.43 -5.32
N MET A 1397 -6.30 36.45 -5.23
CA MET A 1397 -6.80 37.82 -5.38
C MET A 1397 -7.36 38.03 -6.78
N TYR A 1398 -6.83 37.32 -7.77
CA TYR A 1398 -7.32 37.45 -9.14
C TYR A 1398 -8.77 37.01 -9.21
N GLN A 1399 -9.09 35.86 -8.61
CA GLN A 1399 -10.47 35.37 -8.63
C GLN A 1399 -11.36 36.28 -7.79
N ASN A 1400 -10.82 36.78 -6.67
CA ASN A 1400 -11.61 37.66 -5.81
C ASN A 1400 -12.02 38.91 -6.57
N GLN A 1401 -11.10 39.51 -7.33
CA GLN A 1401 -11.44 40.70 -8.08
C GLN A 1401 -12.28 40.35 -9.30
N LEU A 1402 -12.13 39.13 -9.82
CA LEU A 1402 -12.90 38.71 -10.98
C LEU A 1402 -14.37 38.49 -10.63
N LEU A 1403 -14.66 38.20 -9.36
CA LEU A 1403 -16.04 37.99 -8.94
C LEU A 1403 -16.95 39.18 -9.23
N GLU A 1404 -16.39 40.38 -9.34
CA GLU A 1404 -17.18 41.57 -9.61
C GLU A 1404 -17.76 41.61 -11.02
N LYS A 1405 -17.33 40.72 -11.92
CA LYS A 1405 -17.83 40.69 -13.28
C LYS A 1405 -18.74 39.49 -13.54
N ILE A 1406 -19.25 38.86 -12.50
CA ILE A 1406 -20.14 37.71 -12.63
C ILE A 1406 -21.45 38.04 -11.92
N LYS A 1407 -22.57 37.87 -12.63
CA LYS A 1407 -23.88 38.14 -12.07
C LYS A 1407 -24.52 36.93 -11.43
N GLU A 1408 -24.17 35.72 -11.88
CA GLU A 1408 -24.74 34.51 -11.32
C GLU A 1408 -24.16 34.23 -9.94
N GLN A 1409 -24.81 33.33 -9.22
CA GLN A 1409 -24.37 32.97 -7.88
C GLN A 1409 -23.02 32.27 -7.94
N THR A 1410 -22.11 32.66 -7.04
CA THR A 1410 -20.78 32.09 -6.96
C THR A 1410 -20.49 31.68 -5.51
N VAL A 1411 -19.44 30.89 -5.34
CA VAL A 1411 -19.03 30.41 -4.02
C VAL A 1411 -18.40 31.58 -3.27
N PRO A 1412 -18.44 31.61 -1.93
CA PRO A 1412 -17.84 32.73 -1.19
C PRO A 1412 -16.33 32.56 -1.10
N ILE A 1413 -15.61 33.58 -1.57
CA ILE A 1413 -14.15 33.56 -1.54
C ILE A 1413 -13.58 34.41 -0.41
N ARG A 1414 -14.41 35.24 0.23
CA ARG A 1414 -13.93 36.08 1.32
C ARG A 1414 -13.37 35.24 2.47
N SER A 1415 -14.07 34.16 2.84
CA SER A 1415 -13.59 33.31 3.92
C SER A 1415 -12.28 32.64 3.57
N HIS A 1416 -12.18 32.07 2.36
CA HIS A 1416 -10.95 31.41 1.94
C HIS A 1416 -9.80 32.41 1.87
N LEU A 1417 -10.05 33.59 1.29
CA LEU A 1417 -9.00 34.60 1.18
C LEU A 1417 -8.53 35.05 2.55
N MET A 1418 -9.47 35.27 3.47
CA MET A 1418 -9.09 35.70 4.82
C MET A 1418 -8.28 34.61 5.52
N GLU A 1419 -8.68 33.35 5.35
CA GLU A 1419 -7.95 32.25 5.98
C GLU A 1419 -6.54 32.17 5.44
N LEU A 1420 -6.38 32.28 4.11
CA LEU A 1420 -5.06 32.22 3.51
C LEU A 1420 -4.20 33.37 3.99
N GLY A 1421 -4.78 34.58 4.06
CA GLY A 1421 -4.03 35.73 4.51
C GLY A 1421 -3.57 35.58 5.95
N LEU A 1422 -4.46 35.09 6.82
CA LEU A 1422 -4.10 34.91 8.22
C LEU A 1422 -2.98 33.87 8.37
N THR A 1423 -3.10 32.74 7.67
CA THR A 1423 -2.07 31.71 7.77
C THR A 1423 -0.73 32.23 7.26
N ALA A 1424 -0.74 32.93 6.11
CA ALA A 1424 0.50 33.45 5.56
C ALA A 1424 1.10 34.48 6.50
N ALA A 1425 0.25 35.31 7.13
CA ALA A 1425 0.76 36.31 8.05
C ALA A 1425 1.40 35.66 9.26
N LYS A 1426 0.80 34.58 9.76
CA LYS A 1426 1.35 33.89 10.92
C LYS A 1426 2.72 33.32 10.57
N PHE A 1427 2.82 32.67 9.40
CA PHE A 1427 4.10 32.09 9.00
C PHE A 1427 5.14 33.18 8.77
N ALA A 1428 4.73 34.33 8.23
CA ALA A 1428 5.68 35.41 7.98
C ALA A 1428 6.19 35.98 9.30
N ARG A 1429 5.30 36.16 10.27
CA ARG A 1429 5.73 36.70 11.55
C ARG A 1429 6.60 35.70 12.30
N LYS A 1430 6.38 34.40 12.08
CA LYS A 1430 7.18 33.37 12.74
C LYS A 1430 8.62 33.32 12.23
N ARG A 1431 9.02 34.21 11.32
CA ARG A 1431 10.38 34.19 10.80
C ARG A 1431 11.03 35.58 10.78
N GLY A 1432 10.43 36.58 11.41
CA GLY A 1432 10.98 37.91 11.42
C GLY A 1432 10.60 38.82 10.27
N ASN A 1433 9.84 38.33 9.29
CA ASN A 1433 9.44 39.14 8.15
C ASN A 1433 8.33 40.09 8.61
N VAL A 1434 8.76 41.20 9.21
CA VAL A 1434 7.80 42.19 9.70
C VAL A 1434 7.14 42.94 8.55
N SER A 1435 7.89 43.25 7.50
CA SER A 1435 7.32 43.97 6.37
C SER A 1435 6.22 43.17 5.68
N LEU A 1436 6.51 41.91 5.34
CA LEU A 1436 5.52 41.07 4.68
C LEU A 1436 4.32 40.85 5.59
N ALA A 1437 4.56 40.64 6.89
CA ALA A 1437 3.48 40.43 7.83
C ALA A 1437 2.58 41.65 7.91
N THR A 1438 3.18 42.85 7.95
CA THR A 1438 2.38 44.07 8.01
C THR A 1438 1.57 44.22 6.74
N ARG A 1439 2.16 43.89 5.59
CA ARG A 1439 1.43 44.02 4.33
C ARG A 1439 0.22 43.09 4.34
N LEU A 1440 0.40 41.85 4.80
CA LEU A 1440 -0.72 40.91 4.85
C LEU A 1440 -1.78 41.38 5.83
N LEU A 1441 -1.36 41.92 6.98
CA LEU A 1441 -2.32 42.39 7.97
C LEU A 1441 -3.15 43.53 7.40
N ALA A 1442 -2.50 44.46 6.71
CA ALA A 1442 -3.23 45.58 6.12
C ALA A 1442 -4.18 45.10 5.03
N GLN A 1443 -3.73 44.11 4.23
CA GLN A 1443 -4.59 43.59 3.18
C GLN A 1443 -5.81 42.90 3.75
N CYS A 1444 -5.64 42.12 4.82
CA CYS A 1444 -6.77 41.43 5.42
C CYS A 1444 -7.71 42.40 6.12
N SER A 1445 -7.16 43.43 6.76
CA SER A 1445 -7.99 44.41 7.45
C SER A 1445 -8.70 45.37 6.50
N GLU A 1446 -8.22 45.48 5.26
CA GLU A 1446 -8.81 46.37 4.26
C GLU A 1446 -8.92 47.81 4.76
N THR A 1453 7.35 51.81 8.23
CA THR A 1453 8.81 51.76 8.29
C THR A 1453 9.32 52.21 9.65
N THR A 1454 8.40 52.46 10.58
CA THR A 1454 8.74 52.89 11.92
C THR A 1454 7.94 52.08 12.93
N ALA A 1455 8.51 51.94 14.13
CA ALA A 1455 7.84 51.19 15.19
C ALA A 1455 6.53 51.84 15.59
N GLN A 1456 6.51 53.17 15.69
CA GLN A 1456 5.29 53.87 16.07
C GLN A 1456 4.21 53.77 15.01
N ASP A 1457 4.58 53.53 13.75
CA ASP A 1457 3.59 53.41 12.69
C ASP A 1457 2.66 52.23 12.93
N LEU A 1458 3.23 51.09 13.33
CA LEU A 1458 2.41 49.91 13.59
C LEU A 1458 1.48 50.16 14.78
N VAL A 1459 1.98 50.82 15.81
CA VAL A 1459 1.18 51.10 16.99
C VAL A 1459 0.01 52.02 16.65
N GLN A 1460 0.27 53.05 15.84
CA GLN A 1460 -0.77 53.98 15.46
C GLN A 1460 -1.70 53.42 14.38
N HIS A 1461 -1.31 52.34 13.71
CA HIS A 1461 -2.13 51.74 12.67
C HIS A 1461 -2.77 50.42 13.07
N PHE A 1462 -2.62 50.01 14.33
CA PHE A 1462 -3.21 48.75 14.79
C PHE A 1462 -4.05 48.88 16.06
N LYS A 1463 -3.74 49.82 16.94
CA LYS A 1463 -4.51 49.99 18.16
C LYS A 1463 -5.86 50.62 17.89
N LYS A 1474 -16.15 35.88 12.06
CA LYS A 1474 -15.72 34.54 12.43
C LYS A 1474 -14.23 34.49 12.72
N TRP A 1475 -13.45 35.26 11.96
CA TRP A 1475 -12.01 35.30 12.11
C TRP A 1475 -11.55 36.53 12.90
N GLY A 1476 -12.46 37.24 13.54
CA GLY A 1476 -12.11 38.42 14.31
C GLY A 1476 -11.09 38.13 15.38
N PRO A 1477 -11.36 37.13 16.23
CA PRO A 1477 -10.39 36.80 17.29
C PRO A 1477 -9.00 36.48 16.74
N GLU A 1478 -8.94 35.73 15.63
CA GLU A 1478 -7.64 35.39 15.06
C GLU A 1478 -6.92 36.64 14.61
N LEU A 1479 -7.64 37.57 13.97
CA LEU A 1479 -7.04 38.80 13.51
C LEU A 1479 -6.50 39.62 14.68
N ASP A 1480 -7.27 39.72 15.76
CA ASP A 1480 -6.82 40.48 16.92
C ASP A 1480 -5.59 39.86 17.54
N ILE A 1481 -5.59 38.53 17.70
CA ILE A 1481 -4.43 37.86 18.29
C ILE A 1481 -3.21 38.05 17.40
N GLU A 1482 -3.40 37.97 16.07
CA GLU A 1482 -2.27 38.15 15.17
C GLU A 1482 -1.72 39.56 15.28
N LYS A 1483 -2.59 40.57 15.39
CA LYS A 1483 -2.11 41.94 15.50
C LYS A 1483 -1.32 42.11 16.79
N THR A 1484 -1.82 41.55 17.89
CA THR A 1484 -1.11 41.66 19.16
C THR A 1484 0.25 40.97 19.08
N LYS A 1485 0.30 39.78 18.47
CA LYS A 1485 1.56 39.06 18.35
C LYS A 1485 2.55 39.85 17.51
N LEU A 1486 2.08 40.46 16.41
CA LEU A 1486 2.97 41.24 15.55
C LEU A 1486 3.52 42.43 16.31
N LEU A 1487 2.66 43.13 17.06
CA LEU A 1487 3.14 44.28 17.81
C LEU A 1487 4.15 43.86 18.85
N TYR A 1488 3.92 42.72 19.53
CA TYR A 1488 4.86 42.27 20.53
C TYR A 1488 6.21 41.94 19.88
N THR A 1489 6.16 41.26 18.73
CA THR A 1489 7.40 40.91 18.03
C THR A 1489 8.11 42.15 17.52
N ALA A 1490 7.38 43.25 17.34
CA ALA A 1490 7.97 44.49 16.86
C ALA A 1490 8.69 45.28 17.94
N GLY A 1491 8.66 44.81 19.19
CA GLY A 1491 9.32 45.47 20.30
C GLY A 1491 8.38 46.21 21.23
N GLN A 1492 7.13 46.44 20.84
CA GLN A 1492 6.16 47.14 21.68
C GLN A 1492 5.39 46.11 22.50
N SER A 1493 6.00 45.68 23.60
CA SER A 1493 5.37 44.70 24.48
C SER A 1493 4.20 45.30 25.24
N THR A 1494 4.33 46.56 25.68
CA THR A 1494 3.24 47.20 26.42
C THR A 1494 1.98 47.31 25.59
N HIS A 1495 2.10 47.77 24.35
CA HIS A 1495 0.93 47.90 23.49
C HIS A 1495 0.28 46.55 23.23
N ALA A 1496 1.10 45.53 22.96
CA ALA A 1496 0.55 44.20 22.70
C ALA A 1496 -0.17 43.67 23.94
N MET A 1497 0.40 43.90 25.12
CA MET A 1497 -0.22 43.45 26.36
C MET A 1497 -1.55 44.14 26.57
N GLU A 1498 -1.60 45.45 26.31
CA GLU A 1498 -2.84 46.19 26.48
C GLU A 1498 -3.92 45.67 25.53
N MET A 1499 -3.54 45.45 24.27
CA MET A 1499 -4.52 44.95 23.31
C MET A 1499 -4.99 43.56 23.68
N LEU A 1500 -4.09 42.69 24.15
CA LEU A 1500 -4.51 41.34 24.52
C LEU A 1500 -5.47 41.39 25.71
N SER A 1501 -5.19 42.24 26.69
CA SER A 1501 -6.08 42.33 27.85
C SER A 1501 -7.45 42.83 27.41
N SER A 1502 -7.48 43.87 26.57
CA SER A 1502 -8.76 44.40 26.10
C SER A 1502 -9.51 43.34 25.32
N CYS A 1503 -8.79 42.59 24.48
CA CYS A 1503 -9.42 41.55 23.69
C CYS A 1503 -10.02 40.49 24.61
N ALA A 1504 -9.29 40.10 25.66
CA ALA A 1504 -9.81 39.10 26.58
C ALA A 1504 -11.08 39.60 27.23
N ILE A 1505 -11.09 40.89 27.60
CA ILE A 1505 -12.27 41.48 28.23
C ILE A 1505 -13.46 41.39 27.28
N SER A 1506 -13.22 41.68 26.00
CA SER A 1506 -14.29 41.62 25.01
C SER A 1506 -14.76 40.20 24.73
N PHE A 1507 -13.84 39.23 24.70
CA PHE A 1507 -14.24 37.86 24.43
C PHE A 1507 -14.94 37.22 25.62
N CYS A 1508 -14.65 37.71 26.83
CA CYS A 1508 -15.30 37.13 28.01
C CYS A 1508 -16.81 37.29 27.97
N LYS A 1509 -17.32 38.26 27.22
CA LYS A 1509 -18.75 38.51 27.09
C LYS A 1509 -19.23 38.20 25.68
N SER A 1510 -18.64 37.18 25.05
CA SER A 1510 -18.99 36.78 23.70
C SER A 1510 -19.97 35.61 23.75
N VAL A 1511 -20.27 35.05 22.58
CA VAL A 1511 -21.21 33.94 22.50
C VAL A 1511 -20.49 32.61 22.74
N LYS A 1512 -19.54 32.28 21.86
CA LYS A 1512 -18.81 31.02 22.02
C LYS A 1512 -17.66 31.16 23.01
N ALA A 1513 -16.67 32.00 22.69
CA ALA A 1513 -15.51 32.23 23.54
C ALA A 1513 -14.89 30.93 24.03
N GLU A 1514 -14.69 29.99 23.11
CA GLU A 1514 -14.11 28.69 23.45
C GLU A 1514 -12.59 28.68 23.27
N TYR A 1515 -12.11 28.92 22.06
CA TYR A 1515 -10.69 28.92 21.77
C TYR A 1515 -10.08 30.32 21.77
N ALA A 1516 -10.84 31.35 22.12
CA ALA A 1516 -10.34 32.71 22.13
C ALA A 1516 -9.94 33.19 23.53
N VAL A 1517 -10.83 33.03 24.51
CA VAL A 1517 -10.54 33.46 25.88
C VAL A 1517 -9.35 32.68 26.44
N ALA A 1518 -9.35 31.36 26.25
CA ALA A 1518 -8.27 30.53 26.77
C ALA A 1518 -6.93 30.92 26.14
N LYS A 1519 -6.90 31.04 24.81
CA LYS A 1519 -5.65 31.41 24.14
C LYS A 1519 -5.16 32.79 24.55
N SER A 1520 -6.07 33.76 24.64
CA SER A 1520 -5.68 35.11 25.03
C SER A 1520 -5.12 35.15 26.44
N ILE A 1521 -5.80 34.47 27.38
CA ILE A 1521 -5.33 34.45 28.76
C ILE A 1521 -3.98 33.75 28.85
N LEU A 1522 -3.82 32.62 28.16
CA LEU A 1522 -2.55 31.91 28.22
C LEU A 1522 -1.42 32.76 27.66
N THR A 1523 -1.65 33.42 26.52
CA THR A 1523 -0.61 34.26 25.93
C THR A 1523 -0.26 35.41 26.86
N LEU A 1524 -1.29 36.03 27.47
CA LEU A 1524 -1.04 37.15 28.38
C LEU A 1524 -0.23 36.68 29.58
N ALA A 1525 -0.57 35.50 30.13
CA ALA A 1525 0.16 35.00 31.28
C ALA A 1525 1.61 34.69 30.93
N LYS A 1526 1.84 34.10 29.75
CA LYS A 1526 3.22 33.79 29.36
C LYS A 1526 4.02 35.07 29.17
N TRP A 1527 3.44 36.08 28.52
CA TRP A 1527 4.16 37.33 28.32
C TRP A 1527 4.39 38.03 29.65
N ILE A 1528 3.48 37.86 30.61
CA ILE A 1528 3.62 38.49 31.91
C ILE A 1528 4.77 37.84 32.67
N GLN A 1529 4.81 36.50 32.66
CA GLN A 1529 5.88 35.79 33.36
C GLN A 1529 7.23 36.06 32.70
N ALA A 1530 7.25 36.33 31.39
CA ALA A 1530 8.51 36.60 30.72
C ALA A 1530 9.16 37.86 31.27
N GLU A 1531 8.41 38.96 31.30
CA GLU A 1531 8.92 40.24 31.81
C GLU A 1531 8.45 40.46 33.24
N TRP A 1532 8.80 39.53 34.14
CA TRP A 1532 8.41 39.65 35.53
C TRP A 1532 9.15 40.79 36.24
N LYS A 1533 10.36 41.12 35.77
CA LYS A 1533 11.13 42.18 36.39
C LYS A 1533 10.43 43.53 36.26
N GLU A 1534 9.88 43.84 35.09
CA GLU A 1534 9.20 45.10 34.86
C GLU A 1534 7.71 45.05 35.14
N ILE A 1535 7.17 43.91 35.55
CA ILE A 1535 5.75 43.78 35.83
C ILE A 1535 5.47 43.39 37.28
N SER A 1536 6.51 43.39 38.12
CA SER A 1536 6.32 43.02 39.52
C SER A 1536 5.64 44.13 40.33
N GLY A 1537 5.67 45.37 39.85
CA GLY A 1537 5.04 46.46 40.56
C GLY A 1537 3.56 46.62 40.29
N GLN A 1538 3.17 46.42 39.03
CA GLN A 1538 1.76 46.56 38.67
C GLN A 1538 0.91 45.52 39.40
N LEU A 1539 1.40 44.28 39.49
CA LEU A 1539 0.63 43.24 40.17
C LEU A 1539 0.46 43.57 41.65
N LYS A 1540 1.54 44.02 42.31
CA LYS A 1540 1.41 44.36 43.72
C LYS A 1540 0.46 45.53 43.91
N GLN A 1541 0.49 46.49 42.98
CA GLN A 1541 -0.40 47.63 43.09
C GLN A 1541 -1.84 47.18 42.95
N VAL A 1542 -2.09 46.23 42.04
CA VAL A 1542 -3.43 45.70 41.84
C VAL A 1542 -3.91 45.00 43.10
N TYR A 1543 -3.04 44.19 43.70
CA TYR A 1543 -3.42 43.48 44.92
C TYR A 1543 -3.74 44.47 46.03
N ARG A 1544 -2.91 45.51 46.19
CA ARG A 1544 -3.16 46.50 47.23
C ARG A 1544 -4.46 47.25 46.99
N ALA A 1545 -4.74 47.62 45.74
CA ALA A 1545 -5.97 48.35 45.43
C ALA A 1545 -7.19 47.44 45.56
N GLN A 1546 -7.01 46.13 45.42
CA GLN A 1546 -8.14 45.20 45.51
C GLN A 1546 -8.73 45.17 46.92
N HIS A 1547 -7.97 45.56 47.93
CA HIS A 1547 -8.43 45.58 49.32
C HIS A 1547 -8.19 46.99 49.86
N GLN A 1548 -9.16 47.88 49.64
CA GLN A 1548 -9.06 49.25 50.10
C GLN A 1548 -10.42 49.93 50.10
N LEU A 1554 -2.49 53.55 39.60
CA LEU A 1554 -2.93 52.41 38.80
C LEU A 1554 -2.96 52.76 37.32
N SER A 1555 -2.06 52.15 36.54
CA SER A 1555 -1.99 52.39 35.11
C SER A 1555 -3.12 51.66 34.40
N THR A 1556 -3.09 51.71 33.06
CA THR A 1556 -4.12 51.04 32.28
C THR A 1556 -4.08 49.53 32.49
N LEU A 1557 -2.89 48.95 32.62
CA LEU A 1557 -2.78 47.52 32.82
C LEU A 1557 -3.38 47.12 34.17
N SER A 1558 -3.14 47.92 35.20
CA SER A 1558 -3.67 47.63 36.52
C SER A 1558 -5.19 47.59 36.52
N LYS A 1559 -5.83 48.64 35.98
CA LYS A 1559 -7.28 48.68 35.94
C LYS A 1559 -7.84 47.58 35.04
N ASN A 1560 -7.18 47.30 33.92
CA ASN A 1560 -7.67 46.26 33.02
C ASN A 1560 -7.63 44.89 33.71
N ILE A 1561 -6.52 44.59 34.40
CA ILE A 1561 -6.41 43.30 35.10
C ILE A 1561 -7.43 43.24 36.22
N LEU A 1562 -7.62 44.34 36.95
CA LEU A 1562 -8.58 44.35 38.04
C LEU A 1562 -9.97 44.06 37.51
N THR A 1563 -10.32 44.65 36.36
CA THR A 1563 -11.64 44.41 35.79
C THR A 1563 -11.75 42.97 35.32
N LEU A 1564 -10.66 42.41 34.78
CA LEU A 1564 -10.70 41.02 34.31
C LEU A 1564 -10.93 40.05 35.46
N ILE A 1565 -10.26 40.29 36.60
CA ILE A 1565 -10.43 39.41 37.74
C ILE A 1565 -11.82 39.57 38.36
N GLU A 1566 -12.31 40.81 38.42
CA GLU A 1566 -13.62 41.10 38.99
C GLU A 1566 -14.78 40.62 38.12
N LEU A 1567 -14.53 39.95 37.00
CA LEU A 1567 -15.62 39.48 36.16
C LEU A 1567 -16.34 38.31 36.83
N PRO A 1568 -17.64 38.40 37.04
CA PRO A 1568 -18.36 37.30 37.69
C PRO A 1568 -18.41 36.07 36.82
N SER A 1569 -18.48 34.91 37.47
CA SER A 1569 -18.53 33.63 36.77
C SER A 1569 -19.96 33.30 36.34
N ILE A 1580 -12.58 30.62 44.00
CA ILE A 1580 -12.28 29.48 44.84
C ILE A 1580 -11.07 29.75 45.72
N GLU A 1581 -10.01 30.29 45.13
CA GLU A 1581 -8.78 30.60 45.84
C GLU A 1581 -9.04 31.74 46.83
N SER A 1582 -8.59 31.57 48.06
CA SER A 1582 -8.75 32.56 49.11
C SER A 1582 -7.41 33.21 49.44
N GLU A 1583 -7.47 34.50 49.78
CA GLU A 1583 -6.26 35.24 50.11
C GLU A 1583 -5.70 34.86 51.47
N SER A 1584 -6.52 34.27 52.35
CA SER A 1584 -6.04 33.88 53.67
C SER A 1584 -4.99 32.78 53.59
N THR A 1585 -5.19 31.80 52.70
CA THR A 1585 -4.22 30.73 52.57
C THR A 1585 -2.92 31.19 51.90
N VAL A 1586 -3.03 32.08 50.91
CA VAL A 1586 -1.86 32.58 50.22
C VAL A 1586 -1.27 33.77 50.96
N HIS A 1587 -1.75 34.02 52.17
CA HIS A 1587 -1.26 35.14 52.97
C HIS A 1587 0.04 34.82 53.69
N ILE A 1588 0.51 33.57 53.64
CA ILE A 1588 1.74 33.15 54.30
C ILE A 1588 2.57 32.33 53.33
N GLY A 1589 3.82 32.75 53.12
CA GLY A 1589 4.73 32.07 52.23
C GLY A 1589 4.46 32.22 50.75
N VAL A 1590 3.49 33.04 50.35
CA VAL A 1590 3.14 33.23 48.94
C VAL A 1590 3.37 34.69 48.59
N GLY A 1591 4.08 34.93 47.49
CA GLY A 1591 4.35 36.30 47.08
C GLY A 1591 3.10 37.02 46.63
N GLU A 1592 3.10 38.34 46.88
CA GLU A 1592 1.95 39.16 46.50
C GLU A 1592 1.70 39.20 44.99
N PRO A 1593 2.69 39.46 44.12
CA PRO A 1593 2.39 39.49 42.67
C PRO A 1593 2.14 38.11 42.08
N ASP A 1594 2.56 37.04 42.75
CA ASP A 1594 2.33 35.70 42.21
C ASP A 1594 0.87 35.27 42.30
N PHE A 1595 0.04 36.00 43.06
CA PHE A 1595 -1.36 35.63 43.19
C PHE A 1595 -2.13 35.97 41.91
N ILE A 1596 -1.67 36.98 41.17
CA ILE A 1596 -2.34 37.37 39.94
C ILE A 1596 -2.29 36.24 38.93
N LEU A 1597 -1.15 35.54 38.84
CA LEU A 1597 -1.03 34.43 37.90
C LEU A 1597 -2.05 33.35 38.24
N GLY A 1598 -2.19 33.02 39.53
CA GLY A 1598 -3.14 32.01 39.93
C GLY A 1598 -4.56 32.43 39.61
N GLN A 1599 -4.86 33.71 39.83
CA GLN A 1599 -6.20 34.20 39.53
C GLN A 1599 -6.49 34.09 38.05
N LEU A 1600 -5.51 34.43 37.21
CA LEU A 1600 -5.70 34.35 35.77
C LEU A 1600 -5.91 32.89 35.34
N TYR A 1601 -5.12 31.98 35.90
CA TYR A 1601 -5.28 30.57 35.56
C TYR A 1601 -6.66 30.07 35.95
N HIS A 1602 -7.13 30.44 37.14
CA HIS A 1602 -8.45 30.01 37.59
C HIS A 1602 -9.53 30.57 36.69
N LEU A 1603 -9.42 31.85 36.32
CA LEU A 1603 -10.42 32.46 35.44
C LEU A 1603 -10.46 31.77 34.09
N SER A 1604 -9.28 31.48 33.52
CA SER A 1604 -9.24 30.81 32.22
C SER A 1604 -9.84 29.42 32.31
N SER A 1605 -9.53 28.69 33.40
CA SER A 1605 -10.06 27.34 33.56
C SER A 1605 -11.58 27.34 33.71
N VAL A 1606 -12.13 28.28 34.47
CA VAL A 1606 -13.58 28.31 34.66
C VAL A 1606 -14.28 28.81 33.39
N GLN A 1607 -13.65 29.73 32.64
CA GLN A 1607 -14.28 30.23 31.43
C GLN A 1607 -14.20 29.25 30.27
N ALA A 1608 -13.15 28.46 30.18
CA ALA A 1608 -12.98 27.48 29.11
C ALA A 1608 -12.68 26.11 29.69
N PRO A 1609 -13.70 25.40 30.17
CA PRO A 1609 -13.47 24.06 30.75
C PRO A 1609 -13.19 22.98 29.72
N GLU A 1610 -13.27 23.29 28.42
CA GLU A 1610 -13.02 22.30 27.39
C GLU A 1610 -11.56 22.24 26.94
N VAL A 1611 -10.71 23.15 27.40
CA VAL A 1611 -9.30 23.17 27.02
C VAL A 1611 -8.49 22.57 28.16
N ALA A 1612 -7.57 21.67 27.81
CA ALA A 1612 -6.72 21.02 28.81
C ALA A 1612 -5.51 21.85 29.20
N LYS A 1613 -5.17 22.88 28.42
CA LYS A 1613 -4.02 23.71 28.77
C LYS A 1613 -4.25 24.51 30.04
N SER A 1614 -5.43 25.11 30.19
CA SER A 1614 -5.73 25.90 31.38
C SER A 1614 -5.66 25.04 32.63
N TRP A 1615 -6.26 23.85 32.60
CA TRP A 1615 -6.25 22.97 33.76
C TRP A 1615 -4.82 22.57 34.12
N ALA A 1616 -4.01 22.22 33.11
CA ALA A 1616 -2.64 21.82 33.38
C ALA A 1616 -1.83 22.97 33.99
N ALA A 1617 -2.00 24.18 33.45
CA ALA A 1617 -1.26 25.33 33.98
C ALA A 1617 -1.67 25.61 35.42
N LEU A 1618 -2.98 25.60 35.69
CA LEU A 1618 -3.45 25.86 37.05
C LEU A 1618 -2.94 24.79 38.01
N ALA A 1619 -2.97 23.52 37.58
CA ALA A 1619 -2.50 22.43 38.43
C ALA A 1619 -1.02 22.58 38.72
N SER A 1620 -0.22 22.93 37.72
CA SER A 1620 1.22 23.08 37.93
C SER A 1620 1.50 24.22 38.90
N TRP A 1621 0.82 25.36 38.71
CA TRP A 1621 1.05 26.50 39.60
C TRP A 1621 0.65 26.15 41.03
N ALA A 1622 -0.51 25.52 41.20
CA ALA A 1622 -0.97 25.15 42.53
C ALA A 1622 -0.02 24.16 43.18
N TYR A 1623 0.45 23.18 42.42
CA TYR A 1623 1.36 22.17 42.96
C TYR A 1623 2.68 22.81 43.40
N ARG A 1624 3.24 23.68 42.57
CA ARG A 1624 4.50 24.33 42.92
C ARG A 1624 4.37 25.18 44.18
N TRP A 1625 3.37 26.06 44.23
CA TRP A 1625 3.21 26.87 45.43
C TRP A 1625 2.82 26.04 46.64
N GLY A 1626 2.07 24.96 46.45
CA GLY A 1626 1.69 24.13 47.58
C GLY A 1626 2.91 23.48 48.19
N ARG A 1627 3.79 22.93 47.35
CA ARG A 1627 4.99 22.30 47.86
C ARG A 1627 5.89 23.32 48.53
N LYS A 1628 5.99 24.53 47.95
CA LYS A 1628 6.82 25.57 48.54
C LYS A 1628 6.31 25.99 49.92
N VAL A 1629 4.99 26.20 50.05
CA VAL A 1629 4.44 26.61 51.33
C VAL A 1629 4.56 25.47 52.35
N VAL A 1630 4.39 24.22 51.90
CA VAL A 1630 4.48 23.11 52.83
C VAL A 1630 5.92 22.99 53.36
N ASP A 1631 6.91 23.13 52.47
CA ASP A 1631 8.30 23.05 52.90
C ASP A 1631 8.68 24.22 53.79
N ASN A 1632 8.14 25.41 53.51
CA ASN A 1632 8.45 26.58 54.31
C ASN A 1632 7.67 26.66 55.61
N ALA A 1633 6.63 25.84 55.78
CA ALA A 1633 5.82 25.84 57.00
C ALA A 1633 6.21 24.72 57.95
N SER A 1634 7.50 24.36 57.99
CA SER A 1634 7.97 23.30 58.88
C SER A 1634 9.42 23.52 59.28
N UNK A 1646 -7.49 34.29 62.91
CA UNK A 1646 -8.14 35.12 63.91
C UNK A 1646 -9.21 34.33 64.66
N UNK A 1647 -9.99 33.54 63.92
CA UNK A 1647 -11.04 32.75 64.54
C UNK A 1647 -10.47 31.63 65.40
N UNK A 1648 -9.29 31.12 65.06
CA UNK A 1648 -8.68 30.04 65.84
C UNK A 1648 -8.38 30.50 67.26
N UNK A 1649 -7.83 31.72 67.41
CA UNK A 1649 -7.51 32.23 68.73
C UNK A 1649 -8.78 32.38 69.57
N UNK A 1650 -9.83 32.94 68.98
CA UNK A 1650 -11.08 33.12 69.71
C UNK A 1650 -11.67 31.78 70.12
N UNK A 1651 -11.65 30.79 69.22
CA UNK A 1651 -12.19 29.49 69.54
C UNK A 1651 -11.40 28.84 70.66
N UNK A 1652 -10.06 28.94 70.61
CA UNK A 1652 -9.24 28.35 71.65
C UNK A 1652 -9.48 29.02 72.99
N UNK A 1653 -9.62 30.35 72.99
CA UNK A 1653 -9.86 31.06 74.24
C UNK A 1653 -11.22 30.70 74.82
N UNK A 1654 -12.25 30.58 73.97
CA UNK A 1654 -13.58 30.22 74.45
C UNK A 1654 -13.62 28.80 74.98
N UNK A 1655 -12.91 27.87 74.32
CA UNK A 1655 -12.88 26.49 74.74
C UNK A 1655 -11.99 26.25 75.96
N UNK A 1656 -11.13 27.20 76.31
CA UNK A 1656 -10.23 27.07 77.44
C UNK A 1656 -10.65 27.99 78.60
N UNK A 1657 -11.96 28.16 78.78
CA UNK A 1657 -12.47 29.01 79.84
C UNK A 1657 -12.29 28.36 81.21
N UNK A 1663 -1.57 34.96 80.36
CA UNK A 1663 -1.37 35.32 78.96
C UNK A 1663 -0.30 34.43 78.33
N UNK A 1664 0.68 34.02 79.13
CA UNK A 1664 1.75 33.18 78.62
C UNK A 1664 1.24 31.80 78.22
N UNK A 1665 0.29 31.25 78.99
CA UNK A 1665 -0.25 29.93 78.66
C UNK A 1665 -0.95 29.94 77.32
N UNK A 1666 -1.73 30.97 77.03
CA UNK A 1666 -2.44 31.05 75.75
C UNK A 1666 -1.45 31.13 74.59
N UNK A 1667 -0.41 31.96 74.72
CA UNK A 1667 0.59 32.08 73.67
C UNK A 1667 1.32 30.77 73.46
N UNK A 1668 1.69 30.09 74.55
CA UNK A 1668 2.39 28.82 74.44
C UNK A 1668 1.52 27.79 73.75
N UNK A 1669 0.24 27.72 74.12
CA UNK A 1669 -0.65 26.75 73.50
C UNK A 1669 -0.84 27.05 72.02
N UNK A 1670 -0.99 28.32 71.67
CA UNK A 1670 -1.16 28.69 70.26
C UNK A 1670 0.08 28.33 69.45
N UNK A 1671 1.27 28.59 70.02
CA UNK A 1671 2.49 28.28 69.30
C UNK A 1671 2.67 26.78 69.14
N UNK A 1672 2.34 26.01 70.19
CA UNK A 1672 2.48 24.56 70.11
C UNK A 1672 1.44 23.93 69.21
N UNK A 1673 0.31 24.60 69.00
CA UNK A 1673 -0.74 24.06 68.13
C UNK A 1673 -0.26 23.91 66.70
N UNK A 1674 0.62 24.78 66.24
CA UNK A 1674 1.15 24.75 64.88
C UNK A 1674 2.66 24.91 64.89
N UNK A 1675 3.33 24.27 65.86
CA UNK A 1675 4.78 24.37 65.95
C UNK A 1675 5.46 23.62 64.81
N UNK A 1676 5.02 22.39 64.55
CA UNK A 1676 5.59 21.58 63.48
C UNK A 1676 4.52 20.78 62.75
N UNK A 1677 3.31 21.30 62.67
CA UNK A 1677 2.22 20.60 61.99
C UNK A 1677 2.41 20.63 60.48
N UNK A 1703 0.60 9.47 64.21
CA UNK A 1703 1.41 9.71 65.40
C UNK A 1703 1.48 11.19 65.73
N UNK A 1704 1.04 12.03 64.78
CA UNK A 1704 1.05 13.47 64.99
C UNK A 1704 0.09 13.89 66.09
N UNK A 1705 -1.10 13.26 66.14
CA UNK A 1705 -2.08 13.61 67.16
C UNK A 1705 -1.54 13.31 68.56
N UNK A 1706 -0.90 12.15 68.74
CA UNK A 1706 -0.37 11.80 70.04
C UNK A 1706 0.72 12.77 70.47
N UNK A 1707 1.62 13.12 69.55
CA UNK A 1707 2.70 14.05 69.87
C UNK A 1707 2.13 15.42 70.23
N UNK A 1708 1.13 15.88 69.47
CA UNK A 1708 0.54 17.19 69.74
C UNK A 1708 -0.13 17.18 71.11
N UNK A 1709 -0.87 16.11 71.43
CA UNK A 1709 -1.54 16.03 72.71
C UNK A 1709 -0.53 16.01 73.86
N UNK A 1710 0.55 15.24 73.70
CA UNK A 1710 1.56 15.18 74.75
C UNK A 1710 2.23 16.54 74.94
N UNK A 1711 2.54 17.24 73.85
CA UNK A 1711 3.16 18.55 73.95
C UNK A 1711 2.23 19.54 74.63
N UNK A 1712 0.94 19.51 74.27
CA UNK A 1712 -0.01 20.44 74.87
C UNK A 1712 -0.16 20.15 76.36
N UNK A 1713 -0.20 18.87 76.74
CA UNK A 1713 -0.35 18.52 78.14
C UNK A 1713 0.88 18.92 78.93
N UNK A 1714 2.07 18.76 78.35
CA UNK A 1714 3.30 19.13 79.04
C UNK A 1714 3.51 20.64 79.11
N UNK A 1715 2.94 21.40 78.17
CA UNK A 1715 3.10 22.84 78.17
C UNK A 1715 2.05 23.54 79.03
N UNK A 1716 0.77 23.31 78.73
CA UNK A 1716 -0.30 23.93 79.51
C UNK A 1716 -0.31 23.42 80.94
N UNK A 1717 -0.11 22.12 81.14
CA UNK A 1717 -0.09 21.53 82.47
C UNK A 1717 1.27 20.93 82.79
N GLU A 1723 -12.24 18.15 75.04
CA GLU A 1723 -11.05 18.85 74.56
C GLU A 1723 -11.18 19.19 73.08
N GLY A 1724 -11.24 20.48 72.78
CA GLY A 1724 -11.35 20.98 71.42
C GLY A 1724 -10.04 21.19 70.70
N VAL A 1725 -8.92 20.76 71.30
CA VAL A 1725 -7.62 20.93 70.65
C VAL A 1725 -7.53 20.10 69.38
N ILE A 1726 -8.15 18.92 69.37
CA ILE A 1726 -8.12 18.06 68.19
C ILE A 1726 -8.81 18.74 67.02
N LYS A 1727 -9.98 19.31 67.26
CA LYS A 1727 -10.71 19.99 66.19
C LYS A 1727 -9.94 21.21 65.69
N VAL A 1728 -9.37 21.98 66.60
CA VAL A 1728 -8.61 23.17 66.21
C VAL A 1728 -7.42 22.77 65.36
N TRP A 1729 -6.70 21.72 65.77
CA TRP A 1729 -5.54 21.27 65.01
C TRP A 1729 -5.96 20.77 63.63
N ARG A 1730 -7.05 20.00 63.57
CA ARG A 1730 -7.52 19.48 62.29
C ARG A 1730 -7.92 20.61 61.35
N LYS A 1731 -8.54 21.66 61.88
CA LYS A 1731 -8.95 22.77 61.03
C LYS A 1731 -7.77 23.62 60.59
N VAL A 1732 -6.84 23.91 61.50
CA VAL A 1732 -5.68 24.72 61.15
C VAL A 1732 -4.76 23.99 60.18
N VAL A 1733 -4.61 22.67 60.29
CA VAL A 1733 -3.74 21.96 59.36
C VAL A 1733 -4.34 21.99 57.96
N ASP A 1734 -5.67 21.90 57.85
CA ASP A 1734 -6.31 21.91 56.54
C ASP A 1734 -6.37 23.31 55.96
N ARG A 1735 -6.41 24.33 56.82
CA ARG A 1735 -6.47 25.71 56.33
C ARG A 1735 -5.22 26.08 55.54
N ILE A 1736 -4.05 25.63 56.01
CA ILE A 1736 -2.79 25.93 55.33
C ILE A 1736 -2.43 24.79 54.40
N PHE A 1737 -3.41 23.93 54.09
CA PHE A 1737 -3.20 22.80 53.20
C PHE A 1737 -4.33 22.73 52.18
N SER A 1738 -4.64 23.86 51.55
CA SER A 1738 -5.71 23.92 50.56
C SER A 1738 -5.19 23.96 49.12
N LEU A 1739 -3.96 24.43 48.90
CA LEU A 1739 -3.44 24.49 47.53
C LEU A 1739 -3.33 23.10 46.93
N TYR A 1740 -2.92 22.11 47.74
CA TYR A 1740 -2.80 20.76 47.23
C TYR A 1740 -4.14 20.22 46.76
N LYS A 1741 -5.22 20.59 47.45
CA LYS A 1741 -6.55 20.12 47.05
C LYS A 1741 -6.88 20.62 45.65
N LEU A 1742 -6.62 21.91 45.41
CA LEU A 1742 -6.89 22.49 44.10
C LEU A 1742 -6.01 21.85 43.04
N SER A 1743 -4.74 21.61 43.37
CA SER A 1743 -3.83 20.98 42.41
C SER A 1743 -4.32 19.59 42.04
N CYS A 1744 -4.73 18.79 43.03
CA CYS A 1744 -5.20 17.45 42.75
C CYS A 1744 -6.47 17.47 41.92
N SER A 1745 -7.42 18.35 42.27
CA SER A 1745 -8.66 18.43 41.51
C SER A 1745 -8.40 18.86 40.07
N ALA A 1746 -7.52 19.85 39.87
CA ALA A 1746 -7.21 20.31 38.53
C ALA A 1746 -6.53 19.21 37.73
N TYR A 1747 -5.60 18.47 38.35
CA TYR A 1747 -4.91 17.40 37.64
C TYR A 1747 -5.90 16.31 37.25
N PHE A 1748 -6.82 15.96 38.15
CA PHE A 1748 -7.79 14.93 37.84
C PHE A 1748 -8.69 15.37 36.70
N THR A 1749 -9.14 16.63 36.72
CA THR A 1749 -9.99 17.13 35.65
C THR A 1749 -9.24 17.13 34.33
N PHE A 1750 -7.96 17.53 34.36
CA PHE A 1750 -7.16 17.56 33.14
C PHE A 1750 -7.00 16.17 32.58
N LEU A 1751 -6.79 15.18 33.45
CA LEU A 1751 -6.64 13.81 32.97
C LEU A 1751 -7.95 13.27 32.42
N LYS A 1752 -9.08 13.72 32.98
CA LYS A 1752 -10.39 13.28 32.50
C LYS A 1752 -10.68 13.73 31.08
N LEU A 1753 -10.02 14.78 30.60
CA LEU A 1753 -10.23 15.29 29.26
C LEU A 1753 -9.36 14.59 28.21
N ASN A 1754 -8.41 13.75 28.64
CA ASN A 1754 -7.54 13.03 27.72
C ASN A 1754 -7.88 11.55 27.63
N ALA A 1755 -9.09 11.17 28.04
CA ALA A 1755 -9.51 9.77 28.02
C ALA A 1755 -9.66 9.29 26.57
N GLN A 1775 -5.31 15.19 23.12
CA GLN A 1775 -5.43 16.65 23.07
C GLN A 1775 -4.24 17.32 23.73
N SER A 1776 -3.31 16.52 24.24
CA SER A 1776 -2.12 17.03 24.90
C SER A 1776 -0.98 16.03 24.73
N THR A 1777 0.24 16.52 24.91
CA THR A 1777 1.42 15.67 24.77
C THR A 1777 1.45 14.63 25.89
N ASP A 1778 2.07 13.48 25.59
CA ASP A 1778 2.17 12.42 26.58
C ASP A 1778 3.03 12.83 27.76
N ASP A 1779 4.02 13.70 27.54
CA ASP A 1779 4.88 14.14 28.64
C ASP A 1779 4.07 14.87 29.72
N MET A 1780 3.14 15.73 29.30
CA MET A 1780 2.32 16.46 30.27
C MET A 1780 1.50 15.51 31.12
N ILE A 1781 0.95 14.46 30.50
CA ILE A 1781 0.14 13.49 31.24
C ILE A 1781 1.03 12.70 32.20
N VAL A 1782 2.22 12.31 31.75
CA VAL A 1782 3.12 11.55 32.61
C VAL A 1782 3.52 12.38 33.83
N MET A 1783 3.77 13.68 33.61
CA MET A 1783 4.14 14.55 34.72
C MET A 1783 3.01 14.60 35.75
N ALA A 1784 1.77 14.71 35.27
CA ALA A 1784 0.62 14.76 36.17
C ALA A 1784 0.49 13.46 36.95
N THR A 1785 0.67 12.32 36.27
CA THR A 1785 0.56 11.04 36.96
C THR A 1785 1.63 10.91 38.03
N LEU A 1786 2.86 11.31 37.72
CA LEU A 1786 3.94 11.22 38.70
C LEU A 1786 3.66 12.12 39.89
N ARG A 1787 3.17 13.34 39.64
CA ARG A 1787 2.88 14.24 40.75
C ARG A 1787 1.76 13.68 41.63
N LEU A 1788 0.73 13.11 41.01
CA LEU A 1788 -0.37 12.55 41.79
C LEU A 1788 0.11 11.39 42.65
N LEU A 1789 0.94 10.50 42.06
CA LEU A 1789 1.45 9.38 42.82
C LEU A 1789 2.32 9.85 43.99
N ARG A 1790 3.17 10.85 43.73
CA ARG A 1790 4.03 11.36 44.79
C ARG A 1790 3.19 11.97 45.91
N LEU A 1791 2.13 12.69 45.56
CA LEU A 1791 1.27 13.28 46.58
C LEU A 1791 0.58 12.21 47.40
N LEU A 1792 0.08 11.17 46.72
CA LEU A 1792 -0.60 10.08 47.42
C LEU A 1792 0.35 9.32 48.33
N VAL A 1793 1.64 9.29 48.00
CA VAL A 1793 2.62 8.57 48.81
C VAL A 1793 3.07 9.42 50.00
N LYS A 1794 3.54 10.64 49.75
CA LYS A 1794 4.01 11.53 50.81
C LYS A 1794 2.92 11.90 51.79
N HIS A 1795 1.90 12.62 51.34
CA HIS A 1795 0.78 13.05 52.17
C HIS A 1795 -0.45 12.24 51.75
N ALA A 1796 -0.67 11.13 52.46
CA ALA A 1796 -1.80 10.25 52.18
C ALA A 1796 -3.02 10.57 53.03
N GLY A 1797 -2.87 10.54 54.37
CA GLY A 1797 -3.99 10.82 55.24
C GLY A 1797 -4.42 12.27 55.26
N GLU A 1798 -3.54 13.19 54.89
CA GLU A 1798 -3.90 14.61 54.88
C GLU A 1798 -4.82 14.99 53.72
N LEU A 1799 -4.78 14.26 52.60
CA LEU A 1799 -5.62 14.55 51.46
C LEU A 1799 -6.32 13.30 50.92
N ARG A 1800 -6.55 12.32 51.80
CA ARG A 1800 -7.21 11.08 51.38
C ARG A 1800 -8.67 11.29 50.98
N GLN A 1801 -9.27 12.43 51.37
CA GLN A 1801 -10.66 12.68 51.03
C GLN A 1801 -10.86 12.94 49.53
N TYR A 1802 -9.80 13.24 48.80
CA TYR A 1802 -9.93 13.49 47.37
C TYR A 1802 -9.52 12.28 46.53
N LEU A 1803 -8.46 11.58 46.93
CA LEU A 1803 -8.03 10.41 46.18
C LEU A 1803 -9.06 9.28 46.20
N GLU A 1804 -9.79 9.15 47.32
CA GLU A 1804 -10.80 8.10 47.45
C GLU A 1804 -11.76 8.08 46.26
N HIS A 1805 -12.32 9.23 45.90
CA HIS A 1805 -13.24 9.27 44.77
C HIS A 1805 -12.54 9.60 43.47
N GLY A 1806 -11.39 10.28 43.53
CA GLY A 1806 -10.68 10.62 42.30
C GLY A 1806 -10.14 9.41 41.57
N LEU A 1807 -9.52 8.47 42.32
CA LEU A 1807 -8.97 7.27 41.70
C LEU A 1807 -10.04 6.27 41.27
N GLU A 1808 -11.29 6.47 41.65
CA GLU A 1808 -12.37 5.57 41.28
C GLU A 1808 -13.09 5.99 40.02
N THR A 1809 -12.66 7.07 39.36
CA THR A 1809 -13.30 7.52 38.13
C THR A 1809 -12.34 7.86 37.01
N THR A 1810 -11.03 7.93 37.26
CA THR A 1810 -10.08 8.26 36.21
C THR A 1810 -9.98 7.11 35.20
N PRO A 1811 -9.74 7.43 33.93
CA PRO A 1811 -9.63 6.38 32.92
C PRO A 1811 -8.35 5.56 33.08
N THR A 1812 -8.15 4.59 32.18
CA THR A 1812 -6.96 3.74 32.24
C THR A 1812 -5.88 4.14 31.25
N ALA A 1813 -6.21 4.88 30.20
CA ALA A 1813 -5.21 5.28 29.22
C ALA A 1813 -4.11 6.18 29.81
N PRO A 1814 -4.41 7.25 30.56
CA PRO A 1814 -3.32 8.08 31.09
C PRO A 1814 -2.43 7.37 32.10
N TRP A 1815 -2.90 6.28 32.73
CA TRP A 1815 -2.12 5.55 33.71
C TRP A 1815 -1.43 4.33 33.11
N ARG A 1816 -1.28 4.30 31.77
CA ARG A 1816 -0.64 3.19 31.07
C ARG A 1816 0.88 3.26 31.10
N GLY A 1817 1.47 4.40 31.42
CA GLY A 1817 2.91 4.53 31.45
C GLY A 1817 3.60 4.51 32.80
N ILE A 1818 2.89 4.28 33.89
CA ILE A 1818 3.54 4.24 35.20
C ILE A 1818 3.23 2.95 35.95
N ILE A 1819 3.01 1.87 35.20
CA ILE A 1819 2.69 0.59 35.83
C ILE A 1819 3.81 0.12 36.77
N PRO A 1820 5.10 0.15 36.38
CA PRO A 1820 6.13 -0.30 37.33
C PRO A 1820 6.12 0.48 38.63
N GLN A 1821 5.85 1.79 38.56
CA GLN A 1821 5.83 2.60 39.78
C GLN A 1821 4.69 2.13 40.69
N LEU A 1822 3.52 1.86 40.11
CA LEU A 1822 2.39 1.41 40.91
C LEU A 1822 2.70 0.06 41.56
N PHE A 1823 3.32 -0.84 40.80
CA PHE A 1823 3.65 -2.16 41.36
C PHE A 1823 4.69 -2.03 42.47
N SER A 1824 5.68 -1.16 42.29
CA SER A 1824 6.70 -0.98 43.31
C SER A 1824 6.20 -0.21 44.52
N ARG A 1825 5.06 0.48 44.39
CA ARG A 1825 4.48 1.25 45.48
C ARG A 1825 3.30 0.50 46.11
N LEU A 1826 3.41 -0.81 46.19
CA LEU A 1826 2.36 -1.66 46.75
C LEU A 1826 2.64 -2.06 48.19
N ASN A 1827 3.70 -1.53 48.81
CA ASN A 1827 4.05 -1.86 50.18
C ASN A 1827 4.00 -0.63 51.09
N HIS A 1828 3.10 0.29 50.81
CA HIS A 1828 3.00 1.49 51.62
C HIS A 1828 2.45 1.13 53.01
N PRO A 1829 2.98 1.73 54.08
CA PRO A 1829 2.49 1.41 55.42
C PRO A 1829 1.09 1.96 55.69
N GLU A 1830 0.09 1.34 55.06
CA GLU A 1830 -1.31 1.74 55.22
C GLU A 1830 -2.18 0.60 54.69
N VAL A 1831 -3.49 0.79 54.72
CA VAL A 1831 -4.40 -0.25 54.24
C VAL A 1831 -5.29 0.25 53.11
N TYR A 1832 -5.82 1.48 53.23
CA TYR A 1832 -6.68 2.01 52.18
C TYR A 1832 -5.91 2.34 50.91
N VAL A 1833 -4.67 2.82 51.03
CA VAL A 1833 -3.91 3.15 49.82
C VAL A 1833 -3.64 1.88 49.01
N ARG A 1834 -3.30 0.78 49.69
CA ARG A 1834 -3.03 -0.47 49.00
C ARG A 1834 -4.28 -0.96 48.29
N GLN A 1835 -5.43 -0.87 48.95
CA GLN A 1835 -6.68 -1.32 48.35
C GLN A 1835 -7.02 -0.46 47.14
N SER A 1836 -6.81 0.85 47.24
CA SER A 1836 -7.11 1.74 46.13
C SER A 1836 -6.21 1.44 44.94
N ILE A 1837 -4.92 1.21 45.19
CA ILE A 1837 -4.00 0.91 44.11
C ILE A 1837 -4.37 -0.42 43.46
N CYS A 1838 -4.73 -1.41 44.29
CA CYS A 1838 -5.13 -2.71 43.74
C CYS A 1838 -6.37 -2.58 42.88
N ASN A 1839 -7.35 -1.80 43.34
CA ASN A 1839 -8.57 -1.63 42.56
C ASN A 1839 -8.27 -0.93 41.24
N LEU A 1840 -7.41 0.10 41.29
CA LEU A 1840 -7.07 0.81 40.06
C LEU A 1840 -6.37 -0.12 39.08
N LEU A 1841 -5.45 -0.95 39.56
CA LEU A 1841 -4.75 -1.88 38.69
C LEU A 1841 -5.72 -2.90 38.11
N CYS A 1842 -6.65 -3.40 38.93
CA CYS A 1842 -7.62 -4.37 38.44
C CYS A 1842 -8.47 -3.75 37.35
N ARG A 1843 -8.88 -2.49 37.53
CA ARG A 1843 -9.68 -1.82 36.52
C ARG A 1843 -8.89 -1.65 35.24
N VAL A 1844 -7.60 -1.32 35.38
CA VAL A 1844 -6.74 -1.14 34.21
C VAL A 1844 -6.60 -2.45 33.46
N ALA A 1845 -6.59 -3.58 34.18
CA ALA A 1845 -6.46 -4.88 33.54
C ALA A 1845 -7.59 -5.10 32.55
N GLN A 1846 -8.79 -4.64 32.87
CA GLN A 1846 -9.93 -4.81 31.97
C GLN A 1846 -9.71 -3.99 30.70
N ASP A 1847 -10.06 -4.57 29.56
CA ASP A 1847 -9.95 -4.00 28.23
C ASP A 1847 -8.49 -3.80 27.81
N SER A 1848 -7.53 -4.18 28.65
CA SER A 1848 -6.11 -4.04 28.37
C SER A 1848 -5.34 -4.98 29.30
N PRO A 1849 -5.44 -6.30 29.09
CA PRO A 1849 -4.72 -7.24 29.96
C PRO A 1849 -3.27 -7.46 29.57
N HIS A 1850 -2.85 -7.03 28.38
CA HIS A 1850 -1.47 -7.20 27.94
C HIS A 1850 -0.50 -6.21 28.59
N LEU A 1851 -0.94 -5.51 29.63
CA LEU A 1851 -0.10 -4.54 30.33
C LEU A 1851 0.41 -5.02 31.67
N ILE A 1852 -0.44 -5.62 32.49
CA ILE A 1852 -0.03 -6.12 33.80
C ILE A 1852 -0.17 -7.63 33.87
N LEU A 1853 -0.01 -8.29 32.72
CA LEU A 1853 -0.13 -9.75 32.69
C LEU A 1853 1.15 -10.42 33.17
N TYR A 1854 2.27 -10.16 32.49
CA TYR A 1854 3.54 -10.77 32.87
C TYR A 1854 4.03 -10.33 34.25
N PRO A 1855 4.06 -9.03 34.60
CA PRO A 1855 4.54 -8.67 35.95
C PRO A 1855 3.73 -9.28 37.08
N ALA A 1856 2.41 -9.40 36.91
CA ALA A 1856 1.58 -9.97 37.98
C ALA A 1856 1.92 -11.43 38.23
N ILE A 1857 1.98 -12.23 37.16
CA ILE A 1857 2.29 -13.65 37.32
C ILE A 1857 3.73 -13.81 37.80
N VAL A 1858 4.64 -12.94 37.38
CA VAL A 1858 6.03 -13.07 37.83
C VAL A 1858 6.13 -12.78 39.32
N GLY A 1859 5.46 -11.72 39.79
CA GLY A 1859 5.51 -11.39 41.20
C GLY A 1859 4.82 -12.43 42.06
N THR A 1860 3.69 -12.97 41.59
CA THR A 1860 2.97 -13.98 42.34
C THR A 1860 3.78 -15.26 42.48
N ILE A 1861 4.46 -15.67 41.41
CA ILE A 1861 5.27 -16.88 41.42
C ILE A 1861 6.71 -16.55 41.80
N GLN A 1919 6.65 -10.56 53.71
CA GLN A 1919 5.49 -9.76 54.08
C GLN A 1919 4.27 -10.14 53.24
N ALA A 1920 3.09 -10.10 53.86
CA ALA A 1920 1.86 -10.44 53.15
C ALA A 1920 1.30 -9.29 52.33
N MET A 1921 1.87 -8.08 52.48
CA MET A 1921 1.38 -6.94 51.71
C MET A 1921 1.62 -7.13 50.23
N MET A 1922 2.78 -7.66 49.86
CA MET A 1922 3.13 -7.89 48.46
C MET A 1922 2.58 -9.21 47.93
N GLN A 1923 1.66 -9.85 48.63
CA GLN A 1923 1.07 -11.11 48.21
C GLN A 1923 -0.43 -11.00 47.99
N ASP A 1924 -1.16 -10.38 48.92
CA ASP A 1924 -2.60 -10.24 48.77
C ASP A 1924 -2.96 -9.43 47.53
N CYS A 1925 -2.23 -8.33 47.29
CA CYS A 1925 -2.51 -7.50 46.12
C CYS A 1925 -2.29 -8.28 44.83
N TYR A 1926 -1.19 -9.02 44.76
CA TYR A 1926 -0.91 -9.81 43.55
C TYR A 1926 -1.98 -10.88 43.36
N SER A 1927 -2.40 -11.51 44.46
CA SER A 1927 -3.42 -12.55 44.35
C SER A 1927 -4.73 -11.96 43.84
N LYS A 1928 -5.10 -10.78 44.34
CA LYS A 1928 -6.34 -10.14 43.90
C LYS A 1928 -6.24 -9.75 42.44
N ILE A 1929 -5.08 -9.25 42.01
CA ILE A 1929 -4.90 -8.84 40.62
C ILE A 1929 -5.01 -10.04 39.69
N VAL A 1930 -4.33 -11.15 40.03
CA VAL A 1930 -4.40 -12.32 39.16
C VAL A 1930 -5.81 -12.89 39.18
N ASP A 1931 -6.50 -12.84 40.33
CA ASP A 1931 -7.86 -13.36 40.39
C ASP A 1931 -8.80 -12.55 39.51
N LYS A 1932 -8.63 -11.22 39.52
CA LYS A 1932 -9.49 -10.37 38.70
C LYS A 1932 -9.17 -10.53 37.22
N LEU A 1933 -7.89 -10.75 36.89
CA LEU A 1933 -7.50 -10.91 35.50
C LEU A 1933 -7.84 -12.29 34.96
N SER A 1934 -8.03 -13.28 35.83
CA SER A 1934 -8.36 -14.63 35.42
C SER A 1934 -9.86 -14.86 35.26
N SER A 1935 -10.69 -13.89 35.64
CA SER A 1935 -12.13 -14.03 35.54
C SER A 1935 -12.63 -13.86 34.11
N ALA A 1936 -11.78 -13.42 33.18
CA ALA A 1936 -12.17 -13.23 31.79
C ALA A 1936 -11.62 -14.32 30.87
N ASN A 1937 -10.33 -14.62 30.95
CA ASN A 1937 -9.70 -15.64 30.13
C ASN A 1937 -8.85 -16.55 31.01
N PRO A 1938 -9.46 -17.50 31.73
CA PRO A 1938 -8.66 -18.39 32.58
C PRO A 1938 -7.64 -19.20 31.81
N THR A 1939 -7.97 -19.59 30.57
CA THR A 1939 -7.03 -20.36 29.76
C THR A 1939 -5.76 -19.56 29.50
N MET A 1940 -5.90 -18.26 29.26
CA MET A 1940 -4.73 -17.42 29.01
C MET A 1940 -3.84 -17.38 30.25
N VAL A 1941 -4.44 -17.27 31.43
CA VAL A 1941 -3.65 -17.23 32.66
C VAL A 1941 -2.92 -18.55 32.86
N LEU A 1942 -3.62 -19.67 32.63
CA LEU A 1942 -2.98 -20.97 32.79
C LEU A 1942 -1.82 -21.13 31.80
N GLN A 1943 -2.03 -20.68 30.56
CA GLN A 1943 -0.98 -20.80 29.54
C GLN A 1943 0.23 -19.93 29.89
N VAL A 1944 0.00 -18.70 30.35
CA VAL A 1944 1.14 -17.85 30.70
C VAL A 1944 1.89 -18.43 31.90
N GLN A 1945 1.15 -18.99 32.87
CA GLN A 1945 1.83 -19.57 34.03
C GLN A 1945 2.67 -20.76 33.60
N MET A 1946 2.12 -21.60 32.71
CA MET A 1946 2.85 -22.77 32.24
C MET A 1946 4.10 -22.36 31.46
N LEU A 1947 3.98 -21.36 30.58
CA LEU A 1947 5.15 -20.94 29.81
C LEU A 1947 6.20 -20.34 30.73
N VAL A 1948 5.78 -19.57 31.74
CA VAL A 1948 6.75 -18.97 32.65
C VAL A 1948 7.48 -20.06 33.42
N ALA A 1949 6.74 -21.07 33.88
CA ALA A 1949 7.37 -22.16 34.61
C ALA A 1949 8.35 -22.91 33.72
N GLU A 1950 7.97 -23.15 32.46
CA GLU A 1950 8.85 -23.85 31.54
C GLU A 1950 10.11 -23.04 31.29
N LEU A 1951 9.98 -21.73 31.13
CA LEU A 1951 11.14 -20.88 30.89
C LEU A 1951 12.07 -20.90 32.09
N ARG A 1952 11.50 -20.85 33.30
CA ARG A 1952 12.34 -20.86 34.49
C ARG A 1952 13.05 -22.20 34.65
N ARG A 1953 12.38 -23.29 34.29
CA ARG A 1953 12.98 -24.61 34.39
C ARG A 1953 13.89 -24.96 33.22
N VAL A 1954 13.91 -24.13 32.18
CA VAL A 1954 14.75 -24.37 31.01
C VAL A 1954 16.05 -23.57 31.08
N THR A 1955 16.42 -23.09 32.26
CA THR A 1955 17.65 -22.31 32.42
C THR A 1955 18.88 -23.21 32.32
N TRP A 1958 20.87 -28.10 33.91
CA TRP A 1958 21.36 -29.07 34.88
C TRP A 1958 22.87 -29.24 34.76
N ASP A 1959 23.35 -29.41 33.53
CA ASP A 1959 24.79 -29.58 33.32
C ASP A 1959 25.56 -28.33 33.73
N GLU A 1960 25.03 -27.15 33.38
CA GLU A 1960 25.71 -25.92 33.75
C GLU A 1960 25.81 -25.76 35.25
N LEU A 1961 24.72 -26.07 35.97
CA LEU A 1961 24.74 -25.94 37.43
C LEU A 1961 25.78 -26.89 38.04
N TRP A 1962 25.82 -28.14 37.54
CA TRP A 1962 26.78 -29.10 38.07
C TRP A 1962 28.21 -28.65 37.80
N LEU A 1963 28.47 -28.15 36.58
CA LEU A 1963 29.82 -27.69 36.25
C LEU A 1963 30.22 -26.51 37.13
N GLY A 1964 29.31 -25.56 37.33
CA GLY A 1964 29.62 -24.41 38.16
C GLY A 1964 29.89 -24.83 39.60
N VAL A 1965 29.07 -25.75 40.13
CA VAL A 1965 29.25 -26.21 41.50
C VAL A 1965 30.59 -26.92 41.64
N LEU A 1966 30.94 -27.77 40.67
CA LEU A 1966 32.21 -28.49 40.73
C LEU A 1966 33.38 -27.53 40.69
N LEU A 1967 33.31 -26.53 39.80
CA LEU A 1967 34.40 -25.55 39.70
C LEU A 1967 34.54 -24.77 40.99
N GLN A 1968 33.42 -24.33 41.57
CA GLN A 1968 33.49 -23.57 42.81
C GLN A 1968 34.05 -24.42 43.95
N GLN A 1969 33.63 -25.69 44.03
CA GLN A 1969 34.14 -26.56 45.08
C GLN A 1969 35.63 -26.80 44.92
N HIS A 1970 36.08 -27.00 43.68
CA HIS A 1970 37.51 -27.23 43.45
C HIS A 1970 38.33 -25.98 43.76
N MET A 1971 37.78 -24.80 43.46
CA MET A 1971 38.51 -23.56 43.73
C MET A 1971 38.55 -23.24 45.22
N TYR A 1972 37.48 -23.56 45.96
CA TYR A 1972 37.42 -23.30 47.39
C TYR A 1972 37.94 -24.45 48.24
N VAL A 1973 38.34 -25.57 47.62
CA VAL A 1973 38.83 -26.70 48.39
C VAL A 1973 40.12 -26.35 49.13
N LEU A 1974 41.03 -25.64 48.47
CA LEU A 1974 42.29 -25.25 49.08
C LEU A 1974 42.15 -23.92 49.82
N UNK A 2006 35.18 -29.86 53.05
CA UNK A 2006 34.73 -30.34 54.35
C UNK A 2006 33.23 -30.61 54.34
N UNK A 2007 32.56 -30.21 55.43
CA UNK A 2007 31.11 -30.43 55.52
C UNK A 2007 30.35 -29.57 54.52
N UNK A 2008 30.86 -28.38 54.20
CA UNK A 2008 30.18 -27.51 53.25
C UNK A 2008 30.10 -28.16 51.87
N UNK A 2009 31.19 -28.77 51.42
CA UNK A 2009 31.19 -29.42 50.11
C UNK A 2009 30.19 -30.57 50.07
N UNK A 2010 30.16 -31.38 51.13
CA UNK A 2010 29.23 -32.50 51.18
C UNK A 2010 27.79 -32.01 51.18
N UNK A 2011 27.51 -30.96 51.95
CA UNK A 2011 26.15 -30.43 52.01
C UNK A 2011 25.73 -29.88 50.65
N UNK A 2012 26.64 -29.16 49.99
CA UNK A 2012 26.31 -28.60 48.67
C UNK A 2012 26.05 -29.71 47.67
N UNK A 2013 26.89 -30.75 47.69
CA UNK A 2013 26.71 -31.86 46.75
C UNK A 2013 25.39 -32.57 47.00
N UNK A 2014 25.05 -32.80 48.27
CA UNK A 2014 23.79 -33.46 48.60
C UNK A 2014 22.61 -32.62 48.14
N UNK A 2015 22.67 -31.31 48.38
CA UNK A 2015 21.57 -30.44 47.97
C UNK A 2015 21.42 -30.44 46.46
N UNK A 2016 22.53 -30.37 45.73
CA UNK A 2016 22.47 -30.38 44.28
C UNK A 2016 21.89 -31.69 43.76
N UNK A 2017 22.33 -32.81 44.34
CA UNK A 2017 21.82 -34.11 43.91
C UNK A 2017 20.33 -34.22 44.18
N UNK A 2018 19.88 -33.75 45.35
CA UNK A 2018 18.46 -33.82 45.68
C UNK A 2018 17.65 -32.94 44.75
N UNK A 2019 18.15 -31.75 44.42
CA UNK A 2019 17.42 -30.85 43.53
C UNK A 2019 17.38 -31.39 42.11
N UNK A 2020 18.42 -32.08 41.68
CA UNK A 2020 18.49 -32.65 40.33
C UNK A 2020 17.81 -34.00 40.22
N UNK A 2021 17.29 -34.54 41.33
CA UNK A 2021 16.62 -35.84 41.35
C UNK A 2021 17.50 -36.94 40.79
N PRO A 2031 13.02 -35.75 28.51
CA PRO A 2031 13.77 -35.41 27.30
C PRO A 2031 15.25 -35.18 27.59
N HIS A 2032 15.57 -34.03 28.19
CA HIS A 2032 16.94 -33.68 28.53
C HIS A 2032 17.36 -34.17 29.91
N GLU A 2033 16.45 -34.12 30.90
CA GLU A 2033 16.79 -34.57 32.24
C GLU A 2033 17.07 -36.07 32.26
N LYS A 2034 16.28 -36.86 31.52
CA LYS A 2034 16.48 -38.29 31.48
C LYS A 2034 17.84 -38.65 30.90
N TRP A 2035 18.23 -37.99 29.80
CA TRP A 2035 19.52 -38.27 29.19
C TRP A 2035 20.66 -37.94 30.13
N PHE A 2036 20.58 -36.79 30.80
CA PHE A 2036 21.64 -36.39 31.73
C PHE A 2036 21.72 -37.35 32.90
N GLN A 2037 20.57 -37.78 33.42
CA GLN A 2037 20.56 -38.70 34.55
C GLN A 2037 21.12 -40.07 34.15
N ASP A 2038 20.82 -40.52 32.93
CA ASP A 2038 21.33 -41.81 32.48
C ASP A 2038 22.82 -41.75 32.14
N ASN A 2039 23.31 -40.59 31.70
CA ASN A 2039 24.72 -40.45 31.35
C ASN A 2039 25.61 -40.13 32.55
N TYR A 2040 25.06 -39.53 33.61
CA TYR A 2040 25.84 -39.19 34.79
C TYR A 2040 25.11 -39.63 36.05
N GLY A 2041 24.63 -40.87 36.06
CA GLY A 2041 23.91 -41.38 37.20
C GLY A 2041 24.78 -41.89 38.33
N ASP A 2042 26.10 -41.94 38.13
CA ASP A 2042 27.03 -42.40 39.14
C ASP A 2042 27.65 -41.26 39.95
N ALA A 2043 27.21 -40.02 39.73
CA ALA A 2043 27.77 -38.90 40.47
C ALA A 2043 27.46 -39.02 41.97
N ILE A 2044 26.23 -39.40 42.32
CA ILE A 2044 25.87 -39.54 43.72
C ILE A 2044 26.68 -40.65 44.37
N GLU A 2045 26.78 -41.80 43.69
CA GLU A 2045 27.54 -42.92 44.24
C GLU A 2045 29.01 -42.56 44.38
N ASN A 2046 29.58 -41.89 43.38
CA ASN A 2046 30.99 -41.51 43.45
C ASN A 2046 31.23 -40.53 44.59
N ALA A 2047 30.33 -39.56 44.75
CA ALA A 2047 30.49 -38.59 45.83
C ALA A 2047 30.39 -39.27 47.19
N LEU A 2048 29.44 -40.19 47.35
CA LEU A 2048 29.28 -40.89 48.61
C LEU A 2048 30.51 -41.74 48.92
N GLU A 2049 31.05 -42.41 47.90
CA GLU A 2049 32.23 -43.25 48.11
C GLU A 2049 33.44 -42.40 48.46
N LYS A 2050 33.62 -41.26 47.80
CA LYS A 2050 34.76 -40.39 48.06
C LYS A 2050 34.59 -39.56 49.33
N LEU A 2051 33.39 -39.51 49.90
CA LEU A 2051 33.18 -38.72 51.12
C LEU A 2051 33.99 -39.27 52.27
N LYS A 2052 34.05 -40.60 52.42
CA LYS A 2052 34.80 -41.22 53.49
C LYS A 2052 36.29 -41.26 53.17
N UNK A 2064 38.93 -38.14 46.01
CA UNK A 2064 38.32 -36.90 45.54
C UNK A 2064 38.47 -36.76 44.03
N UNK A 2065 38.91 -37.82 43.38
CA UNK A 2065 39.09 -37.79 41.93
C UNK A 2065 37.76 -37.75 41.18
N UNK A 2066 36.66 -38.11 41.85
CA UNK A 2066 35.36 -38.08 41.17
C UNK A 2066 34.99 -36.66 40.75
N UNK A 2067 35.19 -35.68 41.63
CA UNK A 2067 34.86 -34.30 41.29
C UNK A 2067 35.72 -33.81 40.13
N UNK A 2068 37.02 -34.12 40.14
CA UNK A 2068 37.89 -33.69 39.05
C UNK A 2068 37.48 -34.33 37.74
N UNK A 2069 37.16 -35.63 37.77
CA UNK A 2069 36.75 -36.31 36.55
C UNK A 2069 35.45 -35.72 36.01
N UNK A 2070 34.49 -35.47 36.89
CA UNK A 2070 33.21 -34.89 36.45
C UNK A 2070 33.43 -33.51 35.85
N UNK A 2071 34.26 -32.68 36.50
CA UNK A 2071 34.51 -31.34 35.98
C UNK A 2071 35.19 -31.40 34.62
N UNK A 2072 36.17 -32.30 34.47
CA UNK A 2072 36.86 -32.42 33.19
C UNK A 2072 35.91 -32.88 32.10
N UNK A 2073 35.05 -33.85 32.41
CA UNK A 2073 34.10 -34.34 31.42
C UNK A 2073 33.13 -33.24 31.01
N UNK A 2074 32.63 -32.49 31.99
CA UNK A 2074 31.70 -31.41 31.69
C UNK A 2074 32.36 -30.34 30.83
N UNK A 2075 33.60 -29.98 31.15
CA UNK A 2075 34.31 -28.97 30.38
C UNK A 2075 34.56 -29.45 28.95
N UNK A 2076 34.93 -30.73 28.79
CA UNK A 2076 35.18 -31.26 27.46
C UNK A 2076 33.90 -31.33 26.64
N UNK A 2077 32.78 -31.69 27.26
CA UNK A 2077 31.51 -31.78 26.56
C UNK A 2077 30.85 -30.42 26.34
N UNK A 2078 31.30 -29.38 27.04
CA UNK A 2078 30.70 -28.06 26.87
C UNK A 2078 30.93 -27.53 25.46
N UNK A 2079 32.12 -27.71 24.92
CA UNK A 2079 32.43 -27.23 23.58
C UNK A 2079 32.03 -28.27 22.52
N TYR A 2084 26.16 -26.81 20.99
CA TYR A 2084 25.61 -25.48 21.14
C TYR A 2084 24.18 -25.41 20.63
N ILE A 2085 23.88 -26.15 19.57
CA ILE A 2085 22.55 -26.16 18.99
C ILE A 2085 21.65 -27.06 19.84
N LEU A 2086 20.50 -26.53 20.24
CA LEU A 2086 19.52 -27.25 21.05
C LEU A 2086 18.20 -27.35 20.29
N ARG A 2087 17.26 -28.09 20.86
CA ARG A 2087 15.95 -28.29 20.25
C ARG A 2087 14.87 -28.04 21.30
N LEU A 2088 13.77 -27.43 20.86
CA LEU A 2088 12.66 -27.15 21.77
C LEU A 2088 12.02 -28.42 22.30
N GLU A 2089 11.87 -29.43 21.44
CA GLU A 2089 11.26 -30.69 21.87
C GLU A 2089 12.10 -31.39 22.93
N GLU A 2090 13.42 -31.19 22.91
CA GLU A 2090 14.30 -31.82 23.88
C GLU A 2090 14.38 -31.04 25.19
N ILE A 2091 13.75 -29.88 25.28
CA ILE A 2091 13.77 -29.09 26.50
C ILE A 2091 12.40 -28.43 26.73
N ALA A 2096 5.06 -27.53 26.64
CA ALA A 2096 6.34 -27.61 25.93
C ALA A 2096 6.25 -26.98 24.55
N ALA A 2097 5.40 -27.54 23.70
CA ALA A 2097 5.19 -27.05 22.34
C ALA A 2097 3.71 -26.78 22.15
N MET A 2098 3.32 -25.51 22.25
CA MET A 2098 1.94 -25.09 22.09
C MET A 2098 1.69 -24.56 20.68
N THR A 2099 0.42 -24.30 20.39
CA THR A 2099 0.03 -23.78 19.08
C THR A 2099 -1.29 -23.05 19.22
N ASN A 2100 -1.47 -22.03 18.37
CA ASN A 2100 -2.68 -21.21 18.35
C ASN A 2100 -2.97 -20.62 19.72
N THR A 2101 -1.93 -20.16 20.40
CA THR A 2101 -2.07 -19.58 21.72
C THR A 2101 -2.65 -18.17 21.62
N GLU A 2102 -3.14 -17.66 22.75
CA GLU A 2102 -3.72 -16.33 22.83
C GLU A 2102 -3.00 -15.45 23.84
N ILE A 2103 -1.78 -15.80 24.23
CA ILE A 2103 -1.01 -15.03 25.19
C ILE A 2103 -0.33 -13.87 24.48
N ALA A 2104 -0.27 -12.73 25.15
CA ALA A 2104 0.37 -11.55 24.59
C ALA A 2104 1.88 -11.71 24.57
N LEU A 2105 2.52 -10.98 23.65
CA LEU A 2105 3.97 -11.03 23.53
C LEU A 2105 4.64 -10.40 24.74
N PRO A 2106 5.89 -10.76 25.03
CA PRO A 2106 6.58 -10.19 26.18
C PRO A 2106 6.98 -8.74 25.96
N GLY A 2107 6.01 -7.83 26.13
CA GLY A 2107 6.27 -6.42 25.94
C GLY A 2107 5.56 -5.85 24.72
N GLU A 2108 4.44 -5.18 24.95
CA GLU A 2108 3.64 -4.57 23.89
C GLU A 2108 3.21 -3.16 24.30
N VAL A 2109 4.18 -2.36 24.74
CA VAL A 2109 3.88 -0.99 25.16
C VAL A 2109 3.32 -0.18 23.99
N SER A 2110 3.94 -0.31 22.82
CA SER A 2110 3.51 0.41 21.61
C SER A 2110 2.97 -0.62 20.63
N ALA A 2111 1.69 -0.95 20.78
CA ALA A 2111 1.05 -1.94 19.90
C ALA A 2111 -0.46 -1.69 19.95
N ARG A 2112 -1.00 -1.09 18.89
CA ARG A 2112 -2.43 -0.81 18.86
C ARG A 2112 -3.23 -2.11 18.89
N ASP A 2113 -2.79 -3.12 18.16
CA ASP A 2113 -3.45 -4.42 18.09
C ASP A 2113 -2.47 -5.45 18.64
N THR A 2114 -2.76 -5.96 19.83
CA THR A 2114 -1.90 -6.96 20.45
C THR A 2114 -1.83 -8.21 19.60
N VAL A 2115 -0.61 -8.70 19.36
CA VAL A 2115 -0.37 -9.89 18.56
C VAL A 2115 -0.18 -11.07 19.49
N THR A 2116 -0.98 -12.12 19.31
CA THR A 2116 -0.91 -13.31 20.13
C THR A 2116 0.16 -14.26 19.60
N ILE A 2117 0.78 -15.00 20.52
CA ILE A 2117 1.81 -15.95 20.14
C ILE A 2117 1.19 -17.13 19.42
N HIS A 2118 1.74 -17.49 18.26
CA HIS A 2118 1.25 -18.60 17.46
C HIS A 2118 1.98 -19.90 17.76
N SER A 2119 3.31 -19.87 17.78
CA SER A 2119 4.12 -21.04 18.04
C SER A 2119 5.47 -20.60 18.57
N VAL A 2120 6.31 -21.57 18.92
CA VAL A 2120 7.64 -21.33 19.44
C VAL A 2120 8.64 -22.04 18.53
N GLY A 2121 9.76 -21.36 18.26
CA GLY A 2121 10.79 -21.93 17.41
C GLY A 2121 11.30 -23.24 18.00
N GLY A 2122 11.50 -24.23 17.12
CA GLY A 2122 11.98 -25.53 17.56
C GLY A 2122 13.47 -25.61 17.79
N THR A 2123 14.20 -24.53 17.54
CA THR A 2123 15.65 -24.50 17.72
C THR A 2123 16.04 -23.31 18.58
N ILE A 2124 16.87 -23.57 19.58
CA ILE A 2124 17.36 -22.56 20.51
C ILE A 2124 18.88 -22.59 20.47
N THR A 2125 19.50 -21.44 20.26
CA THR A 2125 20.95 -21.35 20.19
C THR A 2125 21.52 -20.67 21.43
N ILE A 2126 22.84 -20.70 21.53
CA ILE A 2126 23.57 -20.11 22.65
C ILE A 2126 24.64 -19.20 22.08
N LEU A 2127 24.75 -18.00 22.62
CA LEU A 2127 25.74 -17.03 22.15
C LEU A 2127 27.04 -17.21 22.93
N PRO A 2128 28.16 -17.50 22.28
CA PRO A 2128 29.42 -17.67 23.00
C PRO A 2128 30.06 -16.33 23.34
N THR A 2129 31.19 -16.41 24.05
CA THR A 2129 31.94 -15.23 24.47
C THR A 2129 31.08 -14.25 25.25
N LYS A 2130 30.30 -14.79 26.18
CA LYS A 2130 29.40 -13.99 27.02
C LYS A 2130 29.04 -14.81 28.24
N THR A 2131 28.05 -14.34 29.00
CA THR A 2131 27.62 -15.04 30.21
C THR A 2131 26.57 -16.11 29.87
N LYS A 2132 26.95 -16.95 28.91
CA LYS A 2132 26.13 -18.05 28.41
C LYS A 2132 24.67 -17.66 28.12
N PRO A 2133 24.44 -16.67 27.25
CA PRO A 2133 23.07 -16.28 26.94
C PRO A 2133 22.45 -17.20 25.90
N LYS A 2134 21.13 -17.34 25.97
CA LYS A 2134 20.38 -18.18 25.06
C LYS A 2134 19.50 -17.33 24.16
N LYS A 2135 19.48 -17.67 22.88
CA LYS A 2135 18.69 -16.98 21.87
C LYS A 2135 17.62 -17.92 21.35
N LEU A 2136 16.37 -17.45 21.38
CA LEU A 2136 15.20 -18.19 20.94
C LEU A 2136 14.45 -17.34 19.90
N LEU A 2137 13.26 -17.79 19.53
CA LEU A 2137 12.46 -17.07 18.55
C LEU A 2137 10.99 -17.40 18.74
N PHE A 2138 10.15 -16.38 18.52
CA PHE A 2138 8.70 -16.48 18.65
C PHE A 2138 8.04 -16.12 17.33
N LEU A 2139 6.79 -16.56 17.17
CA LEU A 2139 6.02 -16.29 15.96
C LEU A 2139 4.69 -15.66 16.36
N GLY A 2140 4.26 -14.68 15.55
CA GLY A 2140 3.02 -13.98 15.79
C GLY A 2140 1.91 -14.42 14.84
N SER A 2141 0.73 -13.84 15.08
CA SER A 2141 -0.43 -14.15 14.25
C SER A 2141 -0.25 -13.65 12.83
N ASP A 2142 0.45 -12.52 12.67
CA ASP A 2142 0.69 -11.91 11.37
C ASP A 2142 1.91 -12.50 10.66
N GLY A 2143 2.33 -13.70 11.06
CA GLY A 2143 3.49 -14.39 10.48
C GLY A 2143 4.78 -13.61 10.62
N LYS A 2144 4.86 -12.76 11.65
CA LYS A 2144 6.05 -11.95 11.89
C LYS A 2144 6.92 -12.62 12.96
N SER A 2145 8.23 -12.63 12.73
CA SER A 2145 9.16 -13.24 13.65
C SER A 2145 9.68 -12.19 14.63
N TYR A 2146 9.66 -12.52 15.92
CA TYR A 2146 10.12 -11.63 16.98
C TYR A 2146 11.22 -12.32 17.77
N PRO A 2147 12.49 -12.10 17.43
CA PRO A 2147 13.58 -12.74 18.17
C PRO A 2147 13.70 -12.17 19.58
N TYR A 2148 14.23 -13.00 20.48
CA TYR A 2148 14.41 -12.61 21.86
C TYR A 2148 15.71 -13.21 22.38
N LEU A 2149 16.13 -12.76 23.57
CA LEU A 2149 17.35 -13.22 24.21
C LEU A 2149 17.03 -13.61 25.64
N PHE A 2150 17.51 -14.78 26.06
CA PHE A 2150 17.28 -15.29 27.40
C PHE A 2150 18.51 -15.02 28.28
N LYS A 2151 18.29 -14.38 29.42
CA LYS A 2151 19.37 -14.06 30.36
C LYS A 2151 19.09 -14.72 31.70
N GLY A 2152 20.13 -15.33 32.27
CA GLY A 2152 20.00 -15.99 33.54
C GLY A 2152 21.15 -15.61 34.47
N LEU A 2153 20.87 -15.73 35.76
CA LEU A 2153 21.82 -15.42 36.84
C LEU A 2153 22.24 -13.95 36.86
N GLU A 2154 21.55 -13.09 36.12
CA GLU A 2154 21.87 -11.67 36.06
C GLU A 2154 20.59 -10.87 36.23
N ASP A 2155 20.52 -10.05 37.28
CA ASP A 2155 19.34 -9.25 37.53
C ASP A 2155 19.15 -8.22 36.42
N LEU A 2156 17.91 -8.11 35.93
CA LEU A 2156 17.56 -7.17 34.87
C LEU A 2156 16.53 -6.16 35.33
N HIS A 2157 16.36 -5.98 36.63
CA HIS A 2157 15.39 -5.02 37.14
C HIS A 2157 15.78 -3.59 36.76
N LEU A 2158 17.08 -3.28 36.85
CA LEU A 2158 17.53 -1.93 36.50
C LEU A 2158 17.42 -1.65 35.01
N ASP A 2159 17.56 -2.68 34.17
CA ASP A 2159 17.46 -2.48 32.72
C ASP A 2159 16.06 -2.00 32.33
N GLU A 2160 15.03 -2.59 32.92
CA GLU A 2160 13.67 -2.17 32.60
C GLU A 2160 13.47 -0.71 32.95
N ARG A 2161 13.97 -0.30 34.12
CA ARG A 2161 13.84 1.08 34.55
C ARG A 2161 14.60 2.02 33.61
N ILE A 2162 15.79 1.59 33.16
CA ILE A 2162 16.57 2.43 32.25
C ILE A 2162 15.81 2.61 30.94
N MET A 2163 15.22 1.53 30.43
CA MET A 2163 14.46 1.64 29.18
C MET A 2163 13.26 2.55 29.38
N GLN A 2164 12.63 2.49 30.57
CA GLN A 2164 11.49 3.35 30.83
C GLN A 2164 11.94 4.80 30.78
N PHE A 2165 13.12 5.07 31.36
CA PHE A 2165 13.65 6.44 31.37
C PHE A 2165 13.90 6.90 29.94
N LEU A 2166 14.43 6.00 29.10
CA LEU A 2166 14.70 6.36 27.71
C LEU A 2166 13.41 6.68 26.99
N SER A 2167 12.35 5.89 27.26
CA SER A 2167 11.07 6.16 26.60
C SER A 2167 10.51 7.50 27.03
N ILE A 2168 10.63 7.81 28.33
CA ILE A 2168 10.12 9.08 28.83
C ILE A 2168 10.88 10.25 28.20
N VAL A 2169 12.20 10.12 28.07
CA VAL A 2169 12.97 11.21 27.47
C VAL A 2169 12.65 11.33 25.98
N ASN A 2170 12.37 10.20 25.33
CA ASN A 2170 12.05 10.24 23.90
C ASN A 2170 10.69 10.88 23.67
N THR A 2171 9.79 10.75 24.64
CA THR A 2171 8.46 11.33 24.51
C THR A 2171 8.51 12.85 24.41
N MET A 2172 9.50 13.48 25.06
CA MET A 2172 9.63 14.93 25.02
C MET A 2172 9.97 15.48 23.64
N PHE A 2173 10.45 14.63 22.73
CA PHE A 2173 10.82 15.06 21.38
C PHE A 2173 9.65 14.98 20.41
N ALA A 2174 8.42 14.81 20.89
CA ALA A 2174 7.28 14.73 19.99
C ALA A 2174 6.97 16.08 19.32
N THR A 2175 7.08 17.17 20.07
CA THR A 2175 6.81 18.49 19.51
C THR A 2175 7.88 18.91 18.50
N ILE A 2176 9.15 18.75 18.86
CA ILE A 2176 10.24 19.13 17.96
C ILE A 2176 10.29 18.26 16.71
N ASN A 2177 9.71 17.07 16.74
CA ASN A 2177 9.74 16.19 15.57
C ASN A 2177 8.68 16.54 14.53
N ARG A 2178 7.89 17.57 14.75
CA ARG A 2178 6.86 17.96 13.79
C ARG A 2178 7.31 19.05 12.82
N GLN A 2179 8.43 19.72 13.08
CA GLN A 2179 8.93 20.78 12.20
C GLN A 2179 10.42 20.62 11.97
N GLU A 2180 10.87 19.39 11.71
CA GLU A 2180 12.29 19.14 11.47
C GLU A 2180 12.42 17.84 10.69
N THR A 2181 13.18 17.88 9.60
CA THR A 2181 13.38 16.68 8.79
C THR A 2181 14.02 15.54 9.58
N PRO A 2182 15.13 15.73 10.29
CA PRO A 2182 15.70 14.59 11.04
C PRO A 2182 14.96 14.43 12.36
N ARG A 2183 14.42 13.24 12.58
CA ARG A 2183 13.67 12.96 13.81
C ARG A 2183 14.60 12.78 15.00
N PHE A 2184 14.17 13.31 16.15
CA PHE A 2184 14.92 13.23 17.40
C PHE A 2184 14.46 11.98 18.10
N HIS A 2185 15.07 10.84 17.77
CA HIS A 2185 14.70 9.57 18.39
C HIS A 2185 15.94 8.82 18.87
N ALA A 2186 15.77 8.10 19.98
CA ALA A 2186 16.83 7.32 20.60
C ALA A 2186 16.38 5.86 20.56
N ARG A 2187 17.00 5.06 19.70
CA ARG A 2187 16.64 3.65 19.59
C ARG A 2187 16.92 2.91 20.88
N HIS A 2188 15.99 2.02 21.25
CA HIS A 2188 16.11 1.23 22.46
C HIS A 2188 15.18 0.02 22.33
N TYR A 2189 15.44 -0.97 23.18
CA TYR A 2189 14.65 -2.20 23.19
C TYR A 2189 13.94 -2.34 24.53
N SER A 2190 13.11 -3.37 24.64
CA SER A 2190 12.35 -3.65 25.85
C SER A 2190 12.85 -4.92 26.53
N VAL A 2191 12.95 -4.88 27.85
CA VAL A 2191 13.42 -6.00 28.66
C VAL A 2191 12.39 -6.27 29.74
N THR A 2192 12.15 -7.54 30.04
CA THR A 2192 11.18 -7.92 31.06
C THR A 2192 11.77 -9.01 31.96
N PRO A 2193 11.79 -8.81 33.27
CA PRO A 2193 12.34 -9.84 34.16
C PRO A 2193 11.36 -10.97 34.39
N LEU A 2194 11.91 -12.15 34.65
CA LEU A 2194 11.13 -13.35 34.92
C LEU A 2194 11.37 -13.85 36.34
N GLY A 2195 11.43 -12.92 37.28
CA GLY A 2195 11.65 -13.25 38.68
C GLY A 2195 12.70 -12.34 39.30
N THR A 2196 13.80 -12.93 39.75
CA THR A 2196 14.87 -12.17 40.36
C THR A 2196 16.23 -12.34 39.69
N ARG A 2197 16.42 -13.40 38.90
CA ARG A 2197 17.70 -13.61 38.22
C ARG A 2197 17.52 -13.82 36.73
N SER A 2198 16.40 -14.42 36.33
CA SER A 2198 16.13 -14.66 34.91
C SER A 2198 15.58 -13.41 34.25
N GLY A 2199 15.42 -13.47 32.92
CA GLY A 2199 14.90 -12.35 32.17
C GLY A 2199 14.91 -12.52 30.66
N LEU A 2200 14.10 -11.71 29.97
CA LEU A 2200 13.98 -11.73 28.52
C LEU A 2200 14.34 -10.34 28.00
N ILE A 2201 15.11 -10.31 26.92
CA ILE A 2201 15.54 -9.06 26.30
C ILE A 2201 15.12 -9.06 24.83
N GLN A 2202 14.52 -7.96 24.39
CA GLN A 2202 14.09 -7.85 23.01
C GLN A 2202 15.30 -7.80 22.09
N TRP A 2203 15.19 -8.47 20.94
CA TRP A 2203 16.26 -8.53 19.96
C TRP A 2203 15.94 -7.58 18.81
N VAL A 2204 16.95 -6.88 18.31
CA VAL A 2204 16.81 -5.93 17.22
C VAL A 2204 17.60 -6.44 16.02
N ASP A 2205 16.94 -6.49 14.86
CA ASP A 2205 17.54 -6.95 13.62
C ASP A 2205 17.89 -5.76 12.72
N GLY A 2206 18.77 -6.02 11.76
CA GLY A 2206 19.20 -5.00 10.83
C GLY A 2206 20.31 -4.09 11.33
N ALA A 2207 20.82 -4.31 12.53
CA ALA A 2207 21.88 -3.50 13.10
C ALA A 2207 23.21 -4.25 13.01
N THR A 2208 24.25 -3.54 12.58
CA THR A 2208 25.58 -4.11 12.44
C THR A 2208 26.53 -3.43 13.42
N PRO A 2209 27.34 -4.20 14.14
CA PRO A 2209 28.28 -3.58 15.10
C PRO A 2209 29.40 -2.86 14.39
N LEU A 2210 29.95 -1.85 15.07
CA LEU A 2210 31.04 -1.08 14.49
C LEU A 2210 32.34 -1.87 14.41
N PHE A 2211 32.54 -2.86 15.28
CA PHE A 2211 33.77 -3.64 15.25
C PHE A 2211 33.89 -4.48 13.98
N GLY A 2212 32.75 -4.78 13.33
CA GLY A 2212 32.80 -5.56 12.11
C GLY A 2212 33.59 -4.86 11.02
N LEU A 2213 33.38 -3.55 10.84
CA LEU A 2213 34.10 -2.81 9.82
C LEU A 2213 35.60 -2.88 10.07
N TYR A 2214 36.02 -2.72 11.33
CA TYR A 2214 37.44 -2.77 11.65
C TYR A 2214 37.99 -4.16 11.37
N LYS A 2215 37.23 -5.19 11.70
CA LYS A 2215 37.70 -6.56 11.45
C LYS A 2215 37.89 -6.80 9.96
N ARG A 2216 36.92 -6.38 9.14
CA ARG A 2216 37.06 -6.58 7.70
C ARG A 2216 38.23 -5.77 7.16
N TRP A 2217 38.44 -4.55 7.68
CA TRP A 2217 39.55 -3.74 7.21
C TRP A 2217 40.87 -4.43 7.52
N GLN A 2218 40.98 -5.00 8.73
CA GLN A 2218 42.21 -5.68 9.11
C GLN A 2218 42.44 -6.88 8.21
N GLN A 2219 41.36 -7.63 7.91
CA GLN A 2219 41.51 -8.80 7.04
C GLN A 2219 41.96 -8.39 5.65
N ARG A 2220 41.36 -7.31 5.12
CA ARG A 2220 41.74 -6.84 3.79
C ARG A 2220 43.19 -6.39 3.77
N GLU A 2221 43.63 -5.67 4.81
CA GLU A 2221 45.01 -5.22 4.86
C GLU A 2221 45.96 -6.40 4.93
N ALA A 2222 45.62 -7.41 5.73
CA ALA A 2222 46.48 -8.58 5.84
C ALA A 2222 46.58 -9.31 4.51
N ALA A 2223 45.44 -9.46 3.81
CA ALA A 2223 45.45 -10.13 2.52
C ALA A 2223 46.28 -9.35 1.50
N LEU A 2224 46.13 -8.03 1.50
CA LEU A 2224 46.89 -7.20 0.57
C LEU A 2224 48.38 -7.31 0.84
N GLN A 2225 48.78 -7.28 2.13
CA GLN A 2225 50.18 -7.39 2.47
C GLN A 2225 50.74 -8.75 2.10
N ALA A 2226 49.96 -9.81 2.32
CA ALA A 2226 50.44 -11.15 1.99
C ALA A 2226 50.54 -11.35 0.48
N GLN A 2227 49.69 -10.65 -0.28
CA GLN A 2227 49.72 -10.78 -1.73
C GLN A 2227 51.04 -10.30 -2.30
N LYS A 2228 51.57 -9.19 -1.79
CA LYS A 2228 52.84 -8.65 -2.25
C LYS A 2228 53.57 -7.91 -1.14
N ILE A 2241 45.16 -15.54 10.98
CA ILE A 2241 44.13 -14.56 11.30
C ILE A 2241 44.74 -13.18 11.47
N VAL A 2242 43.98 -12.25 12.04
CA VAL A 2242 44.45 -10.90 12.26
C VAL A 2242 44.78 -10.71 13.74
N PRO A 2243 45.75 -9.87 14.09
CA PRO A 2243 46.09 -9.69 15.50
C PRO A 2243 44.96 -9.02 16.28
N ARG A 2244 44.86 -9.38 17.55
CA ARG A 2244 43.84 -8.86 18.44
C ARG A 2244 44.25 -7.49 18.96
N PRO A 2245 43.29 -6.67 19.40
CA PRO A 2245 43.64 -5.33 19.90
C PRO A 2245 44.64 -5.36 21.04
N SER A 2246 44.51 -6.33 21.95
CA SER A 2246 45.45 -6.41 23.07
C SER A 2246 46.86 -6.72 22.59
N GLU A 2247 46.99 -7.75 21.74
CA GLU A 2247 48.30 -8.11 21.22
C GLU A 2247 48.91 -6.97 20.40
N LEU A 2248 48.10 -6.33 19.56
CA LEU A 2248 48.58 -5.24 18.73
C LEU A 2248 49.05 -4.06 19.59
N TYR A 2249 48.29 -3.72 20.63
CA TYR A 2249 48.68 -2.60 21.49
C TYR A 2249 49.96 -2.94 22.26
N TYR A 2250 50.08 -4.19 22.72
CA TYR A 2250 51.27 -4.58 23.46
C TYR A 2250 52.50 -4.58 22.57
N SER A 2251 52.34 -5.00 21.30
CA SER A 2251 53.47 -5.03 20.38
C SER A 2251 54.09 -3.66 20.19
N LYS A 2252 53.34 -2.60 20.47
CA LYS A 2252 53.83 -1.23 20.33
C LYS A 2252 54.17 -0.61 21.67
N ILE A 2253 53.53 -1.06 22.75
CA ILE A 2253 53.82 -0.49 24.07
C ILE A 2253 55.04 -1.15 24.71
N GLY A 2254 55.45 -2.32 24.22
CA GLY A 2254 56.60 -3.01 24.77
C GLY A 2254 57.91 -2.35 24.40
N PRO A 2255 58.21 -2.30 23.09
CA PRO A 2255 59.47 -1.66 22.67
C PRO A 2255 59.62 -0.23 23.14
N ALA A 2256 58.53 0.55 23.18
CA ALA A 2256 58.63 1.94 23.63
C ALA A 2256 59.09 1.99 25.09
N LEU A 2257 58.49 1.15 25.94
CA LEU A 2257 58.87 1.14 27.35
C LEU A 2257 60.29 0.62 27.52
N LYS A 2258 60.68 -0.36 26.70
CA LYS A 2258 62.04 -0.90 26.82
C LYS A 2258 63.07 0.15 26.41
N THR A 2259 62.74 0.96 25.40
CA THR A 2259 63.66 1.99 24.93
C THR A 2259 63.73 3.17 25.89
N VAL A 2260 62.60 3.55 26.50
CA VAL A 2260 62.60 4.69 27.43
C VAL A 2260 63.32 4.36 28.73
N GLY A 2261 63.54 3.08 29.03
CA GLY A 2261 64.21 2.66 30.25
C GLY A 2261 63.36 1.86 31.21
N LEU A 2262 62.04 1.78 30.98
CA LEU A 2262 61.16 1.03 31.85
C LEU A 2262 61.00 -0.39 31.34
N SER A 2263 60.05 -1.14 31.91
CA SER A 2263 59.78 -2.51 31.52
C SER A 2263 58.30 -2.78 31.65
N LEU A 2264 57.84 -3.84 30.97
CA LEU A 2264 56.44 -4.22 31.01
C LEU A 2264 56.02 -4.80 32.35
N ASP A 2265 56.97 -5.13 33.22
CA ASP A 2265 56.62 -5.70 34.52
C ASP A 2265 56.12 -4.64 35.50
N VAL A 2266 56.36 -3.36 35.24
CA VAL A 2266 55.91 -2.32 36.14
C VAL A 2266 54.39 -2.19 36.08
N SER A 2267 53.82 -1.59 37.11
CA SER A 2267 52.38 -1.41 37.18
C SER A 2267 51.88 -0.50 36.07
N ARG A 2268 50.61 -0.70 35.69
CA ARG A 2268 50.03 0.11 34.62
C ARG A 2268 49.96 1.58 35.00
N ARG A 2269 49.62 1.87 36.26
CA ARG A 2269 49.54 3.27 36.70
C ARG A 2269 50.90 3.96 36.62
N ASP A 2270 51.98 3.20 36.81
CA ASP A 2270 53.33 3.77 36.76
C ASP A 2270 53.86 3.72 35.32
N TRP A 2271 53.14 4.41 34.45
CA TRP A 2271 53.49 4.49 33.04
C TRP A 2271 53.58 5.94 32.59
N PRO A 2272 54.61 6.30 31.83
CA PRO A 2272 54.75 7.69 31.37
C PRO A 2272 53.63 8.08 30.42
N LEU A 2273 53.26 9.36 30.46
CA LEU A 2273 52.20 9.87 29.59
C LEU A 2273 52.65 10.05 28.15
N HIS A 2274 53.89 10.50 27.95
CA HIS A 2274 54.39 10.71 26.59
C HIS A 2274 54.46 9.40 25.82
N VAL A 2275 54.83 8.30 26.48
CA VAL A 2275 54.92 7.01 25.79
C VAL A 2275 53.54 6.61 25.28
N MET A 2276 52.52 6.70 26.13
CA MET A 2276 51.17 6.33 25.73
C MET A 2276 50.66 7.25 24.62
N LYS A 2277 50.93 8.55 24.74
CA LYS A 2277 50.48 9.48 23.71
C LYS A 2277 51.13 9.17 22.37
N ALA A 2278 52.43 8.86 22.38
CA ALA A 2278 53.14 8.55 21.14
C ALA A 2278 52.59 7.28 20.53
N VAL A 2279 52.33 6.25 21.35
CA VAL A 2279 51.80 5.00 20.83
C VAL A 2279 50.43 5.23 20.19
N LEU A 2280 49.58 6.01 20.88
CA LEU A 2280 48.25 6.28 20.34
C LEU A 2280 48.34 7.06 19.03
N GLU A 2281 49.23 8.05 18.97
CA GLU A 2281 49.38 8.83 17.75
C GLU A 2281 49.85 7.95 16.60
N GLU A 2282 50.79 7.03 16.89
CA GLU A 2282 51.29 6.15 15.83
C GLU A 2282 50.21 5.17 15.39
N LEU A 2283 49.33 4.75 16.29
CA LEU A 2283 48.27 3.82 15.93
C LEU A 2283 47.18 4.50 15.12
N MET A 2284 46.88 5.77 15.44
CA MET A 2284 45.84 6.49 14.71
C MET A 2284 46.22 6.73 13.25
N GLU A 2285 47.50 6.95 12.97
CA GLU A 2285 47.95 7.19 11.61
C GLU A 2285 47.92 5.95 10.74
N ALA A 2286 47.68 4.77 11.31
CA ALA A 2286 47.65 3.54 10.51
C ALA A 2286 46.25 3.20 10.01
N THR A 2287 45.22 3.35 10.86
CA THR A 2287 43.86 3.05 10.46
C THR A 2287 43.24 4.25 9.77
N PRO A 2288 42.75 4.10 8.53
CA PRO A 2288 42.14 5.24 7.85
C PRO A 2288 40.84 5.63 8.49
N PRO A 2289 40.45 6.90 8.43
CA PRO A 2289 39.17 7.32 9.04
C PRO A 2289 37.98 7.21 8.10
N ASN A 2290 38.14 6.49 7.00
CA ASN A 2290 37.07 6.32 6.02
C ASN A 2290 36.36 4.98 6.15
N LEU A 2291 36.58 4.25 7.24
CA LEU A 2291 35.92 2.95 7.41
C LEU A 2291 34.41 3.11 7.54
N LEU A 2292 33.96 4.09 8.32
CA LEU A 2292 32.54 4.31 8.52
C LEU A 2292 31.99 5.48 7.70
N ALA A 2293 32.80 6.51 7.45
CA ALA A 2293 32.33 7.64 6.67
C ALA A 2293 31.93 7.24 5.26
N LYS A 2294 32.72 6.38 4.62
CA LYS A 2294 32.41 5.94 3.26
C LYS A 2294 31.48 4.75 3.22
N GLU A 2295 31.27 4.05 4.34
CA GLU A 2295 30.38 2.91 4.34
C GLU A 2295 28.94 3.34 4.03
N LEU A 2296 28.49 4.43 4.65
CA LEU A 2296 27.14 4.90 4.39
C LEU A 2296 27.00 5.31 2.94
N TRP A 2297 28.02 5.97 2.40
CA TRP A 2297 27.98 6.41 1.00
C TRP A 2297 27.89 5.21 0.06
N SER A 2298 28.64 4.14 0.36
CA SER A 2298 28.61 2.96 -0.49
C SER A 2298 27.33 2.14 -0.29
N SER A 2299 26.62 2.34 0.83
CA SER A 2299 25.40 1.59 1.09
C SER A 2299 24.14 2.28 0.56
N CYS A 2300 24.24 3.52 0.07
CA CYS A 2300 23.07 4.22 -0.43
C CYS A 2300 22.86 3.94 -1.92
N THR A 2301 21.83 4.56 -2.48
CA THR A 2301 21.48 4.40 -3.88
C THR A 2301 21.53 5.72 -4.65
N THR A 2302 20.94 6.78 -4.11
CA THR A 2302 20.91 8.09 -4.74
C THR A 2302 21.54 9.13 -3.82
N PRO A 2303 22.05 10.24 -4.39
CA PRO A 2303 22.66 11.27 -3.53
C PRO A 2303 21.70 11.82 -2.48
N ASP A 2304 20.42 11.94 -2.82
CA ASP A 2304 19.46 12.45 -1.86
C ASP A 2304 19.36 11.51 -0.66
N GLU A 2305 19.36 10.20 -0.93
CA GLU A 2305 19.29 9.23 0.14
C GLU A 2305 20.53 9.34 1.01
N TRP A 2306 21.70 9.55 0.39
CA TRP A 2306 22.94 9.67 1.13
C TRP A 2306 22.88 10.88 2.06
N TRP A 2307 22.39 12.01 1.56
CA TRP A 2307 22.30 13.20 2.39
C TRP A 2307 21.33 12.99 3.55
N ARG A 2308 20.20 12.34 3.26
CA ARG A 2308 19.20 12.08 4.31
C ARG A 2308 19.78 11.19 5.40
N VAL A 2309 20.44 10.08 5.01
CA VAL A 2309 21.01 9.19 6.01
C VAL A 2309 22.13 9.89 6.77
N THR A 2310 22.90 10.75 6.10
CA THR A 2310 23.99 11.43 6.81
C THR A 2310 23.42 12.35 7.88
N GLN A 2311 22.39 13.13 7.54
CA GLN A 2311 21.79 14.03 8.51
C GLN A 2311 21.17 13.24 9.66
N SER A 2312 20.47 12.16 9.32
CA SER A 2312 19.82 11.34 10.35
C SER A 2312 20.87 10.73 11.28
N TYR A 2313 21.98 10.25 10.71
CA TYR A 2313 23.04 9.65 11.53
C TYR A 2313 23.65 10.69 12.45
N ALA A 2314 23.90 11.90 11.94
CA ALA A 2314 24.50 12.93 12.77
C ALA A 2314 23.58 13.29 13.94
N ARG A 2315 22.30 13.50 13.66
CA ARG A 2315 21.37 13.84 14.74
C ARG A 2315 21.23 12.70 15.74
N SER A 2316 21.10 11.46 15.24
CA SER A 2316 20.97 10.32 16.14
C SER A 2316 22.19 10.16 17.01
N THR A 2317 23.38 10.32 16.43
CA THR A 2317 24.61 10.17 17.21
C THR A 2317 24.69 11.25 18.27
N ALA A 2318 24.32 12.49 17.93
CA ALA A 2318 24.37 13.57 18.91
C ALA A 2318 23.41 13.30 20.06
N VAL A 2319 22.17 12.90 19.75
CA VAL A 2319 21.19 12.63 20.80
C VAL A 2319 21.63 11.46 21.67
N MET A 2320 22.12 10.38 21.05
CA MET A 2320 22.56 9.22 21.82
C MET A 2320 23.75 9.57 22.72
N SER A 2321 24.71 10.34 22.20
CA SER A 2321 25.87 10.71 23.01
C SER A 2321 25.44 11.57 24.18
N MET A 2322 24.54 12.53 23.96
CA MET A 2322 24.10 13.38 25.06
C MET A 2322 23.35 12.57 26.10
N VAL A 2323 22.51 11.63 25.66
CA VAL A 2323 21.76 10.81 26.61
C VAL A 2323 22.73 9.99 27.44
N GLY A 2324 23.73 9.39 26.78
CA GLY A 2324 24.70 8.58 27.50
C GLY A 2324 25.49 9.40 28.50
N TYR A 2325 25.84 10.63 28.13
CA TYR A 2325 26.60 11.49 29.03
C TYR A 2325 25.76 11.88 30.24
N ILE A 2326 24.48 12.19 30.02
CA ILE A 2326 23.61 12.58 31.14
C ILE A 2326 23.41 11.39 32.07
N ILE A 2327 23.15 10.21 31.51
CA ILE A 2327 22.94 9.03 32.34
C ILE A 2327 24.26 8.58 32.97
N GLY A 2328 25.33 8.56 32.19
CA GLY A 2328 26.63 8.15 32.69
C GLY A 2328 27.02 6.78 32.20
N LEU A 2329 26.53 6.43 31.01
CA LEU A 2329 26.84 5.13 30.43
C LEU A 2329 28.32 5.02 30.09
N GLY A 2330 28.90 3.87 30.41
CA GLY A 2330 30.30 3.62 30.14
C GLY A 2330 30.53 2.36 29.34
N ASP A 2331 31.79 1.96 29.17
CA ASP A 2331 32.15 0.76 28.42
C ASP A 2331 31.55 0.80 27.01
N ARG A 2332 31.72 1.95 26.35
CA ARG A 2332 31.20 2.16 24.99
C ARG A 2332 32.22 1.73 23.94
N HIS A 2333 32.46 0.41 23.88
CA HIS A 2333 33.42 -0.10 22.90
C HIS A 2333 32.71 -0.32 21.57
N LEU A 2334 33.46 -0.84 20.58
CA LEU A 2334 32.89 -1.09 19.28
C LEU A 2334 31.83 -2.19 19.28
N ASP A 2335 31.89 -3.13 20.22
CA ASP A 2335 30.91 -4.20 20.26
C ASP A 2335 29.60 -3.79 20.92
N ASN A 2336 29.56 -2.66 21.63
CA ASN A 2336 28.36 -2.19 22.30
C ASN A 2336 27.60 -1.13 21.52
N VAL A 2337 28.06 -0.78 20.32
CA VAL A 2337 27.41 0.22 19.50
C VAL A 2337 27.09 -0.39 18.14
N LEU A 2338 25.82 -0.28 17.72
CA LEU A 2338 25.37 -0.82 16.46
C LEU A 2338 24.83 0.32 15.59
N ILE A 2339 24.98 0.15 14.28
CA ILE A 2339 24.51 1.14 13.30
C ILE A 2339 23.58 0.45 12.33
N ASP A 2340 22.55 1.18 11.89
CA ASP A 2340 21.56 0.68 10.94
C ASP A 2340 21.81 1.36 9.60
N MET A 2341 22.41 0.63 8.67
CA MET A 2341 22.70 1.19 7.35
C MET A 2341 21.45 1.60 6.60
N THR A 2342 20.29 1.06 6.97
CA THR A 2342 19.05 1.42 6.28
C THR A 2342 18.64 2.86 6.58
N THR A 2343 18.85 3.31 7.82
CA THR A 2343 18.50 4.67 8.21
C THR A 2343 19.65 5.48 8.79
N GLY A 2344 20.78 4.85 9.14
CA GLY A 2344 21.90 5.56 9.70
C GLY A 2344 21.85 5.80 11.19
N GLU A 2345 20.81 5.34 11.88
CA GLU A 2345 20.71 5.55 13.31
C GLU A 2345 21.70 4.68 14.06
N VAL A 2346 22.09 5.15 15.25
CA VAL A 2346 23.03 4.47 16.12
C VAL A 2346 22.31 4.06 17.39
N VAL A 2347 22.54 2.83 17.86
CA VAL A 2347 21.90 2.32 19.05
C VAL A 2347 22.91 1.61 19.95
N HIS A 2348 22.76 1.77 21.26
CA HIS A 2348 23.64 1.14 22.24
C HIS A 2348 23.06 -0.22 22.60
N ILE A 2349 23.90 -1.06 23.22
CA ILE A 2349 23.42 -2.38 23.60
C ILE A 2349 23.56 -2.74 25.07
N ASP A 2350 24.80 -2.76 25.58
CA ASP A 2350 25.06 -3.10 26.98
C ASP A 2350 24.88 -1.91 27.91
N TYR A 2351 23.72 -1.84 28.55
CA TYR A 2351 23.40 -0.76 29.49
C TYR A 2351 23.70 -1.21 30.91
N ASN A 2352 24.91 -1.74 31.15
CA ASN A 2352 25.32 -2.21 32.46
C ASN A 2352 26.19 -1.19 33.21
N VAL A 2353 27.28 -0.76 32.60
CA VAL A 2353 28.17 0.21 33.23
C VAL A 2353 27.60 1.60 33.00
N CYS A 2354 26.73 2.05 33.90
CA CYS A 2354 26.10 3.36 33.82
C CYS A 2354 26.17 4.01 35.19
N PHE A 2355 25.68 5.24 35.26
CA PHE A 2355 25.66 6.02 36.50
C PHE A 2355 27.07 6.23 37.04
N GLU A 2356 28.00 6.54 36.15
CA GLU A 2356 29.41 6.78 36.48
C GLU A 2356 30.05 5.57 37.17
N LYS A 2357 29.73 4.38 36.68
CA LYS A 2357 30.28 3.15 37.24
C LYS A 2357 31.60 2.74 36.61
N GLY A 2358 32.02 3.40 35.52
CA GLY A 2358 33.27 3.07 34.87
C GLY A 2358 34.50 3.68 35.48
N LYS A 2359 34.33 4.56 36.47
CA LYS A 2359 35.47 5.20 37.13
C LYS A 2359 36.05 4.38 38.27
N SER A 2360 35.38 3.30 38.67
CA SER A 2360 35.85 2.44 39.75
C SER A 2360 36.53 1.17 39.25
N LEU A 2361 36.72 1.03 37.94
CA LEU A 2361 37.37 -0.16 37.40
C LEU A 2361 38.88 -0.01 37.50
N ARG A 2362 39.60 -1.05 37.05
CA ARG A 2362 41.05 -1.03 37.10
C ARG A 2362 41.62 0.04 36.17
N VAL A 2363 40.87 0.41 35.14
CA VAL A 2363 41.26 1.42 34.17
C VAL A 2363 40.14 2.44 34.05
N PRO A 2364 40.11 3.45 34.90
CA PRO A 2364 39.04 4.45 34.83
C PRO A 2364 38.99 5.15 33.48
N GLU A 2365 37.77 5.44 33.05
CA GLU A 2365 37.51 6.10 31.77
C GLU A 2365 37.07 7.54 32.04
N LYS A 2366 37.72 8.49 31.36
CA LYS A 2366 37.39 9.90 31.52
C LYS A 2366 36.56 10.47 30.39
N VAL A 2367 36.54 9.82 29.23
CA VAL A 2367 35.76 10.31 28.09
C VAL A 2367 34.27 10.10 28.36
N PRO A 2368 33.43 11.13 28.27
CA PRO A 2368 32.00 10.93 28.53
C PRO A 2368 31.34 9.96 27.57
N PHE A 2369 31.67 10.04 26.28
CA PHE A 2369 31.11 9.15 25.27
C PHE A 2369 32.20 8.78 24.28
N ARG A 2370 31.81 8.07 23.22
CA ARG A 2370 32.76 7.64 22.20
C ARG A 2370 32.78 8.67 21.08
N MET A 2371 33.92 9.31 20.88
CA MET A 2371 34.13 10.32 19.85
C MET A 2371 35.46 10.07 19.15
N THR A 2372 35.66 8.82 18.73
CA THR A 2372 36.89 8.42 18.05
C THR A 2372 36.99 9.08 16.68
N GLN A 2373 38.08 8.75 15.97
CA GLN A 2373 38.34 9.29 14.65
C GLN A 2373 37.26 8.90 13.65
N ASN A 2374 36.85 7.63 13.65
CA ASN A 2374 35.83 7.19 12.70
C ASN A 2374 34.49 7.88 12.94
N ILE A 2375 34.07 7.99 14.20
CA ILE A 2375 32.79 8.64 14.50
C ILE A 2375 32.82 10.10 14.09
N GLU A 2376 33.91 10.81 14.39
CA GLU A 2376 34.01 12.22 14.02
C GLU A 2376 34.05 12.41 12.51
N THR A 2377 34.79 11.53 11.80
CA THR A 2377 34.88 11.64 10.35
C THR A 2377 33.58 11.29 9.64
N ALA A 2378 32.78 10.38 10.20
CA ALA A 2378 31.52 10.02 9.57
C ALA A 2378 30.48 11.12 9.59
N LEU A 2379 30.68 12.20 10.35
CA LEU A 2379 29.72 13.29 10.41
C LEU A 2379 29.86 14.29 9.27
N GLY A 2380 30.97 14.27 8.55
CA GLY A 2380 31.19 15.17 7.44
C GLY A 2380 32.54 15.86 7.52
N VAL A 2381 32.74 16.81 6.60
CA VAL A 2381 33.99 17.55 6.55
C VAL A 2381 34.09 18.54 7.71
N THR A 2382 32.96 19.09 8.16
CA THR A 2382 32.99 20.05 9.26
C THR A 2382 33.49 19.39 10.55
N GLY A 2383 32.99 18.19 10.86
CA GLY A 2383 33.40 17.50 12.06
C GLY A 2383 32.40 17.57 13.18
N VAL A 2384 32.73 18.30 14.25
CA VAL A 2384 31.86 18.44 15.41
C VAL A 2384 31.36 19.88 15.55
N GLU A 2385 31.52 20.71 14.52
CA GLU A 2385 31.08 22.09 14.55
C GLU A 2385 29.88 22.36 13.66
N GLY A 2386 29.31 21.33 13.02
CA GLY A 2386 28.17 21.53 12.16
C GLY A 2386 26.84 21.31 12.84
N VAL A 2387 26.09 20.30 12.38
CA VAL A 2387 24.79 19.99 12.96
C VAL A 2387 24.92 19.24 14.28
N PHE A 2388 26.08 18.65 14.56
CA PHE A 2388 26.28 17.92 15.81
C PHE A 2388 26.13 18.83 17.02
N ARG A 2389 26.83 19.97 17.00
CA ARG A 2389 26.75 20.90 18.12
C ARG A 2389 25.35 21.45 18.29
N LEU A 2390 24.69 21.80 17.18
CA LEU A 2390 23.33 22.34 17.27
C LEU A 2390 22.38 21.29 17.86
N SER A 2391 22.51 20.04 17.42
CA SER A 2391 21.65 18.98 17.93
C SER A 2391 21.89 18.78 19.42
N CYS A 2392 23.16 18.83 19.84
CA CYS A 2392 23.47 18.65 21.26
C CYS A 2392 22.87 19.79 22.07
N GLU A 2393 22.96 21.02 21.56
CA GLU A 2393 22.40 22.16 22.28
C GLU A 2393 20.89 22.02 22.41
N GLN A 2394 20.23 21.58 21.33
CA GLN A 2394 18.78 21.42 21.37
C GLN A 2394 18.39 20.35 22.38
N VAL A 2395 19.14 19.24 22.40
CA VAL A 2395 18.85 18.15 23.34
C VAL A 2395 19.00 18.65 24.76
N LEU A 2396 20.08 19.39 25.05
CA LEU A 2396 20.28 19.91 26.39
C LEU A 2396 19.17 20.88 26.79
N HIS A 2397 18.76 21.73 25.85
CA HIS A 2397 17.70 22.69 26.17
C HIS A 2397 16.40 21.96 26.50
N ILE A 2398 16.06 20.93 25.72
CA ILE A 2398 14.83 20.19 25.98
C ILE A 2398 14.92 19.45 27.31
N MET A 2399 16.06 18.82 27.58
CA MET A 2399 16.22 18.08 28.84
C MET A 2399 16.16 19.01 30.05
N ARG A 2400 16.84 20.16 29.98
CA ARG A 2400 16.82 21.09 31.09
C ARG A 2400 15.45 21.73 31.29
N ARG A 2401 14.72 21.95 30.20
CA ARG A 2401 13.40 22.56 30.33
C ARG A 2401 12.45 21.65 31.10
N GLY A 2402 12.51 20.35 30.85
CA GLY A 2402 11.66 19.40 31.54
C GLY A 2402 12.39 18.45 32.45
N ARG A 2403 13.39 18.98 33.18
CA ARG A 2403 14.17 18.13 34.09
C ARG A 2403 13.35 17.68 35.30
N GLU A 2404 12.22 18.32 35.58
CA GLU A 2404 11.40 17.93 36.73
C GLU A 2404 10.90 16.50 36.58
N THR A 2405 10.46 16.13 35.37
CA THR A 2405 9.97 14.78 35.16
C THR A 2405 11.07 13.75 35.39
N LEU A 2406 12.27 14.01 34.85
CA LEU A 2406 13.37 13.08 35.04
C LEU A 2406 13.75 12.97 36.51
N LEU A 2407 13.77 14.11 37.21
CA LEU A 2407 14.12 14.08 38.63
C LEU A 2407 13.10 13.29 39.43
N THR A 2408 11.81 13.49 39.16
CA THR A 2408 10.79 12.75 39.90
C THR A 2408 10.89 11.26 39.59
N LEU A 2409 11.13 10.92 38.32
CA LEU A 2409 11.26 9.52 37.96
C LEU A 2409 12.42 8.90 38.70
N LEU A 2410 13.57 9.59 38.73
CA LEU A 2410 14.73 9.04 39.43
C LEU A 2410 14.43 8.92 40.92
N GLU A 2411 13.66 9.86 41.48
CA GLU A 2411 13.34 9.78 42.89
C GLU A 2411 12.58 8.49 43.16
N ALA A 2412 11.64 8.16 42.26
CA ALA A 2412 10.88 6.93 42.43
C ALA A 2412 11.79 5.73 42.21
N PHE A 2413 12.80 5.91 41.35
CA PHE A 2413 13.77 4.87 41.04
C PHE A 2413 14.56 4.45 42.27
N VAL A 2414 14.96 5.44 43.08
CA VAL A 2414 15.73 5.16 44.29
C VAL A 2414 14.90 4.34 45.27
N TYR A 2415 13.67 4.76 45.55
CA TYR A 2415 12.80 4.05 46.48
C TYR A 2415 12.05 2.93 45.76
N ASP A 2416 12.80 1.89 45.42
CA ASP A 2416 12.26 0.73 44.71
C ASP A 2416 12.84 -0.51 45.39
N PRO A 2417 12.01 -1.34 46.02
CA PRO A 2417 12.55 -2.54 46.68
C PRO A 2417 13.02 -3.61 45.72
N LEU A 2418 12.63 -3.57 44.45
CA LEU A 2418 13.04 -4.55 43.46
C LEU A 2418 14.31 -4.16 42.72
N VAL A 2419 14.90 -3.00 43.04
CA VAL A 2419 16.12 -2.53 42.40
C VAL A 2419 17.28 -2.69 43.37
N ASP A 2420 18.35 -3.33 42.91
CA ASP A 2420 19.55 -3.58 43.71
C ASP A 2420 20.72 -2.84 43.06
N TRP A 2421 21.02 -1.65 43.59
CA TRP A 2421 22.13 -0.86 43.04
C TRP A 2421 23.47 -1.51 43.35
N THR A 2422 23.59 -2.17 44.50
CA THR A 2422 24.84 -2.82 44.87
C THR A 2422 25.06 -4.07 44.04
N ALA A 2423 25.79 -3.96 42.94
CA ALA A 2423 26.06 -5.10 42.07
C ALA A 2423 27.38 -4.91 41.34
N SER A 3603 23.45 4.12 50.57
CA SER A 3603 23.40 5.54 50.22
C SER A 3603 23.91 5.74 48.80
N TYR A 3604 24.19 4.65 48.09
CA TYR A 3604 24.68 4.75 46.72
C TYR A 3604 23.63 5.38 45.80
N ALA A 3605 22.37 5.00 45.99
CA ALA A 3605 21.30 5.55 45.16
C ALA A 3605 21.19 7.05 45.35
N VAL A 3606 21.34 7.53 46.59
CA VAL A 3606 21.26 8.95 46.86
C VAL A 3606 22.37 9.68 46.12
N SER A 3607 23.58 9.13 46.16
CA SER A 3607 24.71 9.76 45.47
C SER A 3607 24.46 9.80 43.97
N VAL A 3608 23.93 8.72 43.41
CA VAL A 3608 23.67 8.68 41.97
C VAL A 3608 22.63 9.73 41.61
N TRP A 3609 21.57 9.84 42.41
CA TRP A 3609 20.52 10.82 42.15
C TRP A 3609 21.09 12.23 42.22
N LYS A 3610 21.94 12.49 43.22
CA LYS A 3610 22.52 13.81 43.36
C LYS A 3610 23.41 14.14 42.16
N ARG A 3611 24.18 13.16 41.70
CA ARG A 3611 25.05 13.40 40.54
C ARG A 3611 24.23 13.72 39.30
N VAL A 3612 23.15 12.96 39.08
CA VAL A 3612 22.31 13.20 37.91
C VAL A 3612 21.66 14.57 38.01
N LYS A 3613 21.18 14.94 39.20
CA LYS A 3613 20.55 16.24 39.39
C LYS A 3613 21.55 17.36 39.12
N ALA A 3614 22.79 17.20 39.59
CA ALA A 3614 23.80 18.22 39.38
C ALA A 3614 24.12 18.36 37.89
N LYS A 3615 24.19 17.22 37.19
CA LYS A 3615 24.48 17.27 35.75
C LYS A 3615 23.36 17.96 35.00
N LEU A 3616 22.11 17.69 35.37
CA LEU A 3616 20.98 18.32 34.68
C LEU A 3616 20.88 19.80 35.01
N GLU A 3617 21.20 20.18 36.25
CA GLU A 3617 21.13 21.58 36.65
C GLU A 3617 22.22 22.44 36.02
N GLY A 3618 23.20 21.83 35.37
CA GLY A 3618 24.29 22.55 34.75
C GLY A 3618 25.54 22.67 35.58
N ARG A 3619 25.47 22.32 36.88
CA ARG A 3619 26.63 22.39 37.75
C ARG A 3619 27.32 21.04 37.82
N ASP A 3620 27.76 20.56 36.65
CA ASP A 3620 28.44 19.28 36.55
C ASP A 3620 29.73 19.30 37.37
N VAL A 3621 30.69 20.13 36.97
CA VAL A 3621 31.97 20.26 37.66
C VAL A 3621 32.21 21.76 37.90
N ASP A 3622 31.73 22.26 39.04
CA ASP A 3622 31.87 23.66 39.41
C ASP A 3622 31.37 23.85 40.84
N PRO A 3623 32.01 24.72 41.63
CA PRO A 3623 31.55 24.93 43.02
C PRO A 3623 30.17 25.55 43.09
N ASN A 3624 29.99 26.71 42.45
CA ASN A 3624 28.71 27.40 42.45
C ASN A 3624 28.30 28.00 41.11
N ARG A 3625 29.20 28.13 40.14
CA ARG A 3625 28.84 28.69 38.86
C ARG A 3625 28.15 27.65 37.99
N ARG A 3626 27.07 28.06 37.34
CA ARG A 3626 26.30 27.17 36.47
C ARG A 3626 26.69 27.43 35.02
N MET A 3627 27.12 26.38 34.33
CA MET A 3627 27.53 26.49 32.94
C MET A 3627 26.31 26.51 32.03
N SER A 3628 26.41 27.27 30.95
CA SER A 3628 25.34 27.38 29.98
C SER A 3628 25.32 26.15 29.07
N VAL A 3629 24.34 26.10 28.17
CA VAL A 3629 24.24 24.97 27.26
C VAL A 3629 25.43 24.93 26.31
N ALA A 3630 25.77 26.07 25.72
CA ALA A 3630 26.89 26.13 24.79
C ALA A 3630 28.19 25.77 25.50
N GLU A 3631 28.42 26.33 26.69
CA GLU A 3631 29.65 26.04 27.43
C GLU A 3631 29.71 24.57 27.82
N GLN A 3632 28.59 24.00 28.27
CA GLN A 3632 28.57 22.60 28.65
C GLN A 3632 28.89 21.70 27.46
N VAL A 3633 28.27 21.98 26.31
CA VAL A 3633 28.51 21.17 25.12
C VAL A 3633 29.97 21.28 24.69
N ASP A 3634 30.52 22.50 24.71
CA ASP A 3634 31.90 22.69 24.31
C ASP A 3634 32.86 21.95 25.24
N TYR A 3635 32.62 22.05 26.56
CA TYR A 3635 33.50 21.36 27.51
C TYR A 3635 33.41 19.85 27.35
N VAL A 3636 32.20 19.32 27.18
CA VAL A 3636 32.03 17.88 27.03
C VAL A 3636 32.71 17.40 25.75
N ILE A 3637 32.56 18.15 24.65
CA ILE A 3637 33.18 17.75 23.39
C ILE A 3637 34.70 17.80 23.51
N LYS A 3638 35.23 18.85 24.13
CA LYS A 3638 36.69 18.96 24.28
C LYS A 3638 37.24 17.84 25.15
N GLU A 3639 36.54 17.50 26.24
CA GLU A 3639 37.01 16.44 27.12
C GLU A 3639 36.88 15.06 26.49
N ALA A 3640 36.03 14.90 25.49
CA ALA A 3640 35.84 13.61 24.84
C ALA A 3640 36.67 13.46 23.56
N THR A 3641 37.44 14.49 23.19
CA THR A 3641 38.27 14.42 21.99
C THR A 3641 39.75 14.71 22.23
N ASN A 3642 40.13 15.17 23.41
CA ASN A 3642 41.53 15.48 23.66
C ASN A 3642 42.37 14.20 23.69
N LEU A 3643 43.61 14.31 23.20
CA LEU A 3643 44.49 13.16 23.18
C LEU A 3643 45.02 12.78 24.55
N ASP A 3644 44.93 13.68 25.52
CA ASP A 3644 45.41 13.38 26.87
C ASP A 3644 44.54 12.34 27.58
N ASN A 3645 43.32 12.12 27.11
CA ASN A 3645 42.43 11.15 27.72
C ASN A 3645 42.21 9.90 26.88
N LEU A 3646 42.45 9.96 25.57
CA LEU A 3646 42.27 8.79 24.73
C LEU A 3646 43.42 7.79 24.87
N ALA A 3647 44.61 8.25 25.22
CA ALA A 3647 45.75 7.35 25.38
C ALA A 3647 45.65 6.51 26.64
N GLN A 3648 45.28 7.12 27.76
CA GLN A 3648 45.15 6.40 29.04
C GLN A 3648 43.77 5.76 29.15
N LEU A 3649 43.60 4.67 28.41
CA LEU A 3649 42.34 3.94 28.41
C LEU A 3649 42.62 2.47 28.13
N TYR A 3650 41.59 1.65 28.34
CA TYR A 3650 41.70 0.21 28.13
C TYR A 3650 42.00 -0.08 26.66
N GLU A 3651 42.80 -1.13 26.43
CA GLU A 3651 43.16 -1.51 25.08
C GLU A 3651 41.94 -1.93 24.26
N GLY A 3652 41.02 -2.66 24.89
CA GLY A 3652 39.82 -3.12 24.20
C GLY A 3652 38.85 -2.03 23.81
N TRP A 3653 38.98 -0.82 24.37
CA TRP A 3653 38.05 0.24 24.01
C TRP A 3653 38.28 0.73 22.59
N THR A 3654 39.43 0.41 22.00
CA THR A 3654 39.80 0.81 20.64
C THR A 3654 39.76 2.32 20.47
N ALA A 3655 40.69 2.99 21.16
CA ALA A 3655 40.78 4.44 21.10
C ALA A 3655 41.39 4.94 19.80
N TRP A 3656 42.01 4.07 19.01
CA TRP A 3656 42.63 4.48 17.75
C TRP A 3656 41.71 4.30 16.55
N VAL A 3657 40.55 3.68 16.72
CA VAL A 3657 39.62 3.48 15.61
C VAL A 3657 38.17 3.73 16.05
N LYS B 170 27.81 7.82 -33.43
CA LYS B 170 28.85 6.92 -33.90
C LYS B 170 28.67 5.52 -33.33
N LEU B 171 27.48 5.29 -32.75
CA LEU B 171 27.16 3.98 -32.16
C LEU B 171 25.74 3.55 -32.51
N LEU B 172 25.25 3.98 -33.68
CA LEU B 172 23.90 3.61 -34.10
C LEU B 172 23.82 2.12 -34.42
N PRO B 173 22.64 1.52 -34.23
CA PRO B 173 22.49 0.09 -34.51
C PRO B 173 22.59 -0.18 -36.01
N PRO B 174 22.88 -1.42 -36.41
CA PRO B 174 22.98 -1.73 -37.85
C PRO B 174 21.67 -1.50 -38.60
N GLU B 175 20.61 -2.17 -38.18
CA GLU B 175 19.30 -2.03 -38.83
C GLU B 175 18.26 -2.73 -37.98
N ARG B 176 17.00 -2.39 -38.22
CA ARG B 176 15.87 -2.96 -37.50
C ARG B 176 15.03 -3.78 -38.46
N MET B 177 14.75 -5.02 -38.11
CA MET B 177 13.95 -5.90 -38.95
C MET B 177 12.47 -5.55 -38.82
N LYS B 178 11.80 -5.41 -39.96
CA LYS B 178 10.38 -5.08 -40.00
C LYS B 178 9.49 -6.28 -40.28
N HIS B 179 10.00 -7.30 -40.96
CA HIS B 179 9.22 -8.49 -41.28
C HIS B 179 10.15 -9.69 -41.28
N SER B 180 9.57 -10.86 -41.04
CA SER B 180 10.35 -12.09 -41.00
C SER B 180 10.85 -12.46 -42.39
N ILE B 181 11.93 -13.24 -42.41
CA ILE B 181 12.56 -13.69 -43.65
C ILE B 181 12.51 -15.22 -43.66
N LYS B 182 12.70 -15.79 -44.85
CA LYS B 182 12.68 -17.24 -45.02
C LYS B 182 14.10 -17.79 -44.87
N LEU B 183 14.36 -18.47 -43.76
CA LEU B 183 15.69 -19.03 -43.53
C LEU B 183 15.92 -20.31 -44.32
N VAL B 184 14.89 -21.13 -44.48
CA VAL B 184 14.99 -22.39 -45.22
C VAL B 184 13.96 -22.36 -46.33
N ASP B 185 14.39 -22.66 -47.55
CA ASP B 185 13.49 -22.68 -48.69
C ASP B 185 12.50 -23.84 -48.59
N ASP B 186 11.40 -23.72 -49.35
CA ASP B 186 10.37 -24.75 -49.35
C ASP B 186 10.88 -26.08 -49.89
N GLN B 187 11.95 -26.06 -50.69
CA GLN B 187 12.53 -27.28 -51.25
C GLN B 187 13.72 -27.79 -50.45
N MET B 188 13.74 -27.51 -49.15
CA MET B 188 14.82 -27.92 -48.26
C MET B 188 16.18 -27.40 -48.75
N ASN B 189 16.26 -26.08 -48.87
CA ASN B 189 17.47 -25.41 -49.33
C ASN B 189 17.78 -24.24 -48.41
N TRP B 190 19.05 -24.09 -48.06
CA TRP B 190 19.47 -23.00 -47.19
C TRP B 190 19.36 -21.65 -47.90
N CYS B 191 18.99 -20.63 -47.14
CA CYS B 191 18.83 -19.27 -47.65
C CYS B 191 19.67 -18.34 -46.78
N ASP B 192 20.85 -17.97 -47.28
CA ASP B 192 21.77 -17.09 -46.56
C ASP B 192 21.43 -15.65 -46.92
N SER B 193 20.52 -15.05 -46.16
CA SER B 193 20.11 -13.67 -46.40
C SER B 193 19.94 -12.88 -45.11
N ALA B 194 20.35 -13.44 -43.97
CA ALA B 194 20.24 -12.78 -42.68
C ALA B 194 21.57 -12.31 -42.12
N ILE B 195 22.64 -12.40 -42.90
CA ILE B 195 23.96 -11.97 -42.42
C ILE B 195 23.97 -10.46 -42.16
N GLU B 196 23.28 -9.70 -43.01
CA GLU B 196 23.23 -8.26 -42.83
C GLU B 196 22.56 -7.83 -41.53
N TYR B 197 21.80 -8.72 -40.90
CA TYR B 197 21.11 -8.42 -39.65
C TYR B 197 21.79 -9.04 -38.44
N LEU B 198 23.01 -9.54 -38.59
CA LEU B 198 23.76 -10.16 -37.51
C LEU B 198 25.03 -9.37 -37.22
N LEU B 199 25.46 -9.40 -35.96
CA LEU B 199 26.65 -8.71 -35.51
C LEU B 199 27.65 -9.73 -34.95
N ASP B 200 28.73 -9.22 -34.37
CA ASP B 200 29.78 -10.04 -33.79
C ASP B 200 29.63 -10.21 -32.28
N GLN B 201 28.40 -10.15 -31.79
CA GLN B 201 28.11 -10.29 -30.37
C GLN B 201 27.88 -11.77 -30.01
N THR B 202 28.18 -12.10 -28.76
CA THR B 202 28.02 -13.44 -28.22
C THR B 202 26.84 -13.49 -27.28
N ASP B 203 26.61 -14.67 -26.70
CA ASP B 203 25.51 -14.91 -25.76
C ASP B 203 24.15 -14.59 -26.39
N VAL B 204 23.81 -15.33 -27.44
CA VAL B 204 22.55 -15.16 -28.15
C VAL B 204 21.58 -16.24 -27.70
N LEU B 205 20.28 -15.97 -27.86
CA LEU B 205 19.23 -16.91 -27.48
C LEU B 205 18.49 -17.37 -28.74
N VAL B 206 18.23 -18.68 -28.82
CA VAL B 206 17.54 -19.27 -29.95
C VAL B 206 16.28 -19.97 -29.46
N VAL B 207 15.16 -19.68 -30.12
CA VAL B 207 13.86 -20.25 -29.79
C VAL B 207 13.33 -21.02 -30.99
N GLY B 208 12.88 -22.26 -30.74
CA GLY B 208 12.34 -23.13 -31.76
C GLY B 208 10.90 -23.47 -31.40
N VAL B 209 10.06 -23.83 -32.36
CA VAL B 209 8.67 -24.16 -32.09
C VAL B 209 8.27 -25.42 -32.83
N LEU B 210 7.54 -26.30 -32.14
CA LEU B 210 7.05 -27.55 -32.69
C LEU B 210 5.57 -27.66 -32.36
N GLY B 211 4.80 -28.26 -33.26
CA GLY B 211 3.38 -28.40 -33.01
C GLY B 211 2.68 -29.05 -34.18
N LEU B 212 1.35 -29.01 -34.12
CA LEU B 212 0.49 -29.58 -35.15
C LEU B 212 0.24 -28.56 -36.26
N GLN B 213 -0.70 -28.88 -37.15
CA GLN B 213 -1.04 -28.00 -38.26
C GLN B 213 -1.65 -26.68 -37.80
N GLY B 214 -2.80 -26.74 -37.14
CA GLY B 214 -3.45 -25.53 -36.66
C GLY B 214 -3.26 -25.17 -35.20
N THR B 215 -2.04 -25.33 -34.68
CA THR B 215 -1.79 -24.99 -33.28
C THR B 215 -1.70 -23.49 -33.06
N GLY B 216 -1.11 -22.75 -34.00
CA GLY B 216 -0.99 -21.31 -33.86
C GLY B 216 0.42 -20.86 -33.54
N LYS B 217 1.41 -21.52 -34.16
CA LYS B 217 2.81 -21.17 -33.92
C LYS B 217 3.13 -19.76 -34.39
N SER B 218 2.63 -19.37 -35.57
CA SER B 218 2.89 -18.04 -36.09
C SER B 218 2.33 -16.95 -35.17
N MET B 219 1.11 -17.13 -34.69
CA MET B 219 0.50 -16.12 -33.82
C MET B 219 1.27 -15.97 -32.51
N VAL B 220 1.62 -17.09 -31.85
CA VAL B 220 2.34 -17.00 -30.60
C VAL B 220 3.74 -16.39 -30.82
N MET B 221 4.44 -16.81 -31.88
CA MET B 221 5.76 -16.24 -32.12
C MET B 221 5.68 -14.75 -32.41
N SER B 222 4.66 -14.32 -33.17
CA SER B 222 4.54 -12.90 -33.46
C SER B 222 4.26 -12.13 -32.19
N LEU B 223 3.37 -12.65 -31.34
CA LEU B 223 3.05 -11.97 -30.09
C LEU B 223 4.23 -11.94 -29.13
N LEU B 224 5.09 -12.95 -29.17
CA LEU B 224 6.24 -13.01 -28.28
C LEU B 224 7.46 -12.27 -28.80
N SER B 225 7.53 -11.99 -30.11
CA SER B 225 8.69 -11.29 -30.63
C SER B 225 8.53 -9.78 -30.75
N ALA B 226 7.62 -9.32 -31.62
CA ALA B 226 7.43 -7.88 -31.78
C ALA B 226 5.96 -7.53 -32.02
N ASN B 227 5.05 -8.14 -31.27
CA ASN B 227 3.64 -7.83 -31.47
C ASN B 227 2.89 -7.92 -30.14
N THR B 228 1.74 -7.29 -30.11
CA THR B 228 0.85 -7.24 -28.95
C THR B 228 -0.55 -7.63 -29.40
N PRO B 229 -1.39 -8.12 -28.48
CA PRO B 229 -2.76 -8.51 -28.86
C PRO B 229 -3.58 -7.36 -29.42
N GLU B 230 -3.25 -6.11 -29.08
CA GLU B 230 -4.00 -4.97 -29.57
C GLU B 230 -3.80 -4.72 -31.07
N GLU B 231 -2.83 -5.39 -31.69
CA GLU B 231 -2.57 -5.21 -33.12
C GLU B 231 -3.51 -6.10 -33.92
N ASP B 232 -3.31 -6.13 -35.23
CA ASP B 232 -4.12 -6.93 -36.14
C ASP B 232 -3.27 -8.04 -36.75
N GLN B 233 -3.94 -9.11 -37.17
CA GLN B 233 -3.23 -10.24 -37.78
C GLN B 233 -2.56 -9.87 -39.10
N ARG B 234 -3.00 -8.78 -39.74
CA ARG B 234 -2.39 -8.38 -41.00
C ARG B 234 -1.02 -7.74 -40.82
N THR B 235 -0.80 -7.04 -39.70
CA THR B 235 0.47 -6.39 -39.43
C THR B 235 1.41 -7.26 -38.59
N TYR B 236 1.05 -8.51 -38.33
CA TYR B 236 1.90 -9.39 -37.54
C TYR B 236 3.20 -9.70 -38.28
N VAL B 237 4.26 -9.93 -37.51
CA VAL B 237 5.56 -10.23 -38.10
C VAL B 237 5.48 -11.51 -38.91
N PHE B 238 4.83 -12.53 -38.37
CA PHE B 238 4.67 -13.82 -39.03
C PHE B 238 3.26 -13.87 -39.61
N ARG B 239 3.16 -14.13 -40.91
CA ARG B 239 1.86 -14.19 -41.55
C ARG B 239 1.05 -15.37 -41.00
N ALA B 240 -0.18 -15.09 -40.58
CA ALA B 240 -1.07 -16.10 -40.03
C ALA B 240 -2.07 -16.56 -41.10
N GLN B 241 -2.91 -17.52 -40.72
CA GLN B 241 -3.90 -18.05 -41.63
C GLN B 241 -5.00 -17.03 -41.88
N SER B 242 -5.51 -17.00 -43.10
CA SER B 242 -6.57 -16.09 -43.49
C SER B 242 -7.92 -16.79 -43.44
N ALA B 243 -8.98 -16.00 -43.58
CA ALA B 243 -10.34 -16.56 -43.55
C ALA B 243 -10.57 -17.52 -44.71
N GLU B 244 -10.05 -17.20 -45.89
CA GLU B 244 -10.22 -18.06 -47.05
C GLU B 244 -9.39 -19.33 -46.98
N MET B 245 -8.40 -19.42 -46.08
CA MET B 245 -7.59 -20.61 -45.98
C MET B 245 -8.13 -21.63 -44.99
N LYS B 246 -8.87 -21.21 -43.97
CA LYS B 246 -9.41 -22.17 -43.00
C LYS B 246 -10.42 -23.10 -43.65
N GLU B 247 -11.25 -22.57 -44.56
CA GLU B 247 -12.25 -23.39 -45.23
C GLU B 247 -11.62 -24.52 -46.03
N ARG B 248 -10.51 -24.25 -46.72
CA ARG B 248 -9.82 -25.24 -47.51
C ARG B 248 -8.97 -26.19 -46.69
N GLY B 249 -8.72 -25.85 -45.42
CA GLY B 249 -7.91 -26.71 -44.57
C GLY B 249 -6.47 -26.87 -45.04
N GLY B 250 -5.83 -25.78 -45.44
CA GLY B 250 -4.46 -25.82 -45.91
C GLY B 250 -3.53 -25.06 -45.00
N ASN B 251 -2.28 -25.51 -44.93
CA ASN B 251 -1.30 -24.87 -44.08
C ASN B 251 -0.90 -23.50 -44.64
N GLN B 252 -0.35 -22.66 -43.77
CA GLN B 252 0.07 -21.32 -44.15
C GLN B 252 1.58 -21.16 -44.14
N THR B 253 2.24 -21.46 -43.01
CA THR B 253 3.68 -21.33 -42.92
C THR B 253 4.36 -22.57 -43.48
N SER B 254 5.32 -22.36 -44.39
CA SER B 254 6.07 -23.42 -45.03
C SER B 254 7.55 -23.17 -44.83
N GLY B 255 8.30 -24.25 -44.59
CA GLY B 255 9.73 -24.11 -44.39
C GLY B 255 10.04 -23.61 -42.98
N ILE B 256 11.14 -22.86 -42.88
CA ILE B 256 11.60 -22.29 -41.62
C ILE B 256 11.76 -20.79 -41.78
N ASP B 257 11.22 -20.03 -40.84
CA ASP B 257 11.29 -18.58 -40.87
C ASP B 257 12.40 -18.10 -39.93
N PHE B 258 12.66 -16.80 -39.97
CA PHE B 258 13.69 -16.20 -39.14
C PHE B 258 13.33 -14.74 -38.86
N PHE B 259 13.66 -14.28 -37.66
CA PHE B 259 13.38 -12.92 -37.23
C PHE B 259 14.13 -12.66 -35.94
N ILE B 260 14.77 -11.49 -35.86
CA ILE B 260 15.54 -11.10 -34.68
C ILE B 260 14.94 -9.80 -34.14
N THR B 261 14.71 -9.76 -32.83
CA THR B 261 14.15 -8.59 -32.19
C THR B 261 15.26 -7.59 -31.85
N GLN B 262 14.87 -6.48 -31.23
CA GLN B 262 15.83 -5.45 -30.86
C GLN B 262 16.71 -5.89 -29.71
N GLU B 263 16.22 -6.83 -28.90
CA GLU B 263 16.97 -7.34 -27.75
C GLU B 263 17.97 -8.43 -28.12
N ARG B 264 18.31 -8.55 -29.40
CA ARG B 264 19.27 -9.56 -29.89
C ARG B 264 18.80 -10.98 -29.56
N ILE B 265 17.51 -11.24 -29.81
CA ILE B 265 16.90 -12.54 -29.57
C ILE B 265 16.48 -13.10 -30.91
N VAL B 266 16.98 -14.27 -31.25
CA VAL B 266 16.66 -14.93 -32.52
C VAL B 266 15.43 -15.82 -32.35
N PHE B 267 14.46 -15.64 -33.23
CA PHE B 267 13.22 -16.40 -33.21
C PHE B 267 13.17 -17.24 -34.49
N LEU B 268 12.84 -18.52 -34.35
CA LEU B 268 12.76 -19.43 -35.48
C LEU B 268 11.41 -20.13 -35.51
N ASP B 269 10.75 -20.08 -36.66
CA ASP B 269 9.45 -20.71 -36.84
C ASP B 269 9.63 -22.09 -37.46
N THR B 270 8.53 -22.82 -37.61
CA THR B 270 8.60 -24.15 -38.19
C THR B 270 7.28 -24.49 -38.86
N GLN B 271 7.36 -25.16 -40.01
CA GLN B 271 6.18 -25.55 -40.75
C GLN B 271 5.50 -26.74 -40.07
N PRO B 272 4.21 -26.95 -40.34
CA PRO B 272 3.50 -28.07 -39.72
C PRO B 272 4.14 -29.41 -40.06
N ILE B 273 4.08 -30.32 -39.10
CA ILE B 273 4.63 -31.66 -39.24
C ILE B 273 3.50 -32.66 -39.40
N LEU B 274 3.64 -33.57 -40.36
CA LEU B 274 2.63 -34.60 -40.64
C LEU B 274 1.27 -33.96 -40.96
N SER B 275 1.31 -32.82 -41.61
CA SER B 275 0.08 -32.12 -41.98
C SER B 275 -0.48 -32.68 -43.28
N PRO B 276 -1.79 -32.95 -43.35
CA PRO B 276 -2.36 -33.49 -44.59
C PRO B 276 -2.21 -32.57 -45.79
N SER B 277 -2.05 -31.26 -45.57
CA SER B 277 -1.89 -30.33 -46.68
C SER B 277 -0.63 -30.64 -47.48
N ILE B 278 0.47 -30.94 -46.78
CA ILE B 278 1.73 -31.25 -47.47
C ILE B 278 1.56 -32.50 -48.31
N LEU B 279 0.90 -33.52 -47.75
CA LEU B 279 0.69 -34.77 -48.49
C LEU B 279 -0.16 -34.53 -49.72
N ASP B 280 -1.24 -33.74 -49.57
CA ASP B 280 -2.11 -33.46 -50.70
C ASP B 280 -1.37 -32.71 -51.79
N HIS B 281 -0.54 -31.74 -51.41
CA HIS B 281 0.21 -30.97 -52.41
C HIS B 281 1.30 -31.83 -53.06
N LEU B 282 1.81 -32.83 -52.33
CA LEU B 282 2.85 -33.69 -52.87
C LEU B 282 2.29 -34.83 -53.72
N ILE B 283 0.98 -35.10 -53.61
CA ILE B 283 0.39 -36.19 -54.40
C ILE B 283 0.51 -35.88 -55.89
N ASN B 284 0.15 -34.67 -56.28
CA ASN B 284 0.21 -34.26 -57.68
C ASN B 284 1.56 -33.60 -58.00
N ASN B 285 2.62 -34.36 -57.74
CA ASN B 285 3.97 -33.89 -57.98
C ASN B 285 4.92 -35.04 -58.24
N TYR B 293 11.20 -42.03 -51.53
CA TYR B 293 11.12 -42.38 -52.93
C TYR B 293 10.02 -43.41 -53.18
N ASN B 294 9.67 -44.16 -52.15
CA ASN B 294 8.63 -45.17 -52.27
C ASN B 294 7.23 -44.55 -52.15
N LEU B 295 6.95 -43.90 -51.03
CA LEU B 295 5.67 -43.27 -50.79
C LEU B 295 5.86 -41.87 -50.21
N PRO B 296 4.97 -40.93 -50.51
CA PRO B 296 5.12 -39.58 -49.97
C PRO B 296 5.03 -39.51 -48.45
N HIS B 297 4.35 -40.47 -47.82
CA HIS B 297 4.23 -40.46 -46.36
C HIS B 297 5.61 -40.56 -45.71
N THR B 298 6.45 -41.45 -46.23
CA THR B 298 7.79 -41.61 -45.68
C THR B 298 8.58 -40.33 -45.84
N TYR B 299 8.44 -39.67 -47.00
CA TYR B 299 9.16 -38.43 -47.24
C TYR B 299 8.72 -37.35 -46.25
N VAL B 300 7.41 -37.25 -46.00
CA VAL B 300 6.91 -36.24 -45.07
C VAL B 300 7.42 -36.53 -43.67
N GLU B 301 7.38 -37.81 -43.27
CA GLU B 301 7.85 -38.17 -41.93
C GLU B 301 9.33 -37.87 -41.79
N MET B 302 10.13 -38.16 -42.82
CA MET B 302 11.55 -37.89 -42.75
C MET B 302 11.82 -36.39 -42.67
N GLN B 303 11.05 -35.60 -43.42
CA GLN B 303 11.24 -34.15 -43.39
C GLN B 303 10.95 -33.63 -41.98
N SER B 304 9.85 -34.11 -41.39
CA SER B 304 9.50 -33.66 -40.04
C SER B 304 10.58 -34.08 -39.04
N LEU B 305 11.10 -35.30 -39.18
CA LEU B 305 12.14 -35.78 -38.26
C LEU B 305 13.40 -34.95 -38.40
N GLN B 306 13.77 -34.62 -39.64
CA GLN B 306 14.97 -33.81 -39.88
C GLN B 306 14.81 -32.42 -39.27
N ILE B 307 13.65 -31.79 -39.46
CA ILE B 307 13.44 -30.46 -38.89
C ILE B 307 13.47 -30.54 -37.38
N ALA B 308 12.90 -31.60 -36.81
CA ALA B 308 12.89 -31.74 -35.36
C ALA B 308 14.31 -31.85 -34.83
N ALA B 309 15.15 -32.65 -35.51
CA ALA B 309 16.53 -32.80 -35.07
C ALA B 309 17.26 -31.48 -35.16
N PHE B 310 17.04 -30.74 -36.27
CA PHE B 310 17.71 -29.45 -36.43
C PHE B 310 17.30 -28.50 -35.32
N LEU B 311 16.02 -28.51 -34.96
CA LEU B 311 15.54 -27.63 -33.90
C LEU B 311 16.05 -28.08 -32.55
N PHE B 312 16.36 -29.36 -32.39
CA PHE B 312 16.85 -29.90 -31.14
C PHE B 312 18.38 -29.86 -31.03
N THR B 313 19.07 -29.40 -32.07
CA THR B 313 20.52 -29.34 -32.00
C THR B 313 21.11 -27.94 -32.02
N VAL B 314 20.38 -26.92 -32.47
CA VAL B 314 20.94 -25.57 -32.49
C VAL B 314 19.99 -24.55 -31.87
N CYS B 315 19.06 -25.01 -31.04
CA CYS B 315 18.11 -24.10 -30.41
C CYS B 315 18.25 -24.17 -28.89
N HIS B 316 18.30 -23.00 -28.25
CA HIS B 316 18.43 -22.94 -26.81
C HIS B 316 17.17 -23.39 -26.10
N VAL B 317 16.00 -22.97 -26.58
CA VAL B 317 14.74 -23.36 -25.96
C VAL B 317 13.73 -23.71 -27.06
N VAL B 318 13.04 -24.83 -26.88
CA VAL B 318 12.04 -25.30 -27.84
C VAL B 318 10.68 -25.32 -27.15
N ILE B 319 9.68 -24.73 -27.80
CA ILE B 319 8.32 -24.67 -27.27
C ILE B 319 7.42 -25.58 -28.10
N VAL B 320 6.68 -26.44 -27.42
CA VAL B 320 5.77 -27.38 -28.06
C VAL B 320 4.35 -26.88 -27.83
N VAL B 321 3.61 -26.65 -28.91
CA VAL B 321 2.25 -26.16 -28.86
C VAL B 321 1.30 -27.26 -29.32
N GLN B 322 0.22 -27.47 -28.57
CA GLN B 322 -0.77 -28.49 -28.88
C GLN B 322 -2.16 -27.88 -28.78
N ASP B 323 -2.96 -28.05 -29.83
CA ASP B 323 -4.32 -27.50 -29.81
C ASP B 323 -5.18 -28.21 -28.78
N TRP B 324 -5.04 -29.53 -28.69
CA TRP B 324 -5.81 -30.33 -27.75
C TRP B 324 -4.84 -31.15 -26.90
N PHE B 325 -5.31 -31.73 -25.80
CA PHE B 325 -4.46 -32.52 -24.92
C PHE B 325 -4.68 -34.01 -25.17
N THR B 326 -3.76 -34.81 -24.63
CA THR B 326 -3.79 -36.27 -24.75
C THR B 326 -3.68 -36.71 -26.21
N ASP B 327 -2.63 -36.20 -26.87
CA ASP B 327 -2.41 -36.53 -28.28
C ASP B 327 -1.86 -37.94 -28.42
N LEU B 328 -0.98 -38.37 -27.50
CA LEU B 328 -0.35 -39.69 -27.49
C LEU B 328 0.46 -40.00 -28.74
N SER B 329 0.78 -39.00 -29.57
CA SER B 329 1.56 -39.28 -30.76
C SER B 329 2.77 -38.36 -30.87
N LEU B 330 2.65 -37.14 -30.35
CA LEU B 330 3.77 -36.21 -30.41
C LEU B 330 4.91 -36.61 -29.47
N TYR B 331 4.58 -37.17 -28.30
CA TYR B 331 5.62 -37.58 -27.37
C TYR B 331 6.50 -38.66 -27.98
N ARG B 332 5.89 -39.66 -28.63
CA ARG B 332 6.67 -40.73 -29.24
C ARG B 332 7.54 -40.15 -30.36
N PHE B 333 6.99 -39.21 -31.13
CA PHE B 333 7.75 -38.60 -32.21
C PHE B 333 8.96 -37.87 -31.67
N LEU B 334 8.78 -37.15 -30.55
CA LEU B 334 9.90 -36.42 -29.96
C LEU B 334 10.96 -37.39 -29.44
N GLN B 335 10.53 -38.48 -28.80
CA GLN B 335 11.48 -39.45 -28.29
C GLN B 335 12.29 -40.06 -29.43
N THR B 336 11.63 -40.37 -30.55
CA THR B 336 12.33 -40.95 -31.68
C THR B 336 13.25 -39.94 -32.34
N ALA B 337 12.85 -38.67 -32.38
CA ALA B 337 13.67 -37.64 -32.98
C ALA B 337 14.93 -37.37 -32.18
N GLU B 338 14.81 -37.42 -30.83
CA GLU B 338 15.99 -37.18 -30.00
C GLU B 338 17.04 -38.28 -30.13
N MET B 339 16.68 -39.43 -30.67
CA MET B 339 17.60 -40.55 -30.84
C MET B 339 18.25 -40.59 -32.21
N VAL B 340 17.85 -39.71 -33.13
CA VAL B 340 18.42 -39.67 -34.46
C VAL B 340 19.24 -38.41 -34.69
N LYS B 341 19.70 -37.78 -33.59
CA LYS B 341 20.49 -36.57 -33.71
C LYS B 341 21.85 -36.90 -34.32
N PRO B 342 22.48 -35.93 -35.01
CA PRO B 342 23.79 -36.19 -35.61
C PRO B 342 24.86 -36.65 -34.64
N SER B 343 25.13 -35.86 -33.60
CA SER B 343 26.13 -36.22 -32.61
C SER B 343 25.52 -36.30 -31.22
N THR B 361 29.65 -35.06 -22.84
CA THR B 361 29.78 -33.75 -23.46
C THR B 361 28.63 -33.47 -24.41
N GLU B 362 27.57 -34.29 -24.31
CA GLU B 362 26.40 -34.13 -25.16
C GLU B 362 25.51 -33.05 -24.56
N TYR B 363 24.76 -32.37 -25.42
CA TYR B 363 23.87 -31.29 -25.00
C TYR B 363 22.42 -31.53 -25.41
N TYR B 364 21.50 -31.32 -24.46
CA TYR B 364 20.06 -31.49 -24.68
C TYR B 364 19.38 -30.14 -24.52
N PRO B 365 18.66 -29.65 -25.52
CA PRO B 365 18.00 -28.35 -25.40
C PRO B 365 16.77 -28.44 -24.50
N HIS B 366 16.43 -27.30 -23.92
CA HIS B 366 15.28 -27.22 -23.03
C HIS B 366 13.98 -27.33 -23.83
N LEU B 367 12.91 -27.70 -23.13
CA LEU B 367 11.60 -27.85 -23.75
C LEU B 367 10.54 -27.13 -22.92
N VAL B 368 9.49 -26.68 -23.60
CA VAL B 368 8.38 -25.97 -22.99
C VAL B 368 7.08 -26.53 -23.54
N PHE B 369 6.17 -26.90 -22.66
CA PHE B 369 4.88 -27.46 -23.05
C PHE B 369 3.82 -26.37 -22.94
N LEU B 370 3.37 -25.86 -24.08
CA LEU B 370 2.36 -24.81 -24.14
C LEU B 370 1.08 -25.37 -24.74
N GLN B 371 -0.04 -25.20 -24.03
CA GLN B 371 -1.33 -25.69 -24.49
C GLN B 371 -2.14 -24.50 -25.00
N ASN B 372 -2.23 -24.38 -26.32
CA ASN B 372 -2.98 -23.30 -26.95
C ASN B 372 -4.47 -23.61 -26.96
N LYS B 373 -5.27 -22.55 -26.97
CA LYS B 373 -6.73 -22.64 -26.99
C LYS B 373 -7.25 -23.46 -25.80
N ALA B 374 -6.98 -22.94 -24.61
CA ALA B 374 -7.40 -23.59 -23.38
C ALA B 374 -8.82 -23.16 -23.00
N ARG B 375 -9.45 -23.97 -22.17
CA ARG B 375 -10.82 -23.74 -21.70
C ARG B 375 -10.82 -23.68 -20.17
N ARG B 376 -12.01 -23.45 -19.61
CA ARG B 376 -12.14 -23.37 -18.16
C ARG B 376 -11.83 -24.70 -17.50
N GLU B 377 -12.22 -25.81 -18.15
CA GLU B 377 -11.97 -27.12 -17.57
C GLU B 377 -10.47 -27.39 -17.40
N ASP B 378 -9.64 -26.73 -18.20
CA ASP B 378 -8.19 -26.90 -18.11
C ASP B 378 -7.56 -26.00 -17.06
N PHE B 379 -8.34 -25.16 -16.38
CA PHE B 379 -7.84 -24.26 -15.36
C PHE B 379 -8.28 -24.69 -13.96
N CYS B 380 -8.28 -25.99 -13.70
CA CYS B 380 -8.68 -26.52 -12.40
C CYS B 380 -7.56 -27.34 -11.79
N PRO B 381 -7.33 -27.22 -10.48
CA PRO B 381 -6.25 -28.00 -9.86
C PRO B 381 -6.42 -29.51 -10.02
N ARG B 382 -7.65 -30.00 -9.97
CA ARG B 382 -7.90 -31.43 -10.12
C ARG B 382 -7.35 -31.93 -11.46
N LYS B 383 -7.66 -31.21 -12.53
CA LYS B 383 -7.17 -31.63 -13.84
C LYS B 383 -5.69 -31.31 -13.99
N LEU B 384 -5.21 -30.24 -13.35
CA LEU B 384 -3.80 -29.88 -13.44
C LEU B 384 -2.92 -30.99 -12.89
N ARG B 385 -3.31 -31.58 -11.75
CA ARG B 385 -2.51 -32.65 -11.18
C ARG B 385 -2.47 -33.83 -12.14
N GLN B 386 -3.61 -34.18 -12.74
CA GLN B 386 -3.63 -35.30 -13.68
C GLN B 386 -2.71 -35.02 -14.85
N MET B 387 -2.73 -33.78 -15.36
CA MET B 387 -1.88 -33.42 -16.48
C MET B 387 -0.41 -33.60 -16.12
N HIS B 388 -0.04 -33.14 -14.92
CA HIS B 388 1.35 -33.26 -14.48
C HIS B 388 1.77 -34.73 -14.31
N LEU B 389 0.93 -35.55 -13.69
CA LEU B 389 1.28 -36.95 -13.50
C LEU B 389 1.40 -37.69 -14.84
N MET B 390 0.45 -37.45 -15.76
CA MET B 390 0.55 -38.14 -17.05
C MET B 390 1.77 -37.67 -17.82
N ILE B 391 2.11 -36.38 -17.71
CA ILE B 391 3.28 -35.86 -18.43
C ILE B 391 4.54 -36.52 -17.88
N ASP B 392 4.62 -36.63 -16.55
CA ASP B 392 5.79 -37.24 -15.92
C ASP B 392 5.90 -38.72 -16.29
N GLN B 393 4.78 -39.44 -16.31
CA GLN B 393 4.80 -40.85 -16.65
C GLN B 393 5.05 -41.11 -18.14
N LEU B 394 4.73 -40.13 -19.00
CA LEU B 394 4.93 -40.30 -20.43
C LEU B 394 6.33 -39.94 -20.91
N MET B 395 7.13 -39.29 -20.07
CA MET B 395 8.49 -38.88 -20.42
C MET B 395 9.45 -39.24 -19.28
N ALA B 396 9.33 -40.46 -18.77
CA ALA B 396 10.19 -40.91 -17.68
C ALA B 396 11.66 -40.98 -18.11
N HIS B 397 11.92 -41.50 -19.30
CA HIS B 397 13.29 -41.61 -19.79
C HIS B 397 13.51 -40.79 -21.06
N SER B 398 13.06 -39.54 -21.06
CA SER B 398 13.23 -38.67 -22.22
C SER B 398 14.61 -38.04 -22.32
N HIS B 399 15.37 -38.05 -21.23
CA HIS B 399 16.73 -37.48 -21.18
C HIS B 399 16.74 -35.99 -21.50
N LEU B 400 15.61 -35.30 -21.36
CA LEU B 400 15.53 -33.87 -21.64
C LEU B 400 15.22 -33.08 -20.38
N ARG B 401 15.38 -31.76 -20.48
CA ARG B 401 15.13 -30.84 -19.38
C ARG B 401 13.71 -30.29 -19.53
N TYR B 402 12.75 -30.99 -18.93
CA TYR B 402 11.35 -30.60 -18.97
C TYR B 402 10.78 -30.34 -17.59
N LYS B 403 11.64 -30.09 -16.60
CA LYS B 403 11.20 -29.83 -15.24
C LYS B 403 12.23 -28.97 -14.53
N GLY B 404 11.80 -28.34 -13.44
CA GLY B 404 12.67 -27.48 -12.65
C GLY B 404 12.76 -26.05 -13.13
N THR B 405 12.11 -25.70 -14.25
CA THR B 405 12.14 -24.36 -14.78
C THR B 405 10.77 -24.04 -15.35
N LEU B 406 10.42 -22.76 -15.36
CA LEU B 406 9.14 -22.29 -15.87
C LEU B 406 7.97 -22.99 -15.14
N SER B 407 7.89 -22.68 -13.85
CA SER B 407 6.86 -23.24 -12.99
C SER B 407 5.61 -22.36 -13.05
N MET B 408 4.48 -22.97 -13.40
CA MET B 408 3.24 -22.23 -13.49
C MET B 408 2.81 -21.66 -12.13
N LEU B 409 3.00 -22.44 -11.06
CA LEU B 409 2.63 -21.99 -9.73
C LEU B 409 3.39 -20.75 -9.28
N GLN B 410 4.59 -20.51 -9.82
CA GLN B 410 5.37 -19.35 -9.44
C GLN B 410 5.05 -18.11 -10.27
N CYS B 411 4.07 -18.18 -11.17
CA CYS B 411 3.69 -17.06 -12.00
C CYS B 411 2.48 -16.32 -11.45
N ASN B 412 2.08 -16.59 -10.22
CA ASN B 412 0.95 -15.97 -9.54
C ASN B 412 -0.39 -16.28 -10.21
N VAL B 413 -0.47 -17.33 -11.03
CA VAL B 413 -1.73 -17.66 -11.68
C VAL B 413 -2.73 -18.19 -10.66
N PHE B 414 -2.25 -18.98 -9.69
CA PHE B 414 -3.07 -19.56 -8.63
C PHE B 414 -2.51 -18.98 -7.34
N PRO B 415 -3.04 -17.85 -6.87
CA PRO B 415 -2.52 -17.25 -5.63
C PRO B 415 -2.63 -18.14 -4.40
N GLY B 416 -3.67 -18.95 -4.28
CA GLY B 416 -3.82 -19.82 -3.12
C GLY B 416 -3.40 -21.27 -3.26
N LEU B 417 -2.93 -21.70 -4.41
CA LEU B 417 -2.53 -23.09 -4.58
C LEU B 417 -1.13 -23.30 -4.01
N PRO B 418 -0.93 -24.23 -3.08
CA PRO B 418 0.41 -24.44 -2.52
C PRO B 418 1.28 -25.26 -3.47
N PRO B 419 2.60 -25.00 -3.47
CA PRO B 419 3.49 -25.75 -4.37
C PRO B 419 3.59 -27.23 -4.05
N ASP B 420 3.45 -27.62 -2.78
CA ASP B 420 3.55 -29.02 -2.41
C ASP B 420 2.36 -29.87 -2.88
N PHE B 421 1.30 -29.24 -3.39
CA PHE B 421 0.14 -30.00 -3.85
C PHE B 421 0.50 -30.86 -5.06
N LEU B 422 1.51 -30.46 -5.83
CA LEU B 422 1.95 -31.20 -7.02
C LEU B 422 3.25 -31.92 -6.71
N ASP B 423 3.34 -33.19 -7.14
CA ASP B 423 4.54 -33.98 -6.89
C ASP B 423 5.74 -33.39 -7.64
N SER B 424 5.54 -32.98 -8.89
CA SER B 424 6.62 -32.40 -9.68
C SER B 424 6.00 -31.47 -10.72
N GLU B 425 6.13 -30.17 -10.50
CA GLU B 425 5.59 -29.16 -11.40
C GLU B 425 6.50 -29.05 -12.62
N VAL B 426 6.01 -29.54 -13.77
CA VAL B 426 6.79 -29.49 -15.00
C VAL B 426 6.60 -28.14 -15.68
N ASN B 427 7.43 -27.88 -16.69
CA ASN B 427 7.39 -26.63 -17.45
C ASN B 427 6.21 -26.65 -18.43
N LEU B 428 5.06 -26.23 -17.93
CA LEU B 428 3.84 -26.18 -18.71
C LEU B 428 3.20 -24.81 -18.58
N PHE B 429 2.46 -24.42 -19.62
CA PHE B 429 1.78 -23.13 -19.66
C PHE B 429 0.51 -23.28 -20.49
N LEU B 430 -0.48 -22.43 -20.22
CA LEU B 430 -1.75 -22.46 -20.93
C LEU B 430 -2.05 -21.10 -21.54
N VAL B 431 -2.72 -21.12 -22.69
CA VAL B 431 -3.10 -19.92 -23.43
C VAL B 431 -4.59 -20.00 -23.71
N PRO B 432 -5.39 -19.00 -23.33
CA PRO B 432 -6.83 -19.06 -23.59
C PRO B 432 -7.24 -18.45 -24.92
N PHE B 433 -8.55 -18.40 -25.17
CA PHE B 433 -9.10 -17.85 -26.40
C PHE B 433 -9.09 -16.33 -26.34
N MET B 434 -9.49 -15.72 -27.46
CA MET B 434 -9.54 -14.26 -27.54
C MET B 434 -10.55 -13.70 -26.53
N ASP B 435 -10.20 -12.57 -25.95
CA ASP B 435 -11.07 -11.93 -24.96
C ASP B 435 -12.34 -11.38 -25.62
N SER B 455 -25.02 -22.60 -18.46
CA SER B 455 -24.48 -21.38 -17.87
C SER B 455 -25.40 -20.82 -16.79
N LEU B 456 -25.43 -21.51 -15.64
CA LEU B 456 -26.26 -21.09 -14.53
C LEU B 456 -25.69 -19.89 -13.77
N LEU B 457 -24.46 -19.49 -14.08
CA LEU B 457 -23.82 -18.37 -13.42
C LEU B 457 -23.33 -17.36 -14.45
N PRO B 458 -23.66 -16.08 -14.30
CA PRO B 458 -23.21 -15.09 -15.28
C PRO B 458 -21.73 -14.78 -15.14
N GLY B 459 -21.12 -14.41 -16.26
CA GLY B 459 -19.70 -14.09 -16.28
C GLY B 459 -18.86 -15.27 -15.87
N TYR B 460 -17.75 -15.00 -15.20
CA TYR B 460 -16.82 -16.02 -14.72
C TYR B 460 -16.35 -16.90 -15.88
N ARG B 461 -15.56 -16.28 -16.76
CA ARG B 461 -15.04 -16.97 -17.92
C ARG B 461 -14.28 -18.24 -17.53
N GLY B 462 -13.68 -18.24 -16.33
CA GLY B 462 -12.94 -19.39 -15.85
C GLY B 462 -11.45 -19.40 -16.08
N HIS B 463 -10.87 -18.28 -16.54
CA HIS B 463 -9.44 -18.22 -16.78
C HIS B 463 -9.02 -16.75 -16.77
N PRO B 464 -7.74 -16.48 -16.50
CA PRO B 464 -7.28 -15.09 -16.47
C PRO B 464 -7.30 -14.47 -17.86
N SER B 465 -7.00 -13.17 -17.90
CA SER B 465 -7.00 -12.44 -19.16
C SER B 465 -5.91 -12.99 -20.08
N PHE B 466 -6.23 -12.99 -21.38
CA PHE B 466 -5.27 -13.49 -22.37
C PHE B 466 -4.03 -12.63 -22.42
N GLN B 467 -4.18 -11.30 -22.32
CA GLN B 467 -3.03 -10.40 -22.37
C GLN B 467 -2.08 -10.66 -21.20
N SER B 468 -2.62 -10.85 -20.00
CA SER B 468 -1.76 -11.10 -18.85
C SER B 468 -0.99 -12.40 -19.01
N LEU B 469 -1.66 -13.46 -19.46
CA LEU B 469 -0.97 -14.75 -19.63
C LEU B 469 0.09 -14.67 -20.72
N VAL B 470 -0.21 -14.00 -21.84
CA VAL B 470 0.78 -13.90 -22.91
C VAL B 470 1.98 -13.06 -22.44
N SER B 471 1.72 -12.01 -21.65
CA SER B 471 2.82 -11.18 -21.17
C SER B 471 3.70 -11.98 -20.21
N LYS B 472 3.08 -12.76 -19.32
CA LYS B 472 3.86 -13.55 -18.38
C LYS B 472 4.70 -14.57 -19.13
N LEU B 473 4.11 -15.23 -20.14
CA LEU B 473 4.85 -16.22 -20.91
C LEU B 473 6.02 -15.56 -21.64
N ARG B 474 5.79 -14.37 -22.20
CA ARG B 474 6.86 -13.68 -22.91
C ARG B 474 8.00 -13.34 -21.97
N SER B 475 7.68 -12.84 -20.77
CA SER B 475 8.72 -12.49 -19.81
C SER B 475 9.50 -13.72 -19.38
N GLN B 476 8.79 -14.83 -19.10
CA GLN B 476 9.47 -16.06 -18.68
C GLN B 476 10.38 -16.58 -19.79
N VAL B 477 9.92 -16.51 -21.04
CA VAL B 477 10.74 -16.99 -22.15
C VAL B 477 11.96 -16.10 -22.32
N MET B 478 11.78 -14.78 -22.20
CA MET B 478 12.88 -13.84 -22.35
C MET B 478 13.93 -14.00 -21.26
N SER B 479 13.52 -14.35 -20.04
CA SER B 479 14.45 -14.53 -18.93
C SER B 479 14.94 -15.97 -18.81
N MET B 480 15.01 -16.71 -19.92
CA MET B 480 15.46 -18.09 -19.87
C MET B 480 16.99 -18.15 -19.96
N ALA B 481 17.55 -19.24 -19.44
CA ALA B 481 19.00 -19.43 -19.47
C ALA B 481 19.51 -19.60 -20.89
N ARG B 482 20.80 -19.30 -21.09
CA ARG B 482 21.45 -19.41 -22.39
C ARG B 482 22.75 -20.19 -22.25
N PRO B 483 22.68 -21.52 -22.18
CA PRO B 483 23.89 -22.32 -22.04
C PRO B 483 24.67 -22.40 -23.35
N GLN B 484 25.94 -22.78 -23.23
CA GLN B 484 26.81 -22.91 -24.38
C GLN B 484 26.38 -24.08 -25.27
N LEU B 485 26.58 -23.93 -26.57
CA LEU B 485 26.22 -24.98 -27.51
C LEU B 485 27.28 -26.08 -27.56
N SER B 486 28.50 -25.72 -27.95
CA SER B 486 29.62 -26.65 -28.05
C SER B 486 30.74 -26.18 -27.12
N HIS B 487 31.88 -26.86 -27.21
CA HIS B 487 33.03 -26.52 -26.38
C HIS B 487 33.82 -25.37 -27.01
N THR B 488 33.12 -24.28 -27.34
CA THR B 488 33.70 -23.09 -27.95
C THR B 488 32.65 -21.98 -27.88
N ILE B 489 33.11 -20.74 -27.79
CA ILE B 489 32.21 -19.60 -27.72
C ILE B 489 31.72 -19.28 -29.13
N LEU B 490 30.41 -19.18 -29.29
CA LEU B 490 29.79 -18.88 -30.57
C LEU B 490 29.15 -17.50 -30.57
N THR B 491 29.23 -16.83 -31.72
CA THR B 491 28.69 -15.50 -31.94
C THR B 491 27.51 -15.61 -32.90
N GLU B 492 26.90 -14.47 -33.22
CA GLU B 492 25.77 -14.48 -34.15
C GLU B 492 26.17 -15.04 -35.50
N LYS B 493 27.23 -14.48 -36.09
CA LYS B 493 27.68 -14.97 -37.39
C LYS B 493 28.15 -16.41 -37.26
N ASN B 494 28.89 -16.71 -36.19
CA ASN B 494 29.37 -18.06 -35.99
C ASN B 494 28.21 -19.01 -35.80
N TRP B 495 27.15 -18.57 -35.09
CA TRP B 495 26.00 -19.42 -34.89
C TRP B 495 25.31 -19.71 -36.22
N PHE B 496 25.21 -18.70 -37.08
CA PHE B 496 24.58 -18.90 -38.39
C PHE B 496 25.38 -19.90 -39.21
N HIS B 497 26.71 -19.75 -39.19
CA HIS B 497 27.55 -20.67 -39.95
C HIS B 497 27.42 -22.09 -39.40
N TYR B 498 27.37 -22.22 -38.07
CA TYR B 498 27.24 -23.54 -37.46
C TYR B 498 25.91 -24.17 -37.84
N ALA B 499 24.84 -23.36 -37.85
CA ALA B 499 23.52 -23.88 -38.21
C ALA B 499 23.53 -24.35 -39.66
N ALA B 500 24.15 -23.58 -40.55
CA ALA B 500 24.19 -23.98 -41.96
C ALA B 500 24.99 -25.27 -42.12
N ARG B 501 26.10 -25.38 -41.40
CA ARG B 501 26.94 -26.56 -41.48
C ARG B 501 26.19 -27.80 -41.00
N ILE B 502 25.53 -27.70 -39.85
CA ILE B 502 24.79 -28.85 -39.34
C ILE B 502 23.63 -29.18 -40.27
N TRP B 503 23.00 -28.16 -40.88
CA TRP B 503 21.89 -28.42 -41.79
C TRP B 503 22.37 -29.23 -42.98
N ASP B 504 23.48 -28.80 -43.59
CA ASP B 504 24.02 -29.51 -44.73
C ASP B 504 24.46 -30.92 -44.34
N GLY B 505 25.03 -31.08 -43.15
CA GLY B 505 25.47 -32.38 -42.70
C GLY B 505 24.32 -33.34 -42.44
N VAL B 506 23.24 -32.85 -41.83
CA VAL B 506 22.10 -33.71 -41.54
C VAL B 506 21.35 -34.04 -42.83
N ARG B 507 21.40 -33.18 -43.84
CA ARG B 507 20.70 -33.48 -45.08
C ARG B 507 21.22 -34.77 -45.68
N LYS B 508 22.54 -34.87 -45.87
CA LYS B 508 23.18 -36.06 -46.42
C LYS B 508 23.70 -36.96 -45.32
N SER B 509 22.83 -37.31 -44.37
CA SER B 509 23.21 -38.17 -43.26
C SER B 509 22.87 -39.63 -43.55
N SER B 510 23.24 -40.51 -42.62
CA SER B 510 22.99 -41.94 -42.74
C SER B 510 21.89 -42.45 -41.83
N ALA B 511 21.65 -41.80 -40.69
CA ALA B 511 20.60 -42.25 -39.79
C ALA B 511 19.23 -42.16 -40.45
N LEU B 512 18.97 -41.07 -41.16
CA LEU B 512 17.69 -40.91 -41.83
C LEU B 512 17.48 -42.00 -42.87
N ALA B 513 18.52 -42.30 -43.66
CA ALA B 513 18.40 -43.34 -44.67
C ALA B 513 18.16 -44.69 -44.04
N GLU B 514 18.87 -44.98 -42.94
CA GLU B 514 18.70 -46.26 -42.26
C GLU B 514 17.29 -46.40 -41.73
N TYR B 515 16.74 -45.33 -41.15
CA TYR B 515 15.38 -45.39 -40.62
C TYR B 515 14.36 -45.51 -41.74
N SER B 516 14.63 -44.88 -42.89
CA SER B 516 13.71 -44.95 -44.01
C SER B 516 13.71 -46.34 -44.65
N ARG B 517 14.86 -47.01 -44.66
CA ARG B 517 14.94 -48.34 -45.26
C ARG B 517 14.08 -49.35 -44.51
N LEU B 518 13.77 -49.08 -43.24
CA LEU B 518 12.95 -50.00 -42.45
C LEU B 518 11.47 -49.85 -42.73
N LEU B 519 11.05 -48.79 -43.41
CA LEU B 519 9.65 -48.57 -43.71
C LEU B 519 9.34 -48.93 -45.17
C1 IHP C . 3.37 29.57 20.01
C2 IHP C . 1.99 29.12 19.51
C3 IHP C . 1.84 27.60 19.50
C4 IHP C . 2.42 26.96 20.79
C5 IHP C . 3.95 27.13 20.75
C6 IHP C . 4.43 28.47 20.13
O11 IHP C . 3.86 30.54 19.11
P1 IHP C . 4.73 31.80 19.69
O21 IHP C . 4.04 32.38 20.90
O31 IHP C . 6.11 31.34 20.07
O41 IHP C . 4.84 32.87 18.62
O12 IHP C . 1.81 29.60 18.19
P2 IHP C . 0.34 30.14 17.73
O22 IHP C . 0.46 31.56 17.22
O32 IHP C . -0.20 29.27 16.64
O42 IHP C . -0.60 30.13 18.91
O13 IHP C . 0.51 27.20 19.21
P3 IHP C . -0.72 27.21 20.32
O23 IHP C . -0.59 28.38 21.26
O33 IHP C . -2.03 27.31 19.59
O43 IHP C . -0.69 25.91 21.10
O14 IHP C . 1.91 27.56 21.94
P4 IHP C . 1.60 26.63 23.26
O24 IHP C . 2.40 27.13 24.45
O34 IHP C . 0.13 26.70 23.62
O44 IHP C . 1.98 25.20 22.97
O15 IHP C . 4.49 26.91 22.05
P5 IHP C . 5.03 28.12 23.04
O25 IHP C . 4.01 29.22 23.16
O35 IHP C . 5.27 27.54 24.41
O45 IHP C . 6.35 28.68 22.54
O16 IHP C . 4.96 28.19 18.85
P6 IHP C . 6.56 27.82 18.73
O26 IHP C . 6.78 26.39 19.20
O36 IHP C . 6.99 27.95 17.29
O46 IHP C . 7.37 28.75 19.59
C10 88C D . 23.51 -8.04 18.90
N12 88C D . 21.66 -6.41 19.05
C13 88C D . 21.09 -6.79 20.32
C15 88C D . 19.21 -7.18 21.59
C17 88C D . 21.40 -7.44 22.50
C20 88C D . 24.27 -8.79 24.32
C22 88C D . 22.93 -7.69 25.84
C24 88C D . 22.16 -6.09 27.48
C26 88C D . 22.35 -6.61 29.82
C28 88C D . 23.31 -6.08 32.08
C01 88C D . 27.96 -8.03 20.89
C02 88C D . 27.38 -7.77 19.51
C04 88C D . 28.24 -9.75 18.24
C05 88C D . 28.63 -9.16 16.88
C09 88C D . 24.29 -8.93 18.19
C11 88C D . 22.48 -7.34 18.28
C16 88C D . 20.03 -7.50 22.67
C18 88C D . 22.27 -7.76 23.55
C19 88C D . 23.41 -8.49 23.27
C23 88C D . 22.72 -7.32 27.16
C25 88C D . 21.97 -5.74 28.81
C31 88C D . 21.82 -5.54 34.04
C32 88C D . 22.91 -7.84 29.50
C33 88C D . 23.10 -8.19 28.17
C34 88C D . 22.02 -7.36 24.85
C36 88C D . 22.24 -7.54 16.93
C37 88C D . 23.02 -8.43 16.21
C38 88C D . 24.05 -9.12 16.84
N03 88C D . 27.13 -9.01 18.81
N14 88C D . 19.77 -6.85 20.45
N21 88C D . 24.01 -8.40 25.55
N27 88C D . 22.16 -6.26 31.22
N30 88C D . 23.15 -5.73 33.48
N35 88C D . 21.89 -7.09 21.33
O07 88C D . 25.70 -11.22 18.65
O08 88C D . 25.32 -9.94 20.48
O29 88C D . 24.41 -6.23 31.64
S06 88C D . 25.63 -9.81 19.05
CL39 88C D . 25.04 -10.27 15.89
PG ATP E . 0.41 -23.33 -39.87
O1G ATP E . 1.22 -22.58 -40.87
O2G ATP E . -0.77 -24.10 -40.46
O3G ATP E . 1.24 -24.28 -38.99
PB ATP E . -0.42 -22.14 -37.26
O1B ATP E . -1.58 -22.89 -36.74
O2B ATP E . 0.92 -22.48 -36.62
O3B ATP E . -0.25 -22.32 -38.82
PA ATP E . -1.68 -19.49 -37.62
O1A ATP E . -1.44 -19.09 -39.01
O2A ATP E . -1.68 -18.36 -36.59
O3A ATP E . -0.61 -20.56 -37.14
O5' ATP E . -3.05 -20.28 -37.48
C5' ATP E . -3.73 -20.39 -36.22
C4' ATP E . -5.17 -20.02 -36.42
O4' ATP E . -5.90 -20.21 -35.18
C3' ATP E . -5.41 -18.55 -36.77
O3' ATP E . -6.63 -18.39 -37.49
C2' ATP E . -5.48 -17.89 -35.40
O2' ATP E . -6.26 -16.70 -35.41
C1' ATP E . -6.17 -18.97 -34.57
N9 ATP E . -5.72 -19.04 -33.18
C8 ATP E . -4.44 -19.16 -32.72
N7 ATP E . -4.33 -19.20 -31.42
C5 ATP E . -5.64 -19.07 -30.98
C6 ATP E . -6.20 -19.03 -29.69
N6 ATP E . -5.50 -19.12 -28.56
N1 ATP E . -7.55 -18.90 -29.60
C2 ATP E . -8.26 -18.82 -30.73
N3 ATP E . -7.84 -18.85 -31.99
C4 ATP E . -6.51 -18.97 -32.05
MG MG F . 1.65 -21.70 -38.51
#